data_3QQW
#
_entry.id   3QQW
#
_cell.length_a   226.401
_cell.length_b   73.826
_cell.length_c   149.252
_cell.angle_alpha   90.000
_cell.angle_beta   125.310
_cell.angle_gamma   90.000
#
_symmetry.space_group_name_H-M   'C 1 2 1'
#
loop_
_entity.id
_entity.type
_entity.pdbx_description
1 polymer 'Putative citrate lyase'
2 non-polymer 'CHLORIDE ION'
3 water water
#
_entity_poly.entity_id   1
_entity_poly.type   'polypeptide(L)'
_entity_poly.pdbx_seq_one_letter_code
;G(MSE)TTATHPNDALFAGEKSFPVLAACEHFAGSEKLIGKA(MSE)DLQVEYGPVFDVTCDCEDGAAAGQEREHAE
(MSE)VAR(MSE)IASDRNVHGRAGARIHDPSHPAWRQDVDIIVNGAGGRLAYITVPKATNSGQVAEVIRYIGDVAKRAG
LDKPVPVHVLIETHGALRDVFQIAELPNIEVLDFGL(MSE)DFVSGHHGAIPAAA(MSE)RSPGQFEHALLVRAKAD
(MSE)VAAALANGIVPAHNVCLNLKDAEVIASDACRARNEFGFLR(MSE)WSIYPAQIQPIVNA(MSE)RPDFTEVEDAA
GILVAAQDADWGPIQYKGELHDRATYRYFWEVLQKAKVTG(MSE)AVPAEAERRFFVN
;
_entity_poly.pdbx_strand_id   A,B,C,D,E,F
#
loop_
_chem_comp.id
_chem_comp.type
_chem_comp.name
_chem_comp.formula
CL non-polymer 'CHLORIDE ION' 'Cl -1'
#
# COMPACT_ATOMS: atom_id res chain seq x y z
N LYS A 17 21.92 -15.60 -26.10
CA LYS A 17 21.91 -15.28 -24.67
C LYS A 17 20.79 -16.01 -23.94
N SER A 18 21.11 -16.53 -22.74
CA SER A 18 20.16 -17.28 -21.95
C SER A 18 19.16 -16.34 -21.25
N PHE A 19 17.84 -16.68 -21.35
CA PHE A 19 16.77 -15.94 -20.70
C PHE A 19 16.89 -16.11 -19.17
N PRO A 20 16.71 -15.05 -18.35
CA PRO A 20 16.91 -15.21 -16.90
C PRO A 20 15.86 -16.10 -16.27
N VAL A 21 16.28 -17.03 -15.42
CA VAL A 21 15.37 -17.92 -14.70
C VAL A 21 15.18 -17.32 -13.32
N LEU A 22 14.07 -16.60 -13.16
CA LEU A 22 13.79 -15.92 -11.91
C LEU A 22 12.52 -16.41 -11.29
N ALA A 23 12.45 -16.28 -9.95
CA ALA A 23 11.27 -16.64 -9.14
C ALA A 23 10.06 -15.91 -9.69
N ALA A 24 8.91 -16.58 -9.66
CA ALA A 24 7.64 -16.07 -10.15
C ALA A 24 7.12 -14.92 -9.29
N CYS A 25 7.67 -14.77 -8.07
CA CYS A 25 7.19 -13.80 -7.12
C CYS A 25 8.31 -12.98 -6.51
N GLU A 26 8.01 -11.69 -6.29
CA GLU A 26 8.92 -10.75 -5.65
C GLU A 26 8.17 -10.06 -4.50
N HIS A 27 8.56 -10.39 -3.26
CA HIS A 27 7.92 -9.86 -2.07
C HIS A 27 8.65 -8.63 -1.54
N PHE A 28 7.88 -7.60 -1.22
CA PHE A 28 8.35 -6.33 -0.70
C PHE A 28 8.21 -6.20 0.80
N ALA A 29 9.27 -5.68 1.43
CA ALA A 29 9.35 -5.43 2.87
C ALA A 29 10.21 -4.18 3.11
N GLY A 30 9.64 -3.22 3.85
CA GLY A 30 10.25 -1.93 4.12
C GLY A 30 10.98 -1.83 5.44
N SER A 31 10.50 -2.53 6.46
CA SER A 31 11.09 -2.47 7.81
C SER A 31 12.00 -3.66 8.07
N GLU A 32 12.91 -3.51 9.05
CA GLU A 32 13.83 -4.58 9.46
C GLU A 32 13.07 -5.84 9.87
N LYS A 33 11.99 -5.67 10.67
CA LYS A 33 11.08 -6.72 11.15
C LYS A 33 10.49 -7.51 9.93
N LEU A 34 9.87 -6.80 9.00
CA LEU A 34 9.24 -7.42 7.82
C LEU A 34 10.29 -8.03 6.85
N ILE A 35 11.50 -7.42 6.74
CA ILE A 35 12.58 -7.95 5.89
C ILE A 35 13.02 -9.30 6.46
N GLY A 36 13.24 -9.34 7.77
CA GLY A 36 13.63 -10.55 8.47
C GLY A 36 12.63 -11.67 8.33
N LYS A 37 11.36 -11.36 8.57
CA LYS A 37 10.25 -12.30 8.44
C LYS A 37 10.19 -12.90 7.00
N ALA A 38 10.38 -12.04 5.97
CA ALA A 38 10.38 -12.42 4.55
C ALA A 38 11.54 -13.36 4.22
N MSE A 39 12.73 -13.05 4.77
CA MSE A 39 13.92 -13.86 4.59
C MSE A 39 13.71 -15.23 5.24
O MSE A 39 14.08 -16.25 4.64
CB MSE A 39 15.15 -13.17 5.19
CG MSE A 39 15.72 -12.10 4.30
SE MSE A 39 17.16 -11.11 5.19
CE MSE A 39 17.61 -9.85 3.72
N ASP A 40 13.08 -15.27 6.45
CA ASP A 40 12.74 -16.51 7.17
C ASP A 40 11.70 -17.32 6.39
N LEU A 41 10.78 -16.63 5.68
CA LEU A 41 9.74 -17.25 4.89
C LEU A 41 10.35 -17.92 3.63
N GLN A 42 11.50 -17.40 3.15
CA GLN A 42 12.26 -18.00 2.04
C GLN A 42 12.87 -19.31 2.50
N VAL A 43 13.21 -19.41 3.80
CA VAL A 43 13.79 -20.62 4.38
C VAL A 43 12.68 -21.67 4.47
N GLU A 44 11.47 -21.23 4.86
CA GLU A 44 10.27 -22.05 5.03
C GLU A 44 9.77 -22.60 3.70
N TYR A 45 9.59 -21.70 2.70
CA TYR A 45 9.04 -21.99 1.39
C TYR A 45 10.07 -22.49 0.37
N GLY A 46 11.32 -22.07 0.55
CA GLY A 46 12.38 -22.26 -0.43
C GLY A 46 12.44 -20.96 -1.22
N PRO A 47 13.53 -20.67 -1.99
CA PRO A 47 13.59 -19.39 -2.72
C PRO A 47 12.63 -19.30 -3.94
N VAL A 48 11.33 -19.64 -3.69
CA VAL A 48 10.24 -19.58 -4.68
C VAL A 48 9.84 -18.10 -4.92
N PHE A 49 10.32 -17.21 -4.05
CA PHE A 49 10.10 -15.78 -4.16
C PHE A 49 11.36 -15.03 -3.75
N ASP A 50 11.58 -13.87 -4.36
CA ASP A 50 12.67 -12.97 -4.03
C ASP A 50 12.17 -11.95 -3.02
N VAL A 51 13.10 -11.34 -2.29
CA VAL A 51 12.73 -10.32 -1.31
C VAL A 51 13.33 -9.00 -1.75
N THR A 52 12.49 -7.98 -1.87
CA THR A 52 12.98 -6.63 -2.18
C THR A 52 12.89 -5.82 -0.90
N CYS A 53 14.05 -5.36 -0.43
CA CYS A 53 14.16 -4.48 0.72
C CYS A 53 13.88 -3.08 0.20
N ASP A 54 12.83 -2.46 0.73
CA ASP A 54 12.32 -1.24 0.16
C ASP A 54 12.74 0.03 0.87
N CYS A 55 13.71 0.73 0.27
CA CYS A 55 14.18 2.03 0.72
C CYS A 55 13.23 3.11 0.25
N GLU A 56 12.53 2.89 -0.88
CA GLU A 56 11.63 3.86 -1.47
C GLU A 56 10.38 4.10 -0.61
N ASP A 57 9.69 3.04 -0.18
CA ASP A 57 8.49 3.24 0.65
C ASP A 57 8.84 3.10 2.12
N GLY A 58 9.77 2.18 2.42
CA GLY A 58 10.18 1.84 3.78
C GLY A 58 10.94 2.89 4.59
N ALA A 59 11.85 3.68 3.92
CA ALA A 59 12.69 4.70 4.59
C ALA A 59 11.90 5.86 5.17
N ALA A 60 12.29 6.31 6.38
CA ALA A 60 11.63 7.45 6.98
C ALA A 60 12.08 8.74 6.27
N ALA A 61 11.18 9.75 6.34
CA ALA A 61 11.25 11.11 5.81
C ALA A 61 12.68 11.65 5.57
N GLY A 62 13.54 11.67 6.59
CA GLY A 62 14.92 12.13 6.50
C GLY A 62 15.94 11.19 7.14
N GLN A 63 15.59 9.89 7.22
CA GLN A 63 16.42 8.84 7.80
C GLN A 63 16.86 7.86 6.69
N GLU A 64 17.17 8.36 5.47
CA GLU A 64 17.54 7.54 4.28
C GLU A 64 18.84 6.76 4.45
N ARG A 65 19.90 7.38 5.03
CA ARG A 65 21.17 6.68 5.23
CA ARG A 65 21.18 6.70 5.25
C ARG A 65 20.99 5.52 6.24
N GLU A 66 20.31 5.79 7.39
CA GLU A 66 20.01 4.85 8.49
C GLU A 66 19.28 3.61 7.97
N HIS A 67 18.28 3.82 7.10
CA HIS A 67 17.45 2.80 6.44
C HIS A 67 18.26 1.98 5.44
N ALA A 68 19.02 2.66 4.56
CA ALA A 68 19.90 2.00 3.59
C ALA A 68 20.92 1.13 4.32
N GLU A 69 21.51 1.67 5.42
CA GLU A 69 22.48 0.99 6.28
C GLU A 69 21.85 -0.24 6.94
N MSE A 70 20.52 -0.20 7.21
CA MSE A 70 19.78 -1.33 7.80
C MSE A 70 19.58 -2.39 6.70
O MSE A 70 19.87 -3.56 6.92
CB MSE A 70 18.45 -0.88 8.46
CG MSE A 70 17.54 -2.03 8.96
SE MSE A 70 16.44 -2.88 7.55
CE MSE A 70 15.24 -1.37 7.11
N VAL A 71 19.15 -1.95 5.50
CA VAL A 71 18.92 -2.80 4.32
C VAL A 71 20.22 -3.57 3.97
N ALA A 72 21.35 -2.85 3.80
CA ALA A 72 22.66 -3.43 3.48
C ALA A 72 23.04 -4.49 4.50
N ARG A 73 22.87 -4.16 5.81
CA ARG A 73 23.17 -5.06 6.91
C ARG A 73 22.28 -6.33 6.85
N MSE A 74 20.97 -6.17 6.63
CA MSE A 74 20.01 -7.27 6.50
C MSE A 74 20.37 -8.21 5.33
O MSE A 74 20.35 -9.43 5.51
CB MSE A 74 18.58 -6.70 6.33
CG MSE A 74 17.98 -6.16 7.64
SE MSE A 74 18.06 -7.42 9.15
CE MSE A 74 16.58 -8.60 8.70
N ILE A 75 20.75 -7.64 4.16
CA ILE A 75 21.12 -8.40 2.94
C ILE A 75 22.46 -9.15 3.17
N ALA A 76 23.43 -8.50 3.86
CA ALA A 76 24.75 -9.08 4.14
C ALA A 76 24.69 -10.16 5.23
N SER A 77 23.69 -10.09 6.12
CA SER A 77 23.55 -11.00 7.28
C SER A 77 23.27 -12.45 6.91
N ASP A 78 23.50 -13.33 7.90
CA ASP A 78 23.27 -14.79 7.85
C ASP A 78 21.79 -15.09 7.66
N ARG A 79 20.92 -14.17 8.14
CA ARG A 79 19.47 -14.20 8.06
C ARG A 79 19.04 -14.32 6.58
N ASN A 80 19.79 -13.65 5.65
CA ASN A 80 19.58 -13.78 4.19
C ASN A 80 20.28 -15.10 3.79
N VAL A 81 19.51 -16.18 3.76
CA VAL A 81 20.00 -17.54 3.52
C VAL A 81 20.20 -17.86 2.02
N HIS A 82 19.20 -17.58 1.19
CA HIS A 82 19.21 -17.98 -0.23
C HIS A 82 19.86 -16.94 -1.18
N GLY A 83 20.27 -15.78 -0.65
CA GLY A 83 20.91 -14.73 -1.44
C GLY A 83 20.01 -14.17 -2.52
N ARG A 84 18.69 -14.24 -2.27
CA ARG A 84 17.62 -13.80 -3.15
C ARG A 84 16.91 -12.58 -2.54
N ALA A 85 17.73 -11.61 -2.09
CA ALA A 85 17.30 -10.36 -1.49
C ALA A 85 17.92 -9.19 -2.25
N GLY A 86 17.06 -8.40 -2.87
CA GLY A 86 17.45 -7.21 -3.60
C GLY A 86 16.97 -5.98 -2.86
N ALA A 87 17.18 -4.81 -3.46
CA ALA A 87 16.74 -3.58 -2.83
C ALA A 87 16.12 -2.60 -3.82
N ARG A 88 15.05 -1.90 -3.40
CA ARG A 88 14.45 -0.83 -4.18
C ARG A 88 14.95 0.48 -3.65
N ILE A 89 15.77 1.15 -4.45
CA ILE A 89 16.37 2.42 -4.04
C ILE A 89 15.36 3.58 -4.29
N HIS A 90 15.77 4.82 -3.98
CA HIS A 90 14.95 6.00 -4.27
C HIS A 90 14.96 6.26 -5.81
N ASP A 91 13.95 7.01 -6.29
CA ASP A 91 13.78 7.37 -7.71
C ASP A 91 14.95 8.30 -8.19
N PRO A 92 15.22 8.34 -9.51
CA PRO A 92 16.37 9.16 -10.01
C PRO A 92 16.30 10.66 -9.74
N SER A 93 15.14 11.20 -9.37
CA SER A 93 14.98 12.62 -9.03
C SER A 93 15.13 12.86 -7.52
N HIS A 94 15.16 11.77 -6.73
CA HIS A 94 15.32 11.86 -5.29
C HIS A 94 16.79 12.12 -4.92
N PRO A 95 17.10 13.00 -3.93
CA PRO A 95 18.53 13.27 -3.62
C PRO A 95 19.30 12.11 -2.95
N ALA A 96 18.60 11.05 -2.51
CA ALA A 96 19.26 9.95 -1.80
C ALA A 96 19.53 8.68 -2.63
N TRP A 97 19.11 8.64 -3.91
CA TRP A 97 19.27 7.42 -4.71
C TRP A 97 20.76 6.95 -4.83
N ARG A 98 21.72 7.87 -5.07
CA ARG A 98 23.14 7.55 -5.17
C ARG A 98 23.68 7.02 -3.84
N GLN A 99 23.29 7.67 -2.74
CA GLN A 99 23.65 7.28 -1.39
C GLN A 99 23.11 5.86 -1.08
N ASP A 100 21.87 5.54 -1.50
CA ASP A 100 21.29 4.20 -1.35
C ASP A 100 22.17 3.17 -2.07
N VAL A 101 22.62 3.49 -3.29
CA VAL A 101 23.48 2.63 -4.10
C VAL A 101 24.83 2.47 -3.42
N ASP A 102 25.46 3.58 -3.00
CA ASP A 102 26.73 3.54 -2.28
C ASP A 102 26.67 2.59 -1.08
N ILE A 103 25.70 2.82 -0.19
CA ILE A 103 25.55 2.07 1.06
C ILE A 103 25.22 0.59 0.80
N ILE A 104 24.24 0.31 -0.07
CA ILE A 104 23.79 -1.06 -0.31
C ILE A 104 24.82 -1.86 -1.12
N VAL A 105 25.38 -1.32 -2.21
CA VAL A 105 26.36 -2.08 -2.99
C VAL A 105 27.63 -2.37 -2.16
N ASN A 106 28.18 -1.34 -1.50
CA ASN A 106 29.38 -1.51 -0.70
C ASN A 106 29.14 -2.36 0.56
N GLY A 107 27.94 -2.31 1.12
CA GLY A 107 27.61 -3.03 2.36
C GLY A 107 26.96 -4.40 2.24
N ALA A 108 26.39 -4.74 1.07
CA ALA A 108 25.67 -6.01 0.84
C ALA A 108 26.49 -7.32 1.03
N GLY A 109 27.82 -7.19 1.21
CA GLY A 109 28.72 -8.33 1.34
C GLY A 109 28.74 -9.24 0.12
N GLY A 110 28.42 -8.66 -1.06
CA GLY A 110 28.35 -9.34 -2.36
C GLY A 110 27.17 -10.28 -2.52
N ARG A 111 26.20 -10.21 -1.60
CA ARG A 111 24.99 -11.05 -1.59
C ARG A 111 23.81 -10.38 -2.33
N LEU A 112 23.92 -9.06 -2.65
CA LEU A 112 22.88 -8.27 -3.33
C LEU A 112 22.45 -8.93 -4.64
N ALA A 113 21.18 -9.35 -4.69
CA ALA A 113 20.61 -10.06 -5.83
C ALA A 113 20.30 -9.15 -7.01
N TYR A 114 19.84 -7.91 -6.74
CA TYR A 114 19.46 -6.92 -7.75
C TYR A 114 19.15 -5.57 -7.10
N ILE A 115 19.04 -4.53 -7.95
CA ILE A 115 18.60 -3.21 -7.54
C ILE A 115 17.38 -2.89 -8.39
N THR A 116 16.30 -2.50 -7.70
CA THR A 116 15.06 -2.09 -8.33
C THR A 116 15.07 -0.56 -8.40
N VAL A 117 14.94 -0.03 -9.61
CA VAL A 117 14.95 1.39 -9.90
C VAL A 117 13.51 1.86 -10.17
N PRO A 118 12.96 2.73 -9.31
CA PRO A 118 11.57 3.17 -9.52
C PRO A 118 11.46 4.58 -10.13
N LYS A 119 10.28 4.89 -10.66
CA LYS A 119 9.81 6.20 -11.14
C LYS A 119 10.74 6.94 -12.11
N ALA A 120 11.53 6.21 -12.93
CA ALA A 120 12.34 6.91 -13.92
C ALA A 120 11.39 7.52 -14.95
N THR A 121 11.66 8.75 -15.40
CA THR A 121 10.78 9.43 -16.33
C THR A 121 11.30 9.40 -17.76
N ASN A 122 12.47 8.79 -17.96
CA ASN A 122 13.06 8.64 -19.30
C ASN A 122 14.21 7.64 -19.27
N SER A 123 14.65 7.27 -20.47
CA SER A 123 15.74 6.34 -20.72
CA SER A 123 15.74 6.33 -20.68
C SER A 123 17.04 6.86 -20.08
N GLY A 124 17.25 8.17 -20.16
CA GLY A 124 18.43 8.83 -19.63
C GLY A 124 18.63 8.62 -18.14
N GLN A 125 17.54 8.75 -17.37
CA GLN A 125 17.54 8.55 -15.92
C GLN A 125 17.93 7.11 -15.57
N VAL A 126 17.35 6.12 -16.27
CA VAL A 126 17.63 4.68 -16.09
C VAL A 126 19.09 4.39 -16.42
N ALA A 127 19.56 4.87 -17.57
CA ALA A 127 20.94 4.70 -18.01
C ALA A 127 21.89 5.26 -16.96
N GLU A 128 21.57 6.44 -16.38
CA GLU A 128 22.38 7.13 -15.37
C GLU A 128 22.46 6.30 -14.09
N VAL A 129 21.31 5.78 -13.62
CA VAL A 129 21.24 4.96 -12.42
C VAL A 129 21.99 3.63 -12.68
N ILE A 130 21.78 2.96 -13.86
CA ILE A 130 22.50 1.71 -14.20
C ILE A 130 24.02 1.96 -14.21
N ARG A 131 24.46 3.05 -14.87
CA ARG A 131 25.87 3.47 -15.01
C ARG A 131 26.49 3.67 -13.65
N TYR A 132 25.74 4.31 -12.74
CA TYR A 132 26.21 4.60 -11.39
C TYR A 132 26.34 3.33 -10.58
N ILE A 133 25.35 2.41 -10.67
CA ILE A 133 25.37 1.09 -10.01
C ILE A 133 26.61 0.30 -10.49
N GLY A 134 26.86 0.29 -11.79
CA GLY A 134 28.01 -0.36 -12.40
C GLY A 134 29.33 0.18 -11.88
N ASP A 135 29.44 1.52 -11.77
CA ASP A 135 30.65 2.19 -11.26
C ASP A 135 30.93 1.82 -9.83
N VAL A 136 29.89 1.83 -8.97
CA VAL A 136 29.99 1.49 -7.54
C VAL A 136 30.31 -0.01 -7.40
N ALA A 137 29.65 -0.88 -8.19
CA ALA A 137 29.90 -2.32 -8.16
C ALA A 137 31.34 -2.65 -8.56
N LYS A 138 31.88 -1.96 -9.59
CA LYS A 138 33.27 -2.15 -10.04
C LYS A 138 34.25 -1.72 -8.93
N ARG A 139 34.04 -0.52 -8.33
CA ARG A 139 34.89 0.01 -7.24
C ARG A 139 34.82 -0.85 -5.98
N ALA A 140 33.68 -1.55 -5.75
CA ALA A 140 33.49 -2.44 -4.62
C ALA A 140 34.12 -3.83 -4.85
N GLY A 141 34.68 -4.03 -6.04
CA GLY A 141 35.36 -5.26 -6.43
C GLY A 141 34.44 -6.42 -6.73
N LEU A 142 33.23 -6.13 -7.19
CA LEU A 142 32.23 -7.13 -7.55
C LEU A 142 32.61 -7.71 -8.91
N ASP A 143 32.59 -9.06 -9.02
CA ASP A 143 32.94 -9.80 -10.24
C ASP A 143 31.85 -9.65 -11.30
N LYS A 144 30.62 -10.08 -10.97
CA LYS A 144 29.49 -10.00 -11.89
C LYS A 144 28.76 -8.67 -11.68
N PRO A 145 28.17 -8.06 -12.73
CA PRO A 145 27.44 -6.79 -12.51
C PRO A 145 26.16 -7.03 -11.72
N VAL A 146 25.69 -6.01 -10.97
CA VAL A 146 24.47 -6.09 -10.17
C VAL A 146 23.28 -6.06 -11.14
N PRO A 147 22.46 -7.13 -11.22
CA PRO A 147 21.27 -7.10 -12.11
C PRO A 147 20.32 -5.99 -11.71
N VAL A 148 19.66 -5.39 -12.69
CA VAL A 148 18.78 -4.26 -12.47
C VAL A 148 17.36 -4.61 -12.87
N HIS A 149 16.41 -4.16 -12.05
CA HIS A 149 14.97 -4.25 -12.25
C HIS A 149 14.49 -2.83 -12.45
N VAL A 150 13.88 -2.55 -13.60
CA VAL A 150 13.44 -1.19 -13.90
C VAL A 150 11.94 -1.08 -13.89
N LEU A 151 11.42 -0.14 -13.10
CA LEU A 151 10.00 0.18 -13.07
C LEU A 151 9.61 1.00 -14.30
N ILE A 152 8.59 0.55 -15.00
CA ILE A 152 7.98 1.26 -16.11
C ILE A 152 6.67 1.76 -15.51
N GLU A 153 6.67 3.01 -15.02
CA GLU A 153 5.51 3.53 -14.31
C GLU A 153 5.28 5.02 -14.55
N THR A 154 5.89 5.55 -15.61
CA THR A 154 5.71 6.93 -16.02
C THR A 154 5.48 6.95 -17.51
N HIS A 155 4.99 8.09 -18.03
CA HIS A 155 4.76 8.31 -19.44
C HIS A 155 6.06 8.16 -20.20
N GLY A 156 7.09 8.85 -19.71
CA GLY A 156 8.42 8.85 -20.31
C GLY A 156 9.08 7.49 -20.36
N ALA A 157 8.99 6.72 -19.26
CA ALA A 157 9.57 5.38 -19.22
C ALA A 157 8.81 4.43 -20.17
N LEU A 158 7.47 4.61 -20.32
CA LEU A 158 6.71 3.78 -21.25
C LEU A 158 7.05 4.19 -22.70
N ARG A 159 7.07 5.49 -22.99
CA ARG A 159 7.47 5.97 -24.29
C ARG A 159 8.86 5.39 -24.68
N ASP A 160 9.80 5.37 -23.71
CA ASP A 160 11.18 4.91 -23.91
C ASP A 160 11.39 3.44 -23.56
N VAL A 161 10.32 2.64 -23.38
CA VAL A 161 10.44 1.24 -22.93
C VAL A 161 11.39 0.38 -23.80
N PHE A 162 11.35 0.51 -25.13
CA PHE A 162 12.22 -0.29 -26.02
C PHE A 162 13.67 0.15 -25.91
N GLN A 163 13.90 1.45 -25.61
CA GLN A 163 15.24 1.99 -25.43
C GLN A 163 15.76 1.54 -24.04
N ILE A 164 14.90 1.59 -23.00
CA ILE A 164 15.23 1.14 -21.65
C ILE A 164 15.59 -0.37 -21.71
N ALA A 165 14.79 -1.20 -22.42
CA ALA A 165 14.99 -2.65 -22.50
C ALA A 165 16.34 -3.04 -23.16
N GLU A 166 16.95 -2.10 -23.88
CA GLU A 166 18.24 -2.32 -24.55
C GLU A 166 19.43 -1.94 -23.67
N LEU A 167 19.18 -1.31 -22.51
CA LEU A 167 20.22 -0.91 -21.58
C LEU A 167 20.83 -2.16 -20.90
N PRO A 168 22.14 -2.10 -20.53
CA PRO A 168 22.79 -3.30 -19.95
C PRO A 168 22.35 -3.65 -18.54
N ASN A 169 22.48 -4.94 -18.20
CA ASN A 169 22.25 -5.55 -16.89
C ASN A 169 20.81 -5.50 -16.39
N ILE A 170 19.85 -5.25 -17.27
CA ILE A 170 18.44 -5.30 -16.88
C ILE A 170 18.00 -6.75 -17.03
N GLU A 171 17.40 -7.30 -15.97
CA GLU A 171 16.86 -8.66 -16.03
C GLU A 171 15.35 -8.64 -15.81
N VAL A 172 14.80 -7.53 -15.28
CA VAL A 172 13.36 -7.38 -15.07
C VAL A 172 12.89 -5.96 -15.46
N LEU A 173 11.71 -5.89 -16.10
CA LEU A 173 10.92 -4.69 -16.33
C LEU A 173 9.69 -4.86 -15.45
N ASP A 174 9.52 -3.95 -14.48
CA ASP A 174 8.38 -4.01 -13.55
C ASP A 174 7.32 -3.04 -13.95
N PHE A 175 6.08 -3.50 -14.03
CA PHE A 175 4.98 -2.60 -14.35
C PHE A 175 4.45 -1.93 -13.07
N GLY A 176 4.51 -0.62 -13.03
CA GLY A 176 4.04 0.14 -11.88
C GLY A 176 2.71 0.78 -12.20
N LEU A 177 1.62 0.05 -11.95
CA LEU A 177 0.25 0.46 -12.27
C LEU A 177 -0.18 1.77 -11.58
N MSE A 178 -0.06 1.81 -10.26
CA MSE A 178 -0.49 2.94 -9.47
C MSE A 178 0.18 4.25 -9.87
O MSE A 178 -0.53 5.21 -10.11
CB MSE A 178 -0.28 2.67 -7.98
CG MSE A 178 -1.15 3.52 -7.09
SE MSE A 178 -1.54 2.64 -5.36
CE MSE A 178 -3.42 2.02 -5.73
N ASP A 179 1.52 4.29 -9.96
CA ASP A 179 2.24 5.52 -10.32
C ASP A 179 1.99 5.90 -11.79
N PHE A 180 1.79 4.90 -12.66
CA PHE A 180 1.50 5.09 -14.06
C PHE A 180 0.14 5.80 -14.20
N VAL A 181 -0.88 5.31 -13.48
CA VAL A 181 -2.23 5.86 -13.52
C VAL A 181 -2.25 7.29 -12.94
N SER A 182 -1.50 7.53 -11.85
CA SER A 182 -1.45 8.83 -11.15
C SER A 182 -0.98 9.99 -12.06
N GLY A 183 -0.11 9.67 -13.03
CA GLY A 183 0.41 10.65 -13.99
C GLY A 183 -0.53 10.98 -15.14
N HIS A 184 -1.75 10.38 -15.17
CA HIS A 184 -2.67 10.55 -16.28
C HIS A 184 -3.72 11.66 -16.10
N HIS A 185 -3.48 12.63 -15.18
CA HIS A 185 -4.34 13.81 -14.96
C HIS A 185 -5.83 13.43 -14.86
N GLY A 186 -6.10 12.32 -14.17
CA GLY A 186 -7.44 11.80 -13.97
C GLY A 186 -8.11 11.18 -15.17
N ALA A 187 -7.38 10.93 -16.28
CA ALA A 187 -7.97 10.35 -17.50
C ALA A 187 -8.23 8.84 -17.33
N ILE A 188 -7.49 8.20 -16.42
CA ILE A 188 -7.69 6.79 -16.12
C ILE A 188 -8.47 6.76 -14.80
N PRO A 189 -9.73 6.26 -14.80
CA PRO A 189 -10.51 6.25 -13.54
C PRO A 189 -9.95 5.25 -12.53
N ALA A 190 -10.35 5.43 -11.25
CA ALA A 190 -9.95 4.61 -10.10
C ALA A 190 -10.30 3.14 -10.29
N ALA A 191 -11.45 2.86 -10.93
CA ALA A 191 -11.95 1.50 -11.22
C ALA A 191 -10.96 0.67 -12.08
N ALA A 192 -10.13 1.37 -12.87
CA ALA A 192 -9.15 0.75 -13.75
C ALA A 192 -7.87 0.40 -12.99
N MSE A 193 -7.69 0.92 -11.75
CA MSE A 193 -6.52 0.61 -10.92
CA MSE A 193 -6.52 0.64 -10.90
C MSE A 193 -6.69 -0.76 -10.24
O MSE A 193 -5.78 -1.25 -9.56
CB MSE A 193 -6.29 1.70 -9.88
CB MSE A 193 -6.36 1.78 -9.88
CG MSE A 193 -5.87 3.04 -10.45
CG MSE A 193 -5.46 1.51 -8.68
SE MSE A 193 -6.14 4.39 -9.06
SE MSE A 193 -3.77 2.49 -8.65
CE MSE A 193 -6.59 5.99 -10.06
CE MSE A 193 -4.49 4.28 -8.96
N ARG A 194 -7.84 -1.38 -10.44
CA ARG A 194 -8.13 -2.70 -9.89
C ARG A 194 -8.66 -3.62 -11.01
N SER A 195 -8.79 -4.92 -10.70
CA SER A 195 -9.29 -5.90 -11.64
C SER A 195 -10.83 -5.78 -11.76
N PRO A 196 -11.43 -5.98 -12.97
CA PRO A 196 -10.80 -6.38 -14.26
C PRO A 196 -10.27 -5.23 -15.13
N GLY A 197 -10.51 -3.98 -14.73
CA GLY A 197 -10.11 -2.77 -15.45
C GLY A 197 -8.63 -2.65 -15.75
N GLN A 198 -7.75 -3.07 -14.81
CA GLN A 198 -6.31 -3.02 -15.01
C GLN A 198 -5.84 -3.97 -16.13
N PHE A 199 -6.74 -4.84 -16.66
CA PHE A 199 -6.42 -5.78 -17.73
C PHE A 199 -7.25 -5.51 -18.97
N GLU A 200 -8.11 -4.46 -18.91
CA GLU A 200 -9.06 -4.15 -19.98
C GLU A 200 -9.04 -2.71 -20.46
N HIS A 201 -8.65 -1.73 -19.61
CA HIS A 201 -8.57 -0.32 -20.01
C HIS A 201 -7.53 -0.21 -21.12
N ALA A 202 -7.92 0.39 -22.25
CA ALA A 202 -7.09 0.54 -23.43
C ALA A 202 -5.68 1.06 -23.13
N LEU A 203 -5.53 2.04 -22.24
CA LEU A 203 -4.21 2.59 -21.91
C LEU A 203 -3.37 1.64 -21.09
N LEU A 204 -4.02 0.84 -20.25
CA LEU A 204 -3.35 -0.13 -19.38
C LEU A 204 -2.97 -1.38 -20.17
N VAL A 205 -3.85 -1.83 -21.09
CA VAL A 205 -3.58 -2.96 -21.99
C VAL A 205 -2.37 -2.60 -22.82
N ARG A 206 -2.39 -1.40 -23.42
CA ARG A 206 -1.34 -0.84 -24.27
C ARG A 206 -0.03 -0.75 -23.52
N ALA A 207 -0.03 -0.18 -22.30
CA ALA A 207 1.17 -0.02 -21.49
C ALA A 207 1.74 -1.39 -21.11
N LYS A 208 0.91 -2.30 -20.57
CA LYS A 208 1.32 -3.65 -20.16
C LYS A 208 1.86 -4.45 -21.34
N ALA A 209 1.11 -4.47 -22.47
CA ALA A 209 1.53 -5.20 -23.68
C ALA A 209 2.85 -4.61 -24.25
N ASP A 210 3.03 -3.28 -24.26
CA ASP A 210 4.28 -2.65 -24.74
C ASP A 210 5.44 -3.05 -23.89
N MSE A 211 5.28 -2.99 -22.54
CA MSE A 211 6.32 -3.36 -21.60
C MSE A 211 6.75 -4.86 -21.77
O MSE A 211 7.94 -5.14 -21.85
CB MSE A 211 5.87 -3.10 -20.17
CG MSE A 211 7.06 -2.83 -19.24
SE MSE A 211 6.80 -3.38 -17.43
CE MSE A 211 6.48 -5.32 -17.76
N VAL A 212 5.78 -5.78 -21.84
CA VAL A 212 6.04 -7.20 -22.00
C VAL A 212 6.72 -7.43 -23.36
N ALA A 213 6.22 -6.80 -24.45
CA ALA A 213 6.82 -6.92 -25.78
C ALA A 213 8.30 -6.45 -25.79
N ALA A 214 8.59 -5.31 -25.13
CA ALA A 214 9.94 -4.74 -25.01
C ALA A 214 10.86 -5.65 -24.20
N ALA A 215 10.34 -6.23 -23.10
CA ALA A 215 11.08 -7.10 -22.19
C ALA A 215 11.44 -8.39 -22.90
N LEU A 216 10.44 -9.09 -23.44
CA LEU A 216 10.63 -10.37 -24.13
C LEU A 216 11.47 -10.22 -25.39
N ALA A 217 11.38 -9.08 -26.09
CA ALA A 217 12.23 -8.79 -27.27
C ALA A 217 13.71 -8.69 -26.91
N ASN A 218 14.02 -8.40 -25.62
CA ASN A 218 15.39 -8.20 -25.16
C ASN A 218 15.83 -9.20 -24.07
N GLY A 219 15.19 -10.37 -23.99
CA GLY A 219 15.51 -11.41 -23.03
C GLY A 219 15.40 -10.96 -21.59
N ILE A 220 14.39 -10.13 -21.30
CA ILE A 220 14.13 -9.58 -19.98
C ILE A 220 12.82 -10.15 -19.48
N VAL A 221 12.75 -10.42 -18.18
CA VAL A 221 11.54 -10.94 -17.55
C VAL A 221 10.54 -9.77 -17.32
N PRO A 222 9.30 -9.86 -17.85
CA PRO A 222 8.31 -8.83 -17.52
C PRO A 222 7.62 -9.17 -16.18
N ALA A 223 7.57 -8.23 -15.23
CA ALA A 223 6.94 -8.45 -13.92
C ALA A 223 5.72 -7.56 -13.73
N HIS A 224 4.70 -8.12 -13.10
CA HIS A 224 3.42 -7.49 -12.92
C HIS A 224 3.30 -6.83 -11.55
N ASN A 225 2.46 -5.80 -11.48
CA ASN A 225 2.14 -5.05 -10.26
C ASN A 225 1.37 -5.94 -9.29
N VAL A 226 1.34 -5.54 -8.03
CA VAL A 226 0.67 -6.28 -6.93
C VAL A 226 -0.83 -6.42 -7.13
N CYS A 227 -1.41 -7.37 -6.40
CA CYS A 227 -2.85 -7.48 -6.27
C CYS A 227 -3.21 -6.68 -5.02
N LEU A 228 -4.23 -5.83 -5.08
CA LEU A 228 -4.58 -5.00 -3.91
C LEU A 228 -5.36 -5.81 -2.84
N ASN A 229 -5.83 -7.03 -3.21
CA ASN A 229 -6.44 -7.96 -2.28
C ASN A 229 -5.31 -8.71 -1.61
N LEU A 230 -5.15 -8.50 -0.29
CA LEU A 230 -4.03 -9.02 0.46
C LEU A 230 -4.13 -10.48 0.90
N LYS A 231 -5.34 -11.00 1.15
CA LYS A 231 -5.45 -12.35 1.70
C LYS A 231 -6.31 -13.34 0.89
N ASP A 232 -7.22 -12.87 0.00
CA ASP A 232 -8.08 -13.80 -0.77
C ASP A 232 -7.26 -14.44 -1.90
N ALA A 233 -6.84 -15.72 -1.69
CA ALA A 233 -6.02 -16.51 -2.62
C ALA A 233 -6.61 -16.58 -4.02
N GLU A 234 -7.94 -16.76 -4.13
CA GLU A 234 -8.63 -16.86 -5.43
C GLU A 234 -8.51 -15.57 -6.27
N VAL A 235 -8.57 -14.39 -5.62
CA VAL A 235 -8.46 -13.06 -6.27
C VAL A 235 -7.01 -12.81 -6.70
N ILE A 236 -6.04 -13.18 -5.82
CA ILE A 236 -4.61 -13.04 -6.09
C ILE A 236 -4.25 -13.95 -7.28
N ALA A 237 -4.67 -15.22 -7.23
CA ALA A 237 -4.42 -16.21 -8.29
C ALA A 237 -4.99 -15.74 -9.62
N SER A 238 -6.21 -15.16 -9.60
CA SER A 238 -6.90 -14.63 -10.78
C SER A 238 -6.07 -13.54 -11.47
N ASP A 239 -5.53 -12.58 -10.69
CA ASP A 239 -4.68 -11.49 -11.20
C ASP A 239 -3.40 -12.06 -11.80
N ALA A 240 -2.72 -12.96 -11.08
CA ALA A 240 -1.49 -13.62 -11.55
C ALA A 240 -1.73 -14.43 -12.82
N CYS A 241 -2.89 -15.14 -12.94
CA CYS A 241 -3.25 -15.92 -14.13
C CYS A 241 -3.53 -15.01 -15.33
N ARG A 242 -4.31 -13.92 -15.14
CA ARG A 242 -4.60 -12.99 -16.25
C ARG A 242 -3.31 -12.37 -16.76
N ALA A 243 -2.42 -11.94 -15.83
CA ALA A 243 -1.12 -11.33 -16.16
C ALA A 243 -0.23 -12.34 -16.85
N ARG A 244 -0.27 -13.60 -16.42
CA ARG A 244 0.52 -14.68 -17.06
C ARG A 244 -0.03 -15.10 -18.45
N ASN A 245 -1.31 -15.42 -18.53
CA ASN A 245 -1.92 -16.01 -19.73
C ASN A 245 -2.51 -15.04 -20.76
N GLU A 246 -2.82 -13.78 -20.38
CA GLU A 246 -3.36 -12.82 -21.34
C GLU A 246 -2.32 -11.76 -21.78
N PHE A 247 -1.29 -11.53 -20.97
CA PHE A 247 -0.31 -10.49 -21.24
C PHE A 247 1.15 -10.96 -21.37
N GLY A 248 1.51 -12.15 -20.86
CA GLY A 248 2.86 -12.67 -20.96
C GLY A 248 3.79 -12.35 -19.80
N PHE A 249 3.25 -11.89 -18.66
CA PHE A 249 4.06 -11.61 -17.46
C PHE A 249 4.54 -12.93 -16.91
N LEU A 250 5.78 -12.95 -16.37
CA LEU A 250 6.41 -14.18 -15.88
C LEU A 250 6.79 -14.08 -14.40
N ARG A 251 6.41 -12.97 -13.80
CA ARG A 251 6.72 -12.61 -12.44
C ARG A 251 5.66 -11.62 -11.96
N MSE A 252 5.47 -11.55 -10.63
CA MSE A 252 4.53 -10.63 -10.02
C MSE A 252 4.98 -10.24 -8.62
O MSE A 252 5.55 -11.06 -7.89
CB MSE A 252 3.10 -11.24 -10.00
CG MSE A 252 2.04 -10.26 -9.56
SE MSE A 252 0.33 -10.97 -10.02
CE MSE A 252 -0.73 -10.08 -8.58
N TRP A 253 4.75 -8.99 -8.26
CA TRP A 253 5.09 -8.44 -6.95
C TRP A 253 4.10 -8.90 -5.90
N SER A 254 4.56 -8.92 -4.65
CA SER A 254 3.77 -9.28 -3.48
C SER A 254 4.01 -8.24 -2.38
N ILE A 255 2.93 -7.85 -1.68
CA ILE A 255 3.05 -6.88 -0.58
C ILE A 255 2.56 -7.48 0.74
N TYR A 256 2.02 -8.70 0.69
CA TYR A 256 1.55 -9.43 1.86
C TYR A 256 1.93 -10.91 1.69
N PRO A 257 2.50 -11.57 2.73
CA PRO A 257 2.95 -12.97 2.57
C PRO A 257 1.92 -13.96 2.00
N ALA A 258 0.62 -13.73 2.27
CA ALA A 258 -0.45 -14.60 1.81
C ALA A 258 -0.58 -14.59 0.27
N GLN A 259 0.03 -13.61 -0.42
CA GLN A 259 0.01 -13.47 -1.89
C GLN A 259 1.04 -14.35 -2.60
N ILE A 260 2.12 -14.77 -1.88
CA ILE A 260 3.25 -15.52 -2.45
C ILE A 260 2.84 -16.85 -3.10
N GLN A 261 2.31 -17.80 -2.32
CA GLN A 261 1.92 -19.11 -2.85
C GLN A 261 0.90 -18.98 -4.02
N PRO A 262 -0.20 -18.16 -3.94
CA PRO A 262 -1.09 -18.01 -5.12
C PRO A 262 -0.36 -17.51 -6.37
N ILE A 263 0.60 -16.58 -6.21
CA ILE A 263 1.36 -16.03 -7.35
C ILE A 263 2.28 -17.13 -7.94
N VAL A 264 3.07 -17.82 -7.07
CA VAL A 264 3.99 -18.90 -7.50
C VAL A 264 3.20 -20.00 -8.25
N ASN A 265 2.09 -20.50 -7.64
CA ASN A 265 1.29 -21.57 -8.23
CA ASN A 265 1.25 -21.55 -8.21
C ASN A 265 0.63 -21.13 -9.54
N ALA A 266 0.19 -19.86 -9.67
CA ALA A 266 -0.42 -19.39 -10.91
C ALA A 266 0.60 -19.32 -12.04
N MSE A 267 1.86 -19.06 -11.71
CA MSE A 267 2.98 -18.92 -12.65
C MSE A 267 3.66 -20.25 -13.00
O MSE A 267 4.44 -20.28 -13.95
CB MSE A 267 4.01 -17.98 -12.09
CG MSE A 267 3.55 -16.56 -11.97
SE MSE A 267 3.49 -15.70 -13.69
CE MSE A 267 2.75 -14.02 -13.05
N ARG A 268 3.42 -21.31 -12.21
CA ARG A 268 4.00 -22.64 -12.39
C ARG A 268 3.69 -23.28 -13.72
N PRO A 269 4.64 -24.04 -14.33
CA PRO A 269 4.29 -24.77 -15.56
C PRO A 269 3.38 -25.94 -15.22
N ASP A 270 2.57 -26.37 -16.19
CA ASP A 270 1.63 -27.50 -16.08
C ASP A 270 2.40 -28.76 -15.69
N PHE A 271 1.84 -29.59 -14.79
CA PHE A 271 2.49 -30.83 -14.33
C PHE A 271 2.87 -31.78 -15.51
N THR A 272 1.98 -31.93 -16.50
CA THR A 272 2.21 -32.80 -17.66
C THR A 272 3.27 -32.19 -18.57
N GLU A 273 3.31 -30.85 -18.67
CA GLU A 273 4.26 -30.08 -19.46
C GLU A 273 5.70 -30.30 -18.97
N VAL A 274 5.91 -30.34 -17.64
CA VAL A 274 7.23 -30.55 -17.04
C VAL A 274 7.64 -32.02 -17.19
N GLU A 275 6.67 -32.96 -17.10
CA GLU A 275 6.90 -34.39 -17.27
C GLU A 275 7.47 -34.64 -18.68
N ASP A 276 6.87 -33.99 -19.70
CA ASP A 276 7.28 -34.05 -21.11
C ASP A 276 8.62 -33.33 -21.30
N ALA A 277 8.83 -32.19 -20.60
CA ALA A 277 10.06 -31.38 -20.66
C ALA A 277 11.29 -32.19 -20.22
N ALA A 278 11.13 -33.02 -19.17
CA ALA A 278 12.18 -33.91 -18.65
C ALA A 278 12.51 -35.01 -19.66
N GLY A 279 11.49 -35.53 -20.34
CA GLY A 279 11.67 -36.54 -21.39
C GLY A 279 12.27 -35.93 -22.65
N ILE A 280 13.48 -35.35 -22.52
CA ILE A 280 14.24 -34.66 -23.56
C ILE A 280 15.72 -34.58 -23.16
N THR A 303 14.07 -25.63 -29.96
CA THR A 303 13.05 -26.48 -29.34
C THR A 303 13.51 -26.96 -27.95
N TYR A 304 14.76 -27.48 -27.84
CA TYR A 304 15.34 -27.98 -26.58
C TYR A 304 15.53 -26.85 -25.55
N ARG A 305 15.83 -25.63 -26.05
CA ARG A 305 16.01 -24.42 -25.25
C ARG A 305 14.68 -24.05 -24.54
N TYR A 306 13.53 -24.36 -25.18
CA TYR A 306 12.19 -24.12 -24.62
C TYR A 306 11.94 -25.07 -23.46
N PHE A 307 12.08 -26.39 -23.71
CA PHE A 307 11.87 -27.43 -22.71
C PHE A 307 12.84 -27.26 -21.53
N TRP A 308 14.04 -26.70 -21.78
CA TRP A 308 15.03 -26.43 -20.73
C TRP A 308 14.55 -25.28 -19.84
N GLU A 309 13.90 -24.27 -20.45
CA GLU A 309 13.32 -23.11 -19.78
C GLU A 309 12.19 -23.58 -18.86
N VAL A 310 11.35 -24.55 -19.34
CA VAL A 310 10.22 -25.14 -18.60
C VAL A 310 10.74 -25.88 -17.36
N LEU A 311 11.80 -26.71 -17.52
CA LEU A 311 12.38 -27.48 -16.42
C LEU A 311 12.99 -26.54 -15.37
N GLN A 312 13.62 -25.44 -15.84
CA GLN A 312 14.24 -24.43 -14.96
C GLN A 312 13.17 -23.64 -14.22
N LYS A 313 12.04 -23.35 -14.90
CA LYS A 313 10.87 -22.66 -14.32
C LYS A 313 10.28 -23.54 -13.19
N ALA A 314 10.13 -24.85 -13.46
CA ALA A 314 9.63 -25.85 -12.52
C ALA A 314 10.49 -25.87 -11.26
N LYS A 315 11.82 -25.72 -11.41
CA LYS A 315 12.73 -25.72 -10.27
C LYS A 315 12.55 -24.43 -9.42
N VAL A 316 12.61 -23.24 -10.09
CA VAL A 316 12.48 -21.91 -9.48
C VAL A 316 11.11 -21.73 -8.79
N THR A 317 10.08 -22.46 -9.25
CA THR A 317 8.72 -22.38 -8.72
C THR A 317 8.43 -23.44 -7.65
N GLY A 318 9.49 -24.12 -7.18
CA GLY A 318 9.41 -25.14 -6.13
C GLY A 318 8.67 -26.43 -6.43
N MSE A 319 8.53 -26.77 -7.74
CA MSE A 319 7.91 -28.01 -8.22
C MSE A 319 8.87 -29.18 -8.18
O MSE A 319 10.09 -28.99 -8.27
CB MSE A 319 7.44 -27.83 -9.67
CG MSE A 319 6.16 -27.09 -9.81
SE MSE A 319 5.65 -26.92 -11.66
CE MSE A 319 5.10 -28.73 -12.02
N ALA A 320 8.32 -30.40 -8.11
CA ALA A 320 9.13 -31.60 -8.18
C ALA A 320 9.60 -31.81 -9.64
N VAL A 321 10.93 -31.86 -9.82
CA VAL A 321 11.54 -32.10 -11.13
C VAL A 321 11.75 -33.62 -11.23
N PRO A 322 11.35 -34.28 -12.35
CA PRO A 322 11.51 -35.74 -12.44
C PRO A 322 12.98 -36.19 -12.47
N ASN B 9 -2.30 27.38 -5.06
CA ASN B 9 -2.30 25.98 -5.48
C ASN B 9 -1.49 25.78 -6.77
N ASP B 10 -1.54 26.76 -7.70
CA ASP B 10 -0.77 26.70 -8.95
C ASP B 10 0.71 26.98 -8.72
N ALA B 11 1.04 27.99 -7.90
CA ALA B 11 2.42 28.37 -7.59
C ALA B 11 3.11 27.33 -6.68
N LEU B 12 2.35 26.52 -5.92
CA LEU B 12 2.88 25.52 -5.01
C LEU B 12 3.30 24.20 -5.72
N PHE B 13 2.76 23.88 -6.91
CA PHE B 13 3.13 22.66 -7.66
C PHE B 13 3.57 23.01 -9.11
N ALA B 14 4.84 23.49 -9.28
CA ALA B 14 5.35 23.94 -10.58
C ALA B 14 6.89 23.80 -10.71
N GLY B 15 7.28 22.57 -10.97
CA GLY B 15 8.65 22.17 -11.31
C GLY B 15 8.56 21.58 -12.71
N GLU B 16 7.31 21.22 -13.08
CA GLU B 16 6.84 20.61 -14.31
C GLU B 16 5.88 21.53 -15.06
N LYS B 17 5.49 21.14 -16.30
CA LYS B 17 4.53 21.86 -17.17
C LYS B 17 3.12 21.70 -16.61
N SER B 18 2.34 22.78 -16.60
CA SER B 18 0.96 22.74 -16.10
C SER B 18 0.06 22.13 -17.16
N PHE B 19 -0.81 21.16 -16.75
CA PHE B 19 -1.73 20.52 -17.68
C PHE B 19 -2.81 21.54 -18.10
N PRO B 20 -3.20 21.64 -19.39
CA PRO B 20 -4.21 22.64 -19.75
C PRO B 20 -5.59 22.28 -19.21
N VAL B 21 -6.26 23.27 -18.62
CA VAL B 21 -7.61 23.04 -18.12
C VAL B 21 -8.53 23.61 -19.19
N LEU B 22 -9.07 22.70 -20.00
CA LEU B 22 -9.92 23.07 -21.13
C LEU B 22 -11.28 22.48 -20.99
N ALA B 23 -12.27 23.15 -21.60
CA ALA B 23 -13.65 22.71 -21.67
C ALA B 23 -13.72 21.29 -22.24
N ALA B 24 -14.65 20.49 -21.70
CA ALA B 24 -14.90 19.10 -22.07
C ALA B 24 -15.44 18.99 -23.48
N CYS B 25 -15.97 20.10 -24.01
CA CYS B 25 -16.61 20.08 -25.31
C CYS B 25 -16.09 21.18 -26.24
N GLU B 26 -16.01 20.84 -27.54
CA GLU B 26 -15.61 21.77 -28.59
C GLU B 26 -16.66 21.71 -29.69
N HIS B 27 -17.44 22.80 -29.83
CA HIS B 27 -18.51 22.87 -30.80
C HIS B 27 -18.05 23.54 -32.09
N PHE B 28 -18.41 22.94 -33.22
CA PHE B 28 -18.04 23.41 -34.56
C PHE B 28 -19.17 24.14 -35.24
N ALA B 29 -18.81 25.23 -35.92
CA ALA B 29 -19.72 26.07 -36.70
C ALA B 29 -18.96 26.68 -37.90
N GLY B 30 -19.53 26.49 -39.09
CA GLY B 30 -18.93 26.93 -40.37
C GLY B 30 -19.41 28.27 -40.89
N SER B 31 -20.68 28.60 -40.66
CA SER B 31 -21.27 29.86 -41.16
C SER B 31 -21.29 30.94 -40.10
N GLU B 32 -21.38 32.21 -40.53
CA GLU B 32 -21.48 33.38 -39.63
C GLU B 32 -22.66 33.24 -38.66
N LYS B 33 -23.83 32.80 -39.19
CA LYS B 33 -25.06 32.57 -38.43
C LYS B 33 -24.82 31.54 -37.32
N LEU B 34 -24.29 30.35 -37.67
CA LEU B 34 -24.04 29.28 -36.71
C LEU B 34 -22.92 29.61 -35.72
N ILE B 35 -21.89 30.39 -36.15
CA ILE B 35 -20.80 30.84 -35.27
C ILE B 35 -21.40 31.78 -34.19
N GLY B 36 -22.22 32.73 -34.63
CA GLY B 36 -22.90 33.68 -33.75
C GLY B 36 -23.76 32.97 -32.73
N LYS B 37 -24.60 32.02 -33.22
CA LYS B 37 -25.50 31.23 -32.38
C LYS B 37 -24.72 30.45 -31.31
N ALA B 38 -23.56 29.87 -31.68
CA ALA B 38 -22.70 29.10 -30.79
C ALA B 38 -22.08 30.01 -29.72
N MSE B 39 -21.65 31.22 -30.12
CA MSE B 39 -21.10 32.22 -29.20
C MSE B 39 -22.17 32.66 -28.20
O MSE B 39 -21.86 32.79 -27.01
CB MSE B 39 -20.55 33.42 -29.98
CG MSE B 39 -19.18 33.17 -30.60
SE MSE B 39 -18.66 34.63 -31.80
CE MSE B 39 -16.90 33.95 -32.32
N ASP B 40 -23.43 32.82 -28.66
CA ASP B 40 -24.58 33.16 -27.83
C ASP B 40 -24.94 32.01 -26.87
N LEU B 41 -24.71 30.76 -27.30
CA LEU B 41 -24.99 29.59 -26.47
C LEU B 41 -23.95 29.51 -25.33
N GLN B 42 -22.73 30.01 -25.57
CA GLN B 42 -21.69 30.08 -24.55
C GLN B 42 -22.10 31.04 -23.44
N VAL B 43 -22.86 32.08 -23.81
CA VAL B 43 -23.36 33.07 -22.88
C VAL B 43 -24.45 32.40 -22.03
N GLU B 44 -25.30 31.58 -22.69
CA GLU B 44 -26.42 30.85 -22.08
C GLU B 44 -25.94 29.73 -21.15
N TYR B 45 -25.02 28.85 -21.61
CA TYR B 45 -24.49 27.70 -20.85
C TYR B 45 -23.28 28.00 -19.98
N GLY B 46 -22.59 29.10 -20.28
CA GLY B 46 -21.32 29.44 -19.65
C GLY B 46 -20.23 28.86 -20.54
N PRO B 47 -18.94 29.25 -20.40
CA PRO B 47 -17.92 28.70 -21.32
C PRO B 47 -17.56 27.22 -21.02
N VAL B 48 -18.60 26.36 -20.91
CA VAL B 48 -18.50 24.91 -20.68
C VAL B 48 -18.07 24.21 -21.97
N PHE B 49 -18.13 24.94 -23.09
CA PHE B 49 -17.70 24.47 -24.39
C PHE B 49 -16.99 25.58 -25.17
N ASP B 50 -16.02 25.19 -25.99
CA ASP B 50 -15.30 26.10 -26.88
C ASP B 50 -15.99 26.08 -28.24
N VAL B 51 -15.77 27.15 -29.02
CA VAL B 51 -16.35 27.22 -30.36
C VAL B 51 -15.23 27.21 -31.39
N THR B 52 -15.28 26.29 -32.35
CA THR B 52 -14.31 26.28 -33.42
C THR B 52 -15.00 26.79 -34.67
N CYS B 53 -14.52 27.92 -35.18
CA CYS B 53 -14.97 28.51 -36.42
C CYS B 53 -14.28 27.74 -37.52
N ASP B 54 -15.05 26.97 -38.24
CA ASP B 54 -14.56 26.10 -39.29
C ASP B 54 -14.28 26.83 -40.61
N CYS B 55 -13.08 26.62 -41.18
CA CYS B 55 -12.68 27.15 -42.49
C CYS B 55 -12.57 26.01 -43.47
N GLU B 56 -12.02 24.87 -43.01
CA GLU B 56 -11.80 23.63 -43.75
C GLU B 56 -13.10 23.09 -44.40
N ASP B 57 -14.23 23.11 -43.67
CA ASP B 57 -15.52 22.64 -44.17
C ASP B 57 -16.44 23.83 -44.53
N GLY B 58 -16.36 24.91 -43.75
CA GLY B 58 -17.15 26.12 -43.93
C GLY B 58 -16.90 26.93 -45.19
N ALA B 59 -15.60 27.15 -45.54
CA ALA B 59 -15.21 27.93 -46.73
C ALA B 59 -15.59 27.24 -48.04
N ALA B 60 -16.18 28.02 -48.97
CA ALA B 60 -16.60 27.57 -50.29
C ALA B 60 -15.41 27.55 -51.27
N ALA B 61 -15.63 26.94 -52.47
CA ALA B 61 -14.72 26.74 -53.61
C ALA B 61 -13.58 27.77 -53.73
N GLY B 62 -13.93 29.06 -53.81
CA GLY B 62 -12.96 30.15 -53.92
C GLY B 62 -13.28 31.32 -53.00
N GLN B 63 -13.92 31.04 -51.86
CA GLN B 63 -14.34 32.02 -50.86
C GLN B 63 -13.44 31.97 -49.60
N GLU B 64 -12.25 31.33 -49.68
CA GLU B 64 -11.31 31.13 -48.55
C GLU B 64 -10.93 32.45 -47.88
N ARG B 65 -10.62 33.50 -48.67
CA ARG B 65 -10.26 34.81 -48.14
C ARG B 65 -11.46 35.43 -47.41
N GLU B 66 -12.62 35.45 -48.05
CA GLU B 66 -13.86 36.01 -47.49
C GLU B 66 -14.28 35.30 -46.20
N HIS B 67 -14.16 33.96 -46.18
CA HIS B 67 -14.53 33.13 -45.04
C HIS B 67 -13.61 33.30 -43.83
N ALA B 68 -12.29 33.33 -44.05
CA ALA B 68 -11.34 33.56 -42.94
C ALA B 68 -11.56 34.96 -42.37
N GLU B 69 -11.85 35.94 -43.26
CA GLU B 69 -12.12 37.33 -42.91
C GLU B 69 -13.32 37.45 -41.99
N MSE B 70 -14.42 36.75 -42.32
CA MSE B 70 -15.63 36.64 -41.51
C MSE B 70 -15.28 36.00 -40.14
O MSE B 70 -15.59 36.60 -39.10
CB MSE B 70 -16.71 35.81 -42.25
CG MSE B 70 -18.00 35.56 -41.44
SE MSE B 70 -17.94 33.98 -40.26
CE MSE B 70 -17.80 32.60 -41.62
N VAL B 71 -14.55 34.85 -40.16
CA VAL B 71 -14.10 34.13 -38.96
C VAL B 71 -13.32 35.09 -38.02
N ALA B 72 -12.28 35.76 -38.55
CA ALA B 72 -11.46 36.73 -37.80
C ALA B 72 -12.36 37.81 -37.19
N ARG B 73 -13.30 38.37 -38.00
CA ARG B 73 -14.23 39.40 -37.55
C ARG B 73 -15.14 38.87 -36.42
N MSE B 74 -15.67 37.65 -36.56
CA MSE B 74 -16.55 37.04 -35.56
C MSE B 74 -15.81 36.83 -34.23
O MSE B 74 -16.33 37.18 -33.19
CB MSE B 74 -17.13 35.71 -36.10
CG MSE B 74 -18.18 35.92 -37.18
SE MSE B 74 -19.68 37.07 -36.62
CE MSE B 74 -20.67 35.81 -35.61
N ILE B 75 -14.57 36.32 -34.30
CA ILE B 75 -13.73 36.05 -33.12
C ILE B 75 -13.35 37.39 -32.42
N ALA B 76 -13.04 38.45 -33.20
CA ALA B 76 -12.66 39.77 -32.68
C ALA B 76 -13.85 40.53 -32.10
N SER B 77 -15.07 40.24 -32.58
CA SER B 77 -16.30 40.96 -32.21
C SER B 77 -16.71 40.81 -30.75
N ASP B 78 -17.58 41.73 -30.30
CA ASP B 78 -18.18 41.78 -28.96
C ASP B 78 -19.11 40.58 -28.73
N ARG B 79 -19.60 39.96 -29.84
CA ARG B 79 -20.42 38.75 -29.87
C ARG B 79 -19.66 37.59 -29.21
N ASN B 80 -18.32 37.57 -29.37
CA ASN B 80 -17.44 36.59 -28.74
C ASN B 80 -17.17 37.10 -27.33
N VAL B 81 -18.07 36.74 -26.42
CA VAL B 81 -18.07 37.23 -25.04
C VAL B 81 -17.00 36.54 -24.18
N HIS B 82 -16.92 35.22 -24.24
CA HIS B 82 -16.02 34.48 -23.36
C HIS B 82 -14.58 34.30 -23.90
N GLY B 83 -14.33 34.67 -25.14
CA GLY B 83 -12.99 34.54 -25.73
C GLY B 83 -12.55 33.09 -25.89
N ARG B 84 -13.54 32.20 -26.03
CA ARG B 84 -13.34 30.76 -26.18
C ARG B 84 -13.77 30.32 -27.57
N ALA B 85 -13.29 31.07 -28.57
CA ALA B 85 -13.53 30.80 -29.97
C ALA B 85 -12.20 30.66 -30.70
N GLY B 86 -11.99 29.48 -31.26
CA GLY B 86 -10.82 29.17 -32.04
C GLY B 86 -11.21 29.00 -33.49
N ALA B 87 -10.25 28.65 -34.33
CA ALA B 87 -10.54 28.46 -35.74
C ALA B 87 -9.85 27.24 -36.31
N ARG B 88 -10.58 26.49 -37.16
CA ARG B 88 -9.99 25.39 -37.88
C ARG B 88 -9.57 25.94 -39.22
N ILE B 89 -8.30 25.78 -39.56
CA ILE B 89 -7.77 26.27 -40.83
C ILE B 89 -7.77 25.09 -41.83
N HIS B 90 -7.40 25.36 -43.09
CA HIS B 90 -7.29 24.33 -44.11
C HIS B 90 -6.05 23.44 -43.77
N ASP B 91 -6.00 22.21 -44.31
CA ASP B 91 -4.92 21.28 -44.07
C ASP B 91 -3.58 21.76 -44.68
N PRO B 92 -2.42 21.22 -44.22
CA PRO B 92 -1.11 21.71 -44.69
C PRO B 92 -0.84 21.56 -46.18
N SER B 93 -1.66 20.77 -46.88
CA SER B 93 -1.48 20.55 -48.33
C SER B 93 -2.38 21.50 -49.12
N HIS B 94 -3.33 22.17 -48.45
CA HIS B 94 -4.22 23.13 -49.10
C HIS B 94 -3.48 24.46 -49.34
N PRO B 95 -3.61 25.12 -50.51
CA PRO B 95 -2.86 26.38 -50.72
C PRO B 95 -3.32 27.58 -49.87
N ALA B 96 -4.45 27.49 -49.16
CA ALA B 96 -4.99 28.61 -48.37
C ALA B 96 -4.67 28.57 -46.86
N TRP B 97 -4.02 27.51 -46.35
CA TRP B 97 -3.77 27.38 -44.90
C TRP B 97 -2.97 28.59 -44.33
N ARG B 98 -1.92 29.07 -45.03
CA ARG B 98 -1.10 30.20 -44.57
C ARG B 98 -1.92 31.47 -44.55
N GLN B 99 -2.73 31.69 -45.59
CA GLN B 99 -3.62 32.82 -45.75
C GLN B 99 -4.66 32.82 -44.61
N ASP B 100 -5.21 31.65 -44.25
CA ASP B 100 -6.12 31.49 -43.11
C ASP B 100 -5.44 31.95 -41.81
N VAL B 101 -4.17 31.49 -41.59
CA VAL B 101 -3.37 31.82 -40.41
C VAL B 101 -3.17 33.32 -40.32
N ASP B 102 -2.65 33.91 -41.39
CA ASP B 102 -2.39 35.32 -41.53
C ASP B 102 -3.65 36.17 -41.27
N ILE B 103 -4.78 35.89 -41.96
CA ILE B 103 -6.03 36.65 -41.79
C ILE B 103 -6.61 36.52 -40.36
N ILE B 104 -6.67 35.30 -39.83
CA ILE B 104 -7.26 35.06 -38.52
C ILE B 104 -6.34 35.58 -37.39
N VAL B 105 -5.03 35.29 -37.41
CA VAL B 105 -4.16 35.79 -36.34
C VAL B 105 -4.11 37.33 -36.34
N ASN B 106 -3.91 37.97 -37.52
CA ASN B 106 -3.84 39.44 -37.59
C ASN B 106 -5.20 40.11 -37.32
N GLY B 107 -6.30 39.45 -37.65
CA GLY B 107 -7.62 40.03 -37.48
C GLY B 107 -8.40 39.69 -36.22
N ALA B 108 -8.03 38.61 -35.51
CA ALA B 108 -8.76 38.10 -34.33
C ALA B 108 -8.79 39.05 -33.11
N GLY B 109 -8.08 40.18 -33.17
CA GLY B 109 -7.99 41.18 -32.11
C GLY B 109 -7.45 40.67 -30.79
N GLY B 110 -6.57 39.64 -30.86
CA GLY B 110 -5.93 38.99 -29.72
C GLY B 110 -6.84 38.10 -28.89
N ARG B 111 -8.08 37.84 -29.38
CA ARG B 111 -9.09 37.03 -28.69
C ARG B 111 -9.05 35.57 -29.15
N LEU B 112 -8.26 35.23 -30.20
CA LEU B 112 -8.12 33.88 -30.77
C LEU B 112 -7.68 32.88 -29.70
N ALA B 113 -8.55 31.91 -29.39
CA ALA B 113 -8.33 30.93 -28.33
C ALA B 113 -7.31 29.84 -28.75
N TYR B 114 -7.36 29.43 -30.04
CA TYR B 114 -6.51 28.39 -30.62
C TYR B 114 -6.70 28.28 -32.11
N ILE B 115 -5.79 27.53 -32.76
CA ILE B 115 -5.88 27.18 -34.18
C ILE B 115 -5.89 25.66 -34.26
N THR B 116 -6.88 25.12 -34.98
CA THR B 116 -7.02 23.69 -35.19
C THR B 116 -6.42 23.40 -36.56
N VAL B 117 -5.45 22.50 -36.59
CA VAL B 117 -4.73 22.07 -37.77
C VAL B 117 -5.20 20.66 -38.19
N PRO B 118 -5.92 20.50 -39.32
CA PRO B 118 -6.37 19.16 -39.70
C PRO B 118 -5.48 18.49 -40.75
N LYS B 119 -5.73 17.18 -40.96
CA LYS B 119 -5.20 16.32 -42.02
C LYS B 119 -3.69 16.39 -42.26
N ALA B 120 -2.88 16.69 -41.25
CA ALA B 120 -1.43 16.64 -41.45
C ALA B 120 -1.03 15.18 -41.65
N THR B 121 -0.11 14.92 -42.59
CA THR B 121 0.30 13.55 -42.92
C THR B 121 1.63 13.20 -42.28
N ASN B 122 2.25 14.13 -41.56
CA ASN B 122 3.50 13.87 -40.86
C ASN B 122 3.83 14.98 -39.88
N SER B 123 4.80 14.70 -39.03
CA SER B 123 5.33 15.58 -38.01
C SER B 123 5.85 16.91 -38.64
N GLY B 124 6.50 16.80 -39.80
CA GLY B 124 7.07 17.93 -40.53
C GLY B 124 6.07 18.99 -40.93
N GLN B 125 4.89 18.54 -41.41
CA GLN B 125 3.80 19.43 -41.81
C GLN B 125 3.29 20.21 -40.60
N VAL B 126 3.06 19.53 -39.45
CA VAL B 126 2.60 20.13 -38.20
C VAL B 126 3.63 21.15 -37.70
N ALA B 127 4.91 20.75 -37.64
CA ALA B 127 5.99 21.65 -37.21
C ALA B 127 6.03 22.91 -38.08
N GLU B 128 5.86 22.77 -39.41
CA GLU B 128 5.86 23.88 -40.36
C GLU B 128 4.68 24.84 -40.08
N VAL B 129 3.50 24.30 -39.79
CA VAL B 129 2.27 25.06 -39.51
C VAL B 129 2.41 25.80 -38.18
N ILE B 130 2.96 25.14 -37.11
CA ILE B 130 3.18 25.77 -35.79
C ILE B 130 4.22 26.90 -35.90
N ARG B 131 5.29 26.65 -36.66
CA ARG B 131 6.35 27.62 -36.91
C ARG B 131 5.77 28.83 -37.61
N TYR B 132 4.88 28.59 -38.59
CA TYR B 132 4.27 29.67 -39.34
C TYR B 132 3.32 30.48 -38.47
N ILE B 133 2.47 29.81 -37.63
CA ILE B 133 1.54 30.47 -36.71
C ILE B 133 2.37 31.37 -35.76
N GLY B 134 3.49 30.85 -35.27
CA GLY B 134 4.38 31.59 -34.38
C GLY B 134 4.94 32.84 -35.03
N ASP B 135 5.39 32.72 -36.30
CA ASP B 135 5.93 33.85 -37.08
C ASP B 135 4.87 34.91 -37.29
N VAL B 136 3.64 34.48 -37.60
CA VAL B 136 2.51 35.40 -37.84
C VAL B 136 2.12 36.07 -36.52
N ALA B 137 2.01 35.31 -35.42
CA ALA B 137 1.68 35.80 -34.07
C ALA B 137 2.73 36.81 -33.61
N LYS B 138 4.05 36.56 -33.85
CA LYS B 138 5.15 37.48 -33.48
C LYS B 138 5.02 38.78 -34.25
N ARG B 139 4.84 38.67 -35.57
CA ARG B 139 4.63 39.73 -36.56
C ARG B 139 3.39 40.61 -36.25
N ALA B 140 2.40 40.07 -35.52
CA ALA B 140 1.15 40.72 -35.12
C ALA B 140 1.25 41.35 -33.73
N GLY B 141 2.40 41.15 -33.06
CA GLY B 141 2.70 41.69 -31.74
C GLY B 141 2.00 40.97 -30.60
N LEU B 142 1.70 39.68 -30.79
CA LEU B 142 1.06 38.86 -29.76
C LEU B 142 2.09 38.46 -28.72
N ASP B 143 1.75 38.62 -27.43
CA ASP B 143 2.64 38.31 -26.31
C ASP B 143 2.76 36.79 -26.13
N LYS B 144 1.63 36.12 -25.86
CA LYS B 144 1.60 34.68 -25.64
C LYS B 144 1.40 33.97 -26.96
N PRO B 145 1.98 32.75 -27.12
CA PRO B 145 1.79 32.04 -28.39
C PRO B 145 0.34 31.55 -28.52
N VAL B 146 -0.10 31.38 -29.78
CA VAL B 146 -1.43 30.90 -30.10
C VAL B 146 -1.45 29.40 -29.83
N PRO B 147 -2.27 28.88 -28.87
CA PRO B 147 -2.32 27.42 -28.66
C PRO B 147 -2.80 26.70 -29.91
N VAL B 148 -2.29 25.50 -30.14
CA VAL B 148 -2.59 24.72 -31.33
C VAL B 148 -3.28 23.41 -30.92
N HIS B 149 -4.27 23.02 -31.74
CA HIS B 149 -5.02 21.76 -31.70
C HIS B 149 -4.64 21.01 -32.96
N VAL B 150 -4.09 19.81 -32.81
CA VAL B 150 -3.65 19.04 -33.98
C VAL B 150 -4.51 17.80 -34.20
N LEU B 151 -5.06 17.67 -35.37
CA LEU B 151 -5.80 16.48 -35.74
C LEU B 151 -4.83 15.37 -35.98
N ILE B 152 -5.19 14.17 -35.52
CA ILE B 152 -4.47 12.92 -35.80
C ILE B 152 -5.49 12.09 -36.55
N GLU B 153 -5.42 12.12 -37.89
CA GLU B 153 -6.43 11.47 -38.74
C GLU B 153 -5.85 10.86 -40.01
N THR B 154 -4.52 10.64 -40.02
CA THR B 154 -3.84 10.03 -41.16
C THR B 154 -2.90 9.00 -40.63
N HIS B 155 -2.39 8.14 -41.55
CA HIS B 155 -1.42 7.11 -41.18
C HIS B 155 -0.16 7.76 -40.63
N GLY B 156 0.34 8.74 -41.37
CA GLY B 156 1.56 9.46 -41.02
C GLY B 156 1.49 10.21 -39.71
N ALA B 157 0.37 10.92 -39.46
CA ALA B 157 0.21 11.64 -38.22
C ALA B 157 0.08 10.67 -37.03
N LEU B 158 -0.53 9.49 -37.24
CA LEU B 158 -0.61 8.51 -36.17
C LEU B 158 0.77 7.90 -35.92
N ARG B 159 1.45 7.51 -36.99
CA ARG B 159 2.80 6.95 -36.84
C ARG B 159 3.70 7.95 -36.09
N ASP B 160 3.57 9.27 -36.40
CA ASP B 160 4.38 10.36 -35.82
C ASP B 160 3.74 11.03 -34.61
N VAL B 161 2.69 10.45 -34.03
CA VAL B 161 1.95 11.07 -32.93
C VAL B 161 2.87 11.47 -31.74
N PHE B 162 3.88 10.67 -31.36
CA PHE B 162 4.75 10.99 -30.25
C PHE B 162 5.69 12.15 -30.58
N GLN B 163 6.07 12.28 -31.86
CA GLN B 163 6.90 13.38 -32.36
C GLN B 163 6.04 14.65 -32.44
N ILE B 164 4.80 14.53 -32.93
CA ILE B 164 3.84 15.65 -33.02
C ILE B 164 3.57 16.18 -31.59
N ALA B 165 3.32 15.30 -30.62
CA ALA B 165 3.01 15.69 -29.24
C ALA B 165 4.17 16.47 -28.55
N GLU B 166 5.37 16.38 -29.09
CA GLU B 166 6.53 17.08 -28.54
C GLU B 166 6.72 18.48 -29.15
N LEU B 167 5.93 18.81 -30.17
CA LEU B 167 6.01 20.10 -30.86
C LEU B 167 5.45 21.24 -29.99
N PRO B 168 5.97 22.47 -30.15
CA PRO B 168 5.55 23.55 -29.26
C PRO B 168 4.13 24.06 -29.45
N ASN B 169 3.54 24.53 -28.33
CA ASN B 169 2.24 25.20 -28.19
C ASN B 169 1.04 24.32 -28.49
N ILE B 170 1.20 22.99 -28.51
CA ILE B 170 0.05 22.11 -28.72
C ILE B 170 -0.61 21.91 -27.37
N GLU B 171 -1.93 22.13 -27.31
CA GLU B 171 -2.68 21.92 -26.08
CA GLU B 171 -2.73 21.96 -26.10
C GLU B 171 -3.73 20.81 -26.29
N VAL B 172 -4.06 20.46 -27.55
CA VAL B 172 -5.01 19.40 -27.87
C VAL B 172 -4.54 18.55 -29.05
N LEU B 173 -4.76 17.22 -28.95
CA LEU B 173 -4.62 16.25 -30.03
C LEU B 173 -6.03 15.77 -30.29
N ASP B 174 -6.53 15.97 -31.51
CA ASP B 174 -7.90 15.61 -31.89
C ASP B 174 -7.91 14.34 -32.70
N PHE B 175 -8.75 13.37 -32.32
CA PHE B 175 -8.87 12.15 -33.11
C PHE B 175 -9.87 12.31 -34.25
N GLY B 176 -9.41 12.18 -35.48
CA GLY B 176 -10.25 12.28 -36.67
C GLY B 176 -10.55 10.91 -37.22
N LEU B 177 -11.62 10.29 -36.71
CA LEU B 177 -12.05 8.93 -37.05
C LEU B 177 -12.34 8.74 -38.55
N MSE B 178 -13.19 9.63 -39.12
CA MSE B 178 -13.64 9.57 -40.51
CA MSE B 178 -13.65 9.69 -40.49
C MSE B 178 -12.48 9.56 -41.50
O MSE B 178 -12.42 8.63 -42.32
CB MSE B 178 -14.60 10.72 -40.82
CB MSE B 178 -14.37 11.06 -40.68
CG MSE B 178 -15.60 10.38 -41.92
CG MSE B 178 -15.27 11.52 -39.49
SE MSE B 178 -16.71 11.93 -42.28
SE MSE B 178 -14.50 12.11 -37.72
CE MSE B 178 -15.43 13.02 -43.30
CE MSE B 178 -16.08 11.59 -36.71
N ASP B 179 -11.59 10.54 -41.46
CA ASP B 179 -10.47 10.64 -42.38
C ASP B 179 -9.45 9.54 -42.13
N PHE B 180 -9.31 9.11 -40.87
CA PHE B 180 -8.40 8.03 -40.51
C PHE B 180 -8.85 6.72 -41.17
N VAL B 181 -10.15 6.39 -41.07
CA VAL B 181 -10.72 5.17 -41.64
C VAL B 181 -10.64 5.20 -43.17
N SER B 182 -10.88 6.37 -43.79
CA SER B 182 -10.89 6.54 -45.25
C SER B 182 -9.54 6.18 -45.90
N GLY B 183 -8.46 6.38 -45.16
CA GLY B 183 -7.11 6.06 -45.65
C GLY B 183 -6.72 4.60 -45.57
N HIS B 184 -7.64 3.72 -45.11
CA HIS B 184 -7.32 2.30 -44.90
C HIS B 184 -7.69 1.37 -46.06
N HIS B 185 -7.85 1.91 -47.31
CA HIS B 185 -8.13 1.12 -48.53
C HIS B 185 -9.27 0.10 -48.33
N GLY B 186 -10.32 0.52 -47.63
CA GLY B 186 -11.47 -0.30 -47.30
C GLY B 186 -11.26 -1.44 -46.33
N ALA B 187 -10.08 -1.50 -45.63
CA ALA B 187 -9.79 -2.58 -44.66
C ALA B 187 -10.56 -2.41 -43.38
N ILE B 188 -10.95 -1.18 -43.04
CA ILE B 188 -11.78 -0.88 -41.87
C ILE B 188 -13.20 -0.71 -42.40
N PRO B 189 -14.14 -1.61 -42.03
CA PRO B 189 -15.51 -1.49 -42.56
C PRO B 189 -16.23 -0.27 -42.00
N ALA B 190 -17.30 0.17 -42.70
CA ALA B 190 -18.11 1.33 -42.37
C ALA B 190 -18.74 1.22 -40.98
N ALA B 191 -19.13 0.00 -40.57
CA ALA B 191 -19.73 -0.30 -39.25
C ALA B 191 -18.80 0.11 -38.07
N ALA B 192 -17.47 0.16 -38.32
CA ALA B 192 -16.46 0.52 -37.33
C ALA B 192 -16.33 2.03 -37.21
N MSE B 193 -16.97 2.79 -38.12
CA MSE B 193 -16.98 4.24 -38.03
C MSE B 193 -18.10 4.77 -37.12
O MSE B 193 -18.23 5.97 -36.93
CB MSE B 193 -17.12 4.86 -39.40
CG MSE B 193 -15.80 5.22 -39.96
SE MSE B 193 -16.03 6.47 -41.34
CE MSE B 193 -16.71 5.23 -42.74
N ARG B 194 -18.93 3.85 -36.60
CA ARG B 194 -20.05 4.09 -35.68
C ARG B 194 -19.77 3.30 -34.38
N SER B 195 -20.50 3.61 -33.29
CA SER B 195 -20.37 2.85 -32.04
C SER B 195 -21.11 1.50 -32.19
N PRO B 196 -20.64 0.37 -31.62
CA PRO B 196 -19.49 0.22 -30.71
C PRO B 196 -18.12 -0.03 -31.39
N GLY B 197 -18.14 -0.22 -32.72
CA GLY B 197 -16.96 -0.50 -33.53
C GLY B 197 -15.80 0.46 -33.38
N GLN B 198 -16.09 1.76 -33.22
CA GLN B 198 -15.05 2.77 -33.07
C GLN B 198 -14.26 2.61 -31.73
N PHE B 199 -14.74 1.79 -30.79
CA PHE B 199 -14.06 1.57 -29.52
C PHE B 199 -13.61 0.11 -29.45
N GLU B 200 -13.83 -0.65 -30.55
CA GLU B 200 -13.55 -2.07 -30.49
C GLU B 200 -12.67 -2.60 -31.61
N HIS B 201 -12.73 -2.01 -32.80
CA HIS B 201 -11.89 -2.44 -33.92
C HIS B 201 -10.42 -2.25 -33.52
N ALA B 202 -9.60 -3.32 -33.66
CA ALA B 202 -8.20 -3.36 -33.27
C ALA B 202 -7.39 -2.17 -33.78
N LEU B 203 -7.65 -1.70 -35.01
CA LEU B 203 -6.92 -0.56 -35.57
C LEU B 203 -7.36 0.75 -34.96
N LEU B 204 -8.64 0.84 -34.59
CA LEU B 204 -9.18 2.07 -34.01
C LEU B 204 -8.85 2.17 -32.52
N VAL B 205 -8.84 1.02 -31.80
CA VAL B 205 -8.43 0.96 -30.40
C VAL B 205 -6.96 1.40 -30.33
N ARG B 206 -6.13 0.84 -31.23
CA ARG B 206 -4.70 1.10 -31.34
C ARG B 206 -4.44 2.57 -31.60
N ALA B 207 -5.13 3.14 -32.59
CA ALA B 207 -5.01 4.54 -32.98
C ALA B 207 -5.43 5.47 -31.84
N LYS B 208 -6.62 5.25 -31.26
CA LYS B 208 -7.14 6.07 -30.15
C LYS B 208 -6.22 6.01 -28.94
N ALA B 209 -5.81 4.79 -28.53
CA ALA B 209 -4.95 4.59 -27.38
C ALA B 209 -3.57 5.22 -27.60
N ASP B 210 -3.00 5.12 -28.81
CA ASP B 210 -1.71 5.75 -29.13
C ASP B 210 -1.79 7.25 -29.02
N MSE B 211 -2.86 7.83 -29.57
CA MSE B 211 -3.05 9.27 -29.55
C MSE B 211 -3.15 9.82 -28.16
O MSE B 211 -2.48 10.82 -27.88
CB MSE B 211 -4.29 9.67 -30.32
CG MSE B 211 -4.11 11.02 -30.97
SE MSE B 211 -5.74 12.00 -31.11
CE MSE B 211 -6.23 12.09 -29.25
N VAL B 212 -3.99 9.16 -27.30
CA VAL B 212 -4.23 9.53 -25.91
C VAL B 212 -2.92 9.39 -25.14
N ALA B 213 -2.19 8.27 -25.32
CA ALA B 213 -0.92 8.03 -24.65
C ALA B 213 0.12 9.12 -24.98
N ALA B 214 0.20 9.54 -26.25
CA ALA B 214 1.11 10.58 -26.72
C ALA B 214 0.74 11.94 -26.14
N ALA B 215 -0.56 12.25 -26.10
CA ALA B 215 -1.09 13.51 -25.60
C ALA B 215 -0.81 13.66 -24.11
N LEU B 216 -1.26 12.67 -23.33
CA LEU B 216 -1.10 12.68 -21.88
C LEU B 216 0.38 12.64 -21.47
N ALA B 217 1.23 11.96 -22.26
CA ALA B 217 2.67 11.91 -21.99
C ALA B 217 3.32 13.27 -22.11
N ASN B 218 2.69 14.19 -22.83
CA ASN B 218 3.26 15.51 -23.12
C ASN B 218 2.41 16.68 -22.62
N GLY B 219 1.57 16.44 -21.63
CA GLY B 219 0.72 17.46 -21.03
C GLY B 219 -0.28 18.06 -21.99
N ILE B 220 -0.83 17.22 -22.91
CA ILE B 220 -1.74 17.65 -23.94
C ILE B 220 -3.07 16.97 -23.71
N VAL B 221 -4.17 17.69 -23.92
CA VAL B 221 -5.51 17.15 -23.77
C VAL B 221 -5.87 16.28 -25.00
N PRO B 222 -6.26 15.01 -24.81
CA PRO B 222 -6.72 14.21 -25.97
C PRO B 222 -8.22 14.44 -26.19
N ALA B 223 -8.61 14.78 -27.42
CA ALA B 223 -10.02 15.05 -27.76
C ALA B 223 -10.56 14.02 -28.74
N HIS B 224 -11.81 13.63 -28.50
CA HIS B 224 -12.51 12.60 -29.24
C HIS B 224 -13.36 13.18 -30.37
N ASN B 225 -13.56 12.36 -31.41
CA ASN B 225 -14.37 12.65 -32.59
C ASN B 225 -15.84 12.78 -32.18
N VAL B 226 -16.64 13.40 -33.04
CA VAL B 226 -18.08 13.63 -32.81
C VAL B 226 -18.89 12.34 -32.69
N CYS B 227 -20.09 12.47 -32.14
CA CYS B 227 -21.07 11.40 -32.18
C CYS B 227 -21.92 11.70 -33.40
N LEU B 228 -22.20 10.69 -34.24
CA LEU B 228 -22.98 10.89 -35.47
C LEU B 228 -24.48 11.06 -35.19
N ASN B 229 -24.92 10.67 -33.98
CA ASN B 229 -26.29 10.90 -33.51
C ASN B 229 -26.35 12.34 -33.00
N LEU B 230 -27.14 13.17 -33.68
CA LEU B 230 -27.20 14.60 -33.40
C LEU B 230 -28.10 15.01 -32.24
N LYS B 231 -29.18 14.28 -31.97
CA LYS B 231 -30.14 14.73 -30.95
C LYS B 231 -30.41 13.75 -29.78
N ASP B 232 -30.08 12.45 -29.93
CA ASP B 232 -30.33 11.49 -28.83
C ASP B 232 -29.26 11.64 -27.75
N ALA B 233 -29.61 12.32 -26.63
CA ALA B 233 -28.71 12.61 -25.51
C ALA B 233 -28.06 11.36 -24.92
N GLU B 234 -28.82 10.26 -24.79
CA GLU B 234 -28.33 8.99 -24.23
C GLU B 234 -27.19 8.37 -25.09
N VAL B 235 -27.29 8.47 -26.44
CA VAL B 235 -26.32 7.93 -27.40
C VAL B 235 -25.05 8.80 -27.38
N ILE B 236 -25.24 10.14 -27.33
CA ILE B 236 -24.13 11.10 -27.27
C ILE B 236 -23.35 10.88 -25.95
N ALA B 237 -24.08 10.81 -24.81
CA ALA B 237 -23.51 10.58 -23.49
C ALA B 237 -22.73 9.25 -23.46
N SER B 238 -23.28 8.19 -24.09
CA SER B 238 -22.65 6.87 -24.15
C SER B 238 -21.28 6.93 -24.85
N ASP B 239 -21.19 7.63 -26.01
CA ASP B 239 -19.94 7.82 -26.74
C ASP B 239 -18.93 8.61 -25.90
N ALA B 240 -19.36 9.71 -25.28
CA ALA B 240 -18.52 10.55 -24.43
C ALA B 240 -18.02 9.76 -23.20
N CYS B 241 -18.87 8.89 -22.61
CA CYS B 241 -18.50 8.05 -21.47
C CYS B 241 -17.48 6.98 -21.86
N ARG B 242 -17.70 6.27 -23.00
CA ARG B 242 -16.75 5.25 -23.48
C ARG B 242 -15.39 5.89 -23.77
N ALA B 243 -15.40 7.04 -24.48
CA ALA B 243 -14.20 7.82 -24.79
C ALA B 243 -13.45 8.28 -23.50
N ARG B 244 -14.21 8.71 -22.49
CA ARG B 244 -13.66 9.21 -21.22
CA ARG B 244 -13.71 9.22 -21.21
C ARG B 244 -13.19 8.11 -20.30
N ASN B 245 -13.99 7.04 -20.10
CA ASN B 245 -13.67 5.98 -19.15
C ASN B 245 -12.90 4.79 -19.69
N GLU B 246 -12.93 4.53 -21.01
CA GLU B 246 -12.23 3.37 -21.55
C GLU B 246 -10.96 3.75 -22.31
N PHE B 247 -10.86 5.03 -22.78
CA PHE B 247 -9.71 5.45 -23.57
C PHE B 247 -8.90 6.61 -22.98
N GLY B 248 -9.49 7.44 -22.13
CA GLY B 248 -8.74 8.54 -21.54
C GLY B 248 -8.89 9.87 -22.22
N PHE B 249 -9.94 10.03 -23.03
CA PHE B 249 -10.23 11.30 -23.69
C PHE B 249 -10.81 12.26 -22.66
N LEU B 250 -10.44 13.53 -22.75
CA LEU B 250 -10.81 14.55 -21.76
C LEU B 250 -11.61 15.68 -22.39
N ARG B 251 -11.93 15.51 -23.67
CA ARG B 251 -12.63 16.48 -24.50
C ARG B 251 -13.27 15.75 -25.67
N MSE B 252 -14.32 16.35 -26.23
CA MSE B 252 -15.02 15.77 -27.35
C MSE B 252 -15.68 16.83 -28.20
O MSE B 252 -16.27 17.78 -27.67
CB MSE B 252 -16.06 14.75 -26.88
CG MSE B 252 -16.83 14.08 -28.02
SE MSE B 252 -17.63 12.48 -27.40
CE MSE B 252 -19.08 12.36 -28.66
N TRP B 253 -15.60 16.64 -29.53
CA TRP B 253 -16.18 17.53 -30.51
C TRP B 253 -17.69 17.43 -30.55
N SER B 254 -18.34 18.54 -30.91
CA SER B 254 -19.78 18.64 -31.09
C SER B 254 -20.08 19.29 -32.45
N ILE B 255 -21.09 18.78 -33.15
CA ILE B 255 -21.49 19.33 -34.45
C ILE B 255 -22.94 19.82 -34.40
N TYR B 256 -23.64 19.53 -33.30
CA TYR B 256 -25.03 19.95 -33.10
C TYR B 256 -25.22 20.41 -31.65
N PRO B 257 -25.89 21.57 -31.40
CA PRO B 257 -25.99 22.09 -30.03
C PRO B 257 -26.51 21.11 -28.97
N ALA B 258 -27.39 20.19 -29.37
CA ALA B 258 -28.00 19.19 -28.49
C ALA B 258 -26.93 18.22 -27.93
N GLN B 259 -25.77 18.16 -28.57
CA GLN B 259 -24.67 17.29 -28.17
C GLN B 259 -23.81 17.86 -27.01
N ILE B 260 -23.82 19.20 -26.77
CA ILE B 260 -22.99 19.91 -25.79
C ILE B 260 -23.20 19.44 -24.33
N GLN B 261 -24.40 19.64 -23.77
CA GLN B 261 -24.70 19.25 -22.39
C GLN B 261 -24.41 17.73 -22.16
N PRO B 262 -24.83 16.75 -23.03
CA PRO B 262 -24.46 15.35 -22.78
C PRO B 262 -22.94 15.13 -22.72
N ILE B 263 -22.15 15.83 -23.57
CA ILE B 263 -20.69 15.70 -23.58
C ILE B 263 -20.10 16.29 -22.28
N VAL B 264 -20.49 17.52 -21.91
CA VAL B 264 -20.00 18.21 -20.70
C VAL B 264 -20.30 17.35 -19.47
N ASN B 265 -21.57 16.90 -19.31
CA ASN B 265 -22.01 16.11 -18.17
C ASN B 265 -21.31 14.74 -18.10
N ALA B 266 -21.05 14.08 -19.25
CA ALA B 266 -20.33 12.80 -19.27
C ALA B 266 -18.88 12.96 -18.83
N MSE B 267 -18.28 14.12 -19.11
CA MSE B 267 -16.88 14.45 -18.79
C MSE B 267 -16.69 15.04 -17.39
O MSE B 267 -15.54 15.16 -16.96
CB MSE B 267 -16.35 15.44 -19.81
CG MSE B 267 -16.26 14.89 -21.20
SE MSE B 267 -14.71 13.86 -21.42
CE MSE B 267 -15.08 13.25 -23.24
N ARG B 268 -17.77 15.43 -16.71
CA ARG B 268 -17.74 16.04 -15.38
C ARG B 268 -17.21 15.12 -14.28
N PRO B 269 -16.47 15.65 -13.29
CA PRO B 269 -16.08 14.82 -12.14
C PRO B 269 -17.31 14.58 -11.25
N ASP B 270 -17.31 13.49 -10.46
CA ASP B 270 -18.41 13.14 -9.54
C ASP B 270 -18.60 14.29 -8.52
N PHE B 271 -19.86 14.62 -8.17
CA PHE B 271 -20.19 15.68 -7.20
C PHE B 271 -19.48 15.49 -5.85
N THR B 272 -19.44 14.24 -5.33
CA THR B 272 -18.80 13.92 -4.05
C THR B 272 -17.28 14.03 -4.17
N GLU B 273 -16.73 13.69 -5.35
CA GLU B 273 -15.31 13.76 -5.66
C GLU B 273 -14.80 15.21 -5.58
N VAL B 274 -15.57 16.19 -6.11
CA VAL B 274 -15.21 17.61 -6.09
C VAL B 274 -15.36 18.18 -4.66
N GLU B 275 -16.37 17.70 -3.89
CA GLU B 275 -16.60 18.09 -2.51
C GLU B 275 -15.37 17.73 -1.67
N ASP B 276 -14.85 16.51 -1.86
CA ASP B 276 -13.67 15.96 -1.18
C ASP B 276 -12.41 16.70 -1.62
N ALA B 277 -12.27 16.97 -2.94
CA ALA B 277 -11.13 17.67 -3.56
C ALA B 277 -10.94 19.08 -2.97
N ALA B 278 -12.04 19.79 -2.68
CA ALA B 278 -12.02 21.12 -2.09
C ALA B 278 -11.62 21.08 -0.61
N GLY B 279 -12.07 20.04 0.09
CA GLY B 279 -11.77 19.81 1.50
C GLY B 279 -10.31 19.50 1.75
N ILE B 280 -9.73 18.60 0.94
CA ILE B 280 -8.32 18.20 1.00
C ILE B 280 -7.45 19.43 0.77
N LEU B 281 -7.74 20.18 -0.31
CA LEU B 281 -7.03 21.38 -0.70
C LEU B 281 -7.14 22.53 0.33
N VAL B 282 -8.22 22.57 1.14
CA VAL B 282 -8.41 23.56 2.23
C VAL B 282 -7.22 23.49 3.23
N ALA B 283 -6.50 22.33 3.29
CA ALA B 283 -5.25 22.00 4.03
C ALA B 283 -4.71 23.17 4.85
N TYR B 304 -3.61 15.96 -3.25
CA TYR B 304 -3.08 17.18 -3.88
C TYR B 304 -2.60 16.88 -5.31
N ARG B 305 -2.38 17.93 -6.12
CA ARG B 305 -2.04 17.94 -7.56
C ARG B 305 -3.19 17.29 -8.36
N TYR B 306 -3.63 16.08 -7.92
CA TYR B 306 -4.75 15.34 -8.50
C TYR B 306 -6.05 16.05 -8.15
N PHE B 307 -6.29 16.30 -6.84
CA PHE B 307 -7.46 16.96 -6.33
C PHE B 307 -7.57 18.39 -6.90
N TRP B 308 -6.43 19.04 -7.22
CA TRP B 308 -6.42 20.39 -7.83
C TRP B 308 -6.91 20.31 -9.26
N GLU B 309 -6.55 19.22 -9.97
CA GLU B 309 -6.95 18.94 -11.35
C GLU B 309 -8.48 18.74 -11.41
N VAL B 310 -9.02 17.99 -10.41
CA VAL B 310 -10.45 17.69 -10.24
C VAL B 310 -11.23 19.00 -10.02
N LEU B 311 -10.74 19.89 -9.13
CA LEU B 311 -11.40 21.16 -8.82
C LEU B 311 -11.39 22.08 -10.04
N GLN B 312 -10.32 22.05 -10.82
CA GLN B 312 -10.18 22.86 -12.04
C GLN B 312 -11.12 22.34 -13.13
N LYS B 313 -11.24 21.00 -13.23
CA LYS B 313 -12.14 20.30 -14.17
C LYS B 313 -13.60 20.67 -13.83
N ALA B 314 -13.94 20.69 -12.53
CA ALA B 314 -15.26 21.07 -12.02
C ALA B 314 -15.66 22.49 -12.45
N LYS B 315 -14.72 23.47 -12.34
CA LYS B 315 -14.98 24.85 -12.75
C LYS B 315 -15.20 24.92 -14.26
N VAL B 316 -14.31 24.32 -15.07
CA VAL B 316 -14.37 24.32 -16.55
C VAL B 316 -15.64 23.61 -17.09
N THR B 317 -16.19 22.62 -16.35
CA THR B 317 -17.40 21.88 -16.75
C THR B 317 -18.67 22.48 -16.10
N GLY B 318 -18.57 23.71 -15.62
CA GLY B 318 -19.68 24.49 -15.07
C GLY B 318 -20.32 24.02 -13.78
N MSE B 319 -19.58 23.26 -12.97
CA MSE B 319 -20.09 22.79 -11.67
C MSE B 319 -19.77 23.82 -10.62
O MSE B 319 -18.90 24.66 -10.83
CB MSE B 319 -19.46 21.44 -11.28
CG MSE B 319 -19.86 20.28 -12.17
SE MSE B 319 -18.73 18.71 -11.80
CE MSE B 319 -19.67 18.11 -10.14
N ALA B 320 -20.49 23.76 -9.49
CA ALA B 320 -20.28 24.67 -8.37
C ALA B 320 -19.05 24.21 -7.58
N VAL B 321 -18.08 25.10 -7.42
CA VAL B 321 -16.88 24.79 -6.64
C VAL B 321 -17.13 25.30 -5.21
N PRO B 322 -16.91 24.46 -4.17
CA PRO B 322 -17.16 24.93 -2.80
C PRO B 322 -16.20 26.03 -2.36
N HIS C 7 -8.10 8.54 -69.74
CA HIS C 7 -9.43 7.95 -69.81
C HIS C 7 -9.57 6.70 -68.88
N PRO C 8 -8.61 5.70 -68.78
CA PRO C 8 -8.83 4.56 -67.84
C PRO C 8 -8.72 4.95 -66.36
N ASN C 9 -9.46 4.23 -65.50
CA ASN C 9 -9.52 4.42 -64.06
C ASN C 9 -8.11 4.36 -63.40
N ASP C 10 -7.20 3.55 -63.95
CA ASP C 10 -5.82 3.45 -63.45
C ASP C 10 -4.96 4.66 -63.85
N ALA C 11 -5.06 5.13 -65.11
CA ALA C 11 -4.29 6.28 -65.59
C ALA C 11 -4.85 7.63 -65.05
N LEU C 12 -6.11 7.66 -64.59
CA LEU C 12 -6.75 8.85 -64.05
C LEU C 12 -6.36 9.15 -62.57
N PHE C 13 -5.85 8.16 -61.80
CA PHE C 13 -5.44 8.39 -60.40
C PHE C 13 -3.97 7.99 -60.18
N ALA C 14 -3.05 8.95 -60.42
CA ALA C 14 -1.60 8.73 -60.27
C ALA C 14 -0.81 9.96 -59.73
N GLY C 15 -1.13 10.33 -58.48
CA GLY C 15 -0.47 11.35 -57.69
C GLY C 15 0.11 10.64 -56.47
N GLU C 16 -0.40 9.40 -56.25
CA GLU C 16 -0.11 8.41 -55.22
C GLU C 16 0.20 7.05 -55.87
N LYS C 17 0.70 6.07 -55.09
CA LYS C 17 0.96 4.71 -55.58
C LYS C 17 -0.35 3.92 -55.49
N SER C 18 -0.65 3.11 -56.51
CA SER C 18 -1.88 2.30 -56.52
C SER C 18 -1.75 1.12 -55.55
N PHE C 19 -2.81 0.87 -54.73
CA PHE C 19 -2.86 -0.26 -53.78
C PHE C 19 -2.83 -1.59 -54.55
N PRO C 20 -2.03 -2.60 -54.12
CA PRO C 20 -1.98 -3.84 -54.91
C PRO C 20 -3.28 -4.62 -54.84
N VAL C 21 -3.73 -5.12 -56.00
CA VAL C 21 -4.95 -5.92 -56.06
C VAL C 21 -4.53 -7.36 -56.10
N LEU C 22 -4.57 -7.98 -54.91
CA LEU C 22 -4.14 -9.35 -54.78
C LEU C 22 -5.26 -10.20 -54.30
N ALA C 23 -5.19 -11.48 -54.67
CA ALA C 23 -6.11 -12.54 -54.29
C ALA C 23 -6.20 -12.58 -52.78
N ALA C 24 -7.40 -12.85 -52.29
CA ALA C 24 -7.70 -12.94 -50.85
C ALA C 24 -7.01 -14.12 -50.17
N CYS C 25 -6.57 -15.09 -50.98
CA CYS C 25 -6.00 -16.33 -50.47
C CYS C 25 -4.67 -16.67 -51.11
N GLU C 26 -3.79 -17.23 -50.29
CA GLU C 26 -2.46 -17.66 -50.71
C GLU C 26 -2.25 -19.09 -50.23
N HIS C 27 -2.27 -20.03 -51.16
CA HIS C 27 -2.16 -21.46 -50.85
C HIS C 27 -0.71 -21.94 -50.94
N PHE C 28 -0.24 -22.64 -49.89
CA PHE C 28 1.10 -23.20 -49.84
C PHE C 28 1.11 -24.65 -50.25
N ALA C 29 2.17 -25.06 -50.99
CA ALA C 29 2.44 -26.42 -51.51
C ALA C 29 3.96 -26.58 -51.59
N GLY C 30 4.47 -27.63 -50.96
CA GLY C 30 5.91 -27.88 -50.85
C GLY C 30 6.46 -28.94 -51.76
N SER C 31 5.62 -29.83 -52.30
CA SER C 31 6.05 -30.88 -53.21
C SER C 31 5.64 -30.58 -54.64
N GLU C 32 6.33 -31.18 -55.62
CA GLU C 32 6.01 -31.03 -57.05
C GLU C 32 4.54 -31.43 -57.35
N LYS C 33 4.09 -32.57 -56.77
CA LYS C 33 2.74 -33.10 -56.89
C LYS C 33 1.70 -32.06 -56.41
N LEU C 34 1.88 -31.57 -55.16
CA LEU C 34 0.96 -30.60 -54.58
C LEU C 34 1.03 -29.23 -55.26
N ILE C 35 2.21 -28.81 -55.79
CA ILE C 35 2.35 -27.56 -56.53
C ILE C 35 1.52 -27.69 -57.84
N GLY C 36 1.71 -28.82 -58.55
CA GLY C 36 0.98 -29.16 -59.75
C GLY C 36 -0.51 -29.07 -59.53
N LYS C 37 -1.02 -29.81 -58.52
CA LYS C 37 -2.45 -29.86 -58.13
C LYS C 37 -3.02 -28.46 -57.82
N ALA C 38 -2.24 -27.61 -57.09
CA ALA C 38 -2.62 -26.25 -56.72
C ALA C 38 -2.72 -25.37 -57.97
N MSE C 39 -1.78 -25.55 -58.93
CA MSE C 39 -1.79 -24.82 -60.21
C MSE C 39 -2.99 -25.22 -61.01
O MSE C 39 -3.64 -24.35 -61.57
CB MSE C 39 -0.53 -25.06 -61.02
CG MSE C 39 0.66 -24.27 -60.50
SE MSE C 39 2.27 -24.88 -61.38
CE MSE C 39 3.55 -23.59 -60.52
N ASP C 40 -3.33 -26.52 -61.01
CA ASP C 40 -4.54 -27.07 -61.69
C ASP C 40 -5.82 -26.57 -61.03
N LEU C 41 -5.79 -26.36 -59.69
CA LEU C 41 -6.94 -25.89 -58.94
C LEU C 41 -7.19 -24.40 -59.26
N GLN C 42 -6.10 -23.62 -59.63
CA GLN C 42 -6.22 -22.23 -60.07
C GLN C 42 -6.94 -22.20 -61.42
N VAL C 43 -6.77 -23.25 -62.24
CA VAL C 43 -7.42 -23.35 -63.54
C VAL C 43 -8.90 -23.64 -63.30
N GLU C 44 -9.19 -24.50 -62.32
CA GLU C 44 -10.55 -24.91 -61.96
C GLU C 44 -11.35 -23.76 -61.31
N TYR C 45 -10.75 -23.09 -60.33
CA TYR C 45 -11.38 -22.04 -59.55
C TYR C 45 -11.24 -20.65 -60.14
N GLY C 46 -10.19 -20.45 -60.91
CA GLY C 46 -9.80 -19.16 -61.44
C GLY C 46 -8.73 -18.64 -60.49
N PRO C 47 -7.92 -17.62 -60.89
CA PRO C 47 -6.83 -17.17 -60.00
C PRO C 47 -7.35 -16.38 -58.76
N VAL C 48 -8.33 -16.96 -58.04
CA VAL C 48 -8.92 -16.43 -56.78
C VAL C 48 -7.96 -16.63 -55.64
N PHE C 49 -6.92 -17.43 -55.87
CA PHE C 49 -5.86 -17.68 -54.90
C PHE C 49 -4.51 -17.77 -55.60
N ASP C 50 -3.45 -17.34 -54.89
CA ASP C 50 -2.08 -17.46 -55.35
C ASP C 50 -1.49 -18.76 -54.81
N VAL C 51 -0.44 -19.27 -55.44
CA VAL C 51 0.23 -20.48 -54.98
C VAL C 51 1.62 -20.11 -54.53
N THR C 52 2.00 -20.47 -53.31
CA THR C 52 3.37 -20.29 -52.86
C THR C 52 4.04 -21.64 -52.84
N CYS C 53 5.07 -21.78 -53.67
CA CYS C 53 5.91 -22.98 -53.71
C CYS C 53 6.86 -22.84 -52.58
N ASP C 54 6.62 -23.64 -51.57
CA ASP C 54 7.36 -23.56 -50.34
C ASP C 54 8.75 -24.22 -50.44
N CYS C 55 9.84 -23.46 -50.31
CA CYS C 55 11.22 -23.98 -50.29
C CYS C 55 11.57 -24.17 -48.86
N GLU C 56 11.38 -23.09 -48.06
CA GLU C 56 11.60 -22.96 -46.61
C GLU C 56 11.21 -24.22 -45.84
N ASP C 57 9.94 -24.67 -45.97
CA ASP C 57 9.45 -25.88 -45.31
C ASP C 57 9.58 -27.09 -46.24
N GLY C 58 9.36 -26.88 -47.55
CA GLY C 58 9.40 -27.92 -48.57
C GLY C 58 10.71 -28.69 -48.70
N ALA C 59 11.84 -27.96 -48.80
CA ALA C 59 13.19 -28.49 -49.01
C ALA C 59 13.70 -29.34 -47.83
N ALA C 60 14.27 -30.53 -48.18
CA ALA C 60 14.85 -31.50 -47.26
C ALA C 60 16.28 -31.10 -46.83
N ALA C 61 16.83 -31.79 -45.80
CA ALA C 61 18.15 -31.63 -45.15
C ALA C 61 19.24 -30.99 -46.02
N GLY C 62 19.54 -31.58 -47.17
CA GLY C 62 20.54 -31.07 -48.09
C GLY C 62 20.09 -31.10 -49.54
N GLN C 63 18.78 -30.97 -49.75
CA GLN C 63 18.12 -31.00 -51.05
C GLN C 63 17.69 -29.60 -51.50
N GLU C 64 18.24 -28.53 -50.88
CA GLU C 64 17.85 -27.13 -51.15
C GLU C 64 17.96 -26.75 -52.60
N ARG C 65 19.08 -27.08 -53.28
CA ARG C 65 19.28 -26.80 -54.70
C ARG C 65 18.25 -27.57 -55.54
N GLU C 66 18.14 -28.90 -55.33
CA GLU C 66 17.23 -29.78 -56.03
C GLU C 66 15.76 -29.30 -55.91
N HIS C 67 15.34 -28.88 -54.71
CA HIS C 67 13.99 -28.41 -54.43
C HIS C 67 13.73 -27.08 -55.10
N ALA C 68 14.70 -26.13 -55.05
CA ALA C 68 14.54 -24.82 -55.72
C ALA C 68 14.48 -25.00 -57.26
N GLU C 69 15.25 -25.96 -57.80
CA GLU C 69 15.25 -26.29 -59.23
C GLU C 69 13.89 -26.81 -59.67
N MSE C 70 13.25 -27.64 -58.83
CA MSE C 70 11.93 -28.17 -59.11
C MSE C 70 10.93 -26.99 -59.07
O MSE C 70 10.12 -26.87 -59.99
CB MSE C 70 11.57 -29.30 -58.09
CG MSE C 70 10.14 -29.81 -58.19
SE MSE C 70 8.87 -28.64 -57.28
CE MSE C 70 9.18 -29.17 -55.35
N VAL C 71 11.03 -26.11 -58.05
CA VAL C 71 10.13 -24.96 -57.89
C VAL C 71 10.23 -24.06 -59.14
N ALA C 72 11.45 -23.66 -59.53
CA ALA C 72 11.69 -22.84 -60.70
C ALA C 72 11.09 -23.46 -61.96
N ARG C 73 11.32 -24.78 -62.16
CA ARG C 73 10.80 -25.55 -63.29
C ARG C 73 9.26 -25.52 -63.31
N MSE C 74 8.62 -25.75 -62.17
CA MSE C 74 7.17 -25.77 -62.02
C MSE C 74 6.58 -24.40 -62.34
O MSE C 74 5.60 -24.32 -63.06
CB MSE C 74 6.78 -26.21 -60.59
CG MSE C 74 7.04 -27.71 -60.35
SE MSE C 74 6.14 -28.87 -61.65
CE MSE C 74 4.37 -28.79 -60.96
N ILE C 75 7.20 -23.32 -61.82
CA ILE C 75 6.74 -21.94 -62.01
C ILE C 75 6.90 -21.55 -63.52
N ALA C 76 7.97 -21.97 -64.16
CA ALA C 76 8.24 -21.68 -65.57
C ALA C 76 7.36 -22.49 -66.52
N SER C 77 6.88 -23.66 -66.07
CA SER C 77 6.15 -24.60 -66.91
C SER C 77 4.80 -24.11 -67.37
N ASP C 78 4.28 -24.77 -68.44
CA ASP C 78 2.98 -24.55 -69.07
C ASP C 78 1.84 -24.88 -68.09
N ARG C 79 2.14 -25.73 -67.08
CA ARG C 79 1.23 -26.12 -66.00
C ARG C 79 0.82 -24.88 -65.20
N ASN C 80 1.74 -23.91 -65.09
CA ASN C 80 1.49 -22.65 -64.41
C ASN C 80 0.81 -21.75 -65.42
N VAL C 81 -0.52 -21.88 -65.50
CA VAL C 81 -1.36 -21.18 -66.45
C VAL C 81 -1.57 -19.70 -66.10
N HIS C 82 -1.93 -19.41 -64.85
CA HIS C 82 -2.28 -18.05 -64.46
C HIS C 82 -1.10 -17.17 -64.02
N GLY C 83 0.08 -17.75 -63.87
CA GLY C 83 1.28 -17.01 -63.48
C GLY C 83 1.15 -16.41 -62.10
N ARG C 84 0.41 -17.09 -61.22
CA ARG C 84 0.09 -16.65 -59.85
C ARG C 84 0.68 -17.61 -58.85
N ALA C 85 1.91 -17.98 -59.14
CA ALA C 85 2.73 -18.89 -58.37
C ALA C 85 4.02 -18.19 -57.95
N GLY C 86 4.18 -17.99 -56.64
CA GLY C 86 5.36 -17.39 -56.03
C GLY C 86 6.14 -18.46 -55.29
N ALA C 87 7.21 -18.06 -54.60
CA ALA C 87 8.02 -19.02 -53.85
C ALA C 87 8.45 -18.48 -52.52
N ARG C 88 8.48 -19.32 -51.50
CA ARG C 88 9.01 -18.93 -50.21
C ARG C 88 10.41 -19.49 -50.16
N ILE C 89 11.41 -18.63 -50.09
CA ILE C 89 12.81 -18.99 -49.99
C ILE C 89 13.13 -19.19 -48.50
N HIS C 90 14.33 -19.61 -48.18
CA HIS C 90 14.81 -19.78 -46.81
C HIS C 90 15.05 -18.39 -46.14
N ASP C 91 15.11 -18.36 -44.80
CA ASP C 91 15.27 -17.13 -44.06
C ASP C 91 16.65 -16.45 -44.29
N PRO C 92 16.79 -15.14 -43.98
CA PRO C 92 18.07 -14.44 -44.25
C PRO C 92 19.31 -14.98 -43.53
N SER C 93 19.11 -15.84 -42.51
CA SER C 93 20.23 -16.41 -41.75
C SER C 93 20.59 -17.77 -42.29
N HIS C 94 19.72 -18.34 -43.12
CA HIS C 94 19.91 -19.64 -43.72
C HIS C 94 20.97 -19.56 -44.81
N PRO C 95 21.86 -20.59 -44.94
CA PRO C 95 22.92 -20.54 -45.99
C PRO C 95 22.42 -20.74 -47.43
N ALA C 96 21.15 -21.12 -47.64
CA ALA C 96 20.64 -21.39 -48.99
C ALA C 96 19.74 -20.26 -49.56
N TRP C 97 19.49 -19.18 -48.81
CA TRP C 97 18.53 -18.17 -49.30
C TRP C 97 18.96 -17.51 -50.63
N ARG C 98 20.24 -17.16 -50.80
CA ARG C 98 20.75 -16.53 -52.03
C ARG C 98 20.66 -17.50 -53.20
N GLN C 99 21.02 -18.78 -52.95
CA GLN C 99 20.95 -19.88 -53.92
C GLN C 99 19.49 -20.08 -54.36
N ASP C 100 18.53 -20.02 -53.43
CA ASP C 100 17.09 -20.12 -53.75
C ASP C 100 16.70 -19.01 -54.71
N VAL C 101 17.17 -17.79 -54.44
CA VAL C 101 16.89 -16.60 -55.26
C VAL C 101 17.52 -16.81 -56.64
N ASP C 102 18.83 -17.17 -56.69
CA ASP C 102 19.52 -17.42 -57.96
C ASP C 102 18.76 -18.42 -58.82
N ILE C 103 18.45 -19.61 -58.27
CA ILE C 103 17.78 -20.69 -59.00
C ILE C 103 16.36 -20.31 -59.43
N ILE C 104 15.55 -19.78 -58.50
CA ILE C 104 14.16 -19.48 -58.80
C ILE C 104 14.03 -18.26 -59.74
N VAL C 105 14.73 -17.16 -59.49
CA VAL C 105 14.59 -15.99 -60.34
C VAL C 105 15.10 -16.30 -61.76
N ASN C 106 16.28 -16.92 -61.88
CA ASN C 106 16.83 -17.23 -63.20
C ASN C 106 16.05 -18.33 -63.91
N GLY C 107 15.35 -19.14 -63.12
CA GLY C 107 14.62 -20.28 -63.66
C GLY C 107 13.16 -20.11 -63.97
N ALA C 108 12.48 -19.16 -63.30
CA ALA C 108 11.02 -19.02 -63.42
C ALA C 108 10.50 -18.61 -64.80
N GLY C 109 11.38 -18.42 -65.79
CA GLY C 109 11.01 -17.99 -67.14
C GLY C 109 10.19 -16.71 -67.18
N GLY C 110 10.42 -15.82 -66.19
CA GLY C 110 9.74 -14.54 -66.04
C GLY C 110 8.31 -14.64 -65.52
N ARG C 111 7.90 -15.81 -65.06
CA ARG C 111 6.55 -16.05 -64.58
C ARG C 111 6.42 -15.91 -63.05
N LEU C 112 7.55 -15.75 -62.32
CA LEU C 112 7.57 -15.63 -60.86
C LEU C 112 6.70 -14.48 -60.39
N ALA C 113 5.65 -14.78 -59.59
CA ALA C 113 4.68 -13.78 -59.14
C ALA C 113 5.24 -12.94 -57.97
N TYR C 114 6.00 -13.58 -57.06
CA TYR C 114 6.57 -12.96 -55.86
C TYR C 114 7.53 -13.90 -55.17
N ILE C 115 8.30 -13.34 -54.21
CA ILE C 115 9.17 -14.10 -53.34
C ILE C 115 8.72 -13.79 -51.92
N THR C 116 8.49 -14.85 -51.14
CA THR C 116 8.13 -14.76 -49.74
C THR C 116 9.41 -14.95 -48.94
N VAL C 117 9.72 -13.93 -48.11
CA VAL C 117 10.94 -13.89 -47.28
C VAL C 117 10.52 -14.17 -45.82
N PRO C 118 11.04 -15.26 -45.23
CA PRO C 118 10.63 -15.60 -43.88
C PRO C 118 11.63 -15.24 -42.79
N LYS C 119 11.15 -15.22 -41.53
CA LYS C 119 11.95 -15.13 -40.32
C LYS C 119 13.04 -14.04 -40.29
N ALA C 120 12.83 -12.89 -40.96
CA ALA C 120 13.82 -11.80 -40.84
C ALA C 120 13.74 -11.26 -39.43
N THR C 121 14.89 -10.93 -38.85
CA THR C 121 14.95 -10.48 -37.46
C THR C 121 15.14 -8.96 -37.37
N ASN C 122 15.27 -8.29 -38.52
CA ASN C 122 15.39 -6.84 -38.55
C ASN C 122 15.21 -6.31 -39.97
N SER C 123 15.04 -4.99 -40.05
CA SER C 123 14.85 -4.20 -41.24
C SER C 123 16.04 -4.39 -42.24
N GLY C 124 17.27 -4.46 -41.71
CA GLY C 124 18.49 -4.64 -42.48
C GLY C 124 18.55 -5.92 -43.28
N GLN C 125 18.14 -7.04 -42.66
CA GLN C 125 18.08 -8.35 -43.30
C GLN C 125 17.12 -8.30 -44.48
N VAL C 126 15.91 -7.70 -44.30
CA VAL C 126 14.87 -7.58 -45.32
C VAL C 126 15.40 -6.77 -46.51
N ALA C 127 15.97 -5.60 -46.21
CA ALA C 127 16.57 -4.70 -47.19
C ALA C 127 17.64 -5.41 -48.02
N GLU C 128 18.47 -6.24 -47.36
CA GLU C 128 19.57 -7.01 -47.99
C GLU C 128 19.02 -8.04 -48.98
N VAL C 129 17.94 -8.74 -48.59
CA VAL C 129 17.30 -9.79 -49.38
C VAL C 129 16.64 -9.14 -50.59
N ILE C 130 15.94 -7.99 -50.39
CA ILE C 130 15.24 -7.27 -51.46
C ILE C 130 16.23 -6.77 -52.52
N ARG C 131 17.35 -6.19 -52.05
CA ARG C 131 18.44 -5.69 -52.88
CA ARG C 131 18.40 -5.69 -52.93
C ARG C 131 19.03 -6.85 -53.71
N TYR C 132 19.21 -8.03 -53.08
CA TYR C 132 19.78 -9.19 -53.74
C TYR C 132 18.82 -9.71 -54.83
N ILE C 133 17.51 -9.83 -54.52
CA ILE C 133 16.44 -10.24 -55.46
C ILE C 133 16.44 -9.28 -56.65
N GLY C 134 16.56 -7.96 -56.40
CA GLY C 134 16.62 -6.92 -57.42
C GLY C 134 17.78 -7.11 -58.37
N ASP C 135 18.98 -7.41 -57.82
CA ASP C 135 20.19 -7.64 -58.61
C ASP C 135 20.02 -8.85 -59.53
N VAL C 136 19.51 -9.96 -58.98
CA VAL C 136 19.28 -11.21 -59.71
C VAL C 136 18.16 -10.99 -60.78
N ALA C 137 17.06 -10.27 -60.39
CA ALA C 137 15.94 -9.99 -61.30
C ALA C 137 16.40 -9.22 -62.55
N LYS C 138 17.16 -8.12 -62.36
CA LYS C 138 17.70 -7.31 -63.45
C LYS C 138 18.67 -8.14 -64.32
N ARG C 139 19.61 -8.94 -63.73
CA ARG C 139 20.54 -9.79 -64.49
C ARG C 139 19.80 -10.89 -65.29
N ALA C 140 18.61 -11.29 -64.83
CA ALA C 140 17.78 -12.29 -65.51
C ALA C 140 16.93 -11.66 -66.64
N GLY C 141 17.07 -10.37 -66.83
CA GLY C 141 16.35 -9.64 -67.86
C GLY C 141 14.92 -9.30 -67.55
N LEU C 142 14.57 -9.27 -66.28
CA LEU C 142 13.23 -8.90 -65.85
C LEU C 142 13.09 -7.38 -65.88
N ASP C 143 12.03 -6.86 -66.57
CA ASP C 143 11.77 -5.42 -66.68
CA ASP C 143 11.89 -5.38 -66.60
C ASP C 143 11.25 -4.87 -65.33
N LYS C 144 10.14 -5.49 -64.83
CA LYS C 144 9.53 -5.05 -63.59
C LYS C 144 10.17 -5.81 -62.42
N PRO C 145 10.34 -5.18 -61.24
CA PRO C 145 10.93 -5.91 -60.10
C PRO C 145 10.02 -7.00 -59.59
N VAL C 146 10.63 -8.05 -59.00
CA VAL C 146 9.90 -9.19 -58.42
C VAL C 146 9.25 -8.69 -57.11
N PRO C 147 7.91 -8.72 -56.98
CA PRO C 147 7.26 -8.29 -55.73
C PRO C 147 7.68 -9.17 -54.57
N VAL C 148 7.78 -8.61 -53.39
CA VAL C 148 8.23 -9.31 -52.20
C VAL C 148 7.11 -9.34 -51.14
N HIS C 149 7.01 -10.50 -50.46
CA HIS C 149 6.11 -10.78 -49.34
C HIS C 149 7.01 -11.00 -48.16
N VAL C 150 6.85 -10.20 -47.11
CA VAL C 150 7.75 -10.29 -45.95
C VAL C 150 6.98 -10.81 -44.74
N LEU C 151 7.51 -11.89 -44.14
CA LEU C 151 6.95 -12.41 -42.91
C LEU C 151 7.35 -11.55 -41.74
N ILE C 152 6.38 -11.18 -40.90
CA ILE C 152 6.58 -10.47 -39.63
C ILE C 152 6.29 -11.53 -38.60
N GLU C 153 7.36 -12.21 -38.13
CA GLU C 153 7.21 -13.33 -37.21
C GLU C 153 8.31 -13.41 -36.16
N THR C 154 9.01 -12.30 -35.94
CA THR C 154 10.07 -12.19 -34.94
C THR C 154 9.89 -10.91 -34.16
N HIS C 155 10.56 -10.79 -33.01
CA HIS C 155 10.54 -9.57 -32.19
C HIS C 155 11.11 -8.41 -32.99
N GLY C 156 12.27 -8.64 -33.62
CA GLY C 156 12.95 -7.62 -34.41
C GLY C 156 12.17 -7.14 -35.62
N ALA C 157 11.54 -8.07 -36.35
CA ALA C 157 10.73 -7.68 -37.51
C ALA C 157 9.47 -6.91 -37.07
N LEU C 158 8.90 -7.25 -35.90
CA LEU C 158 7.75 -6.51 -35.40
C LEU C 158 8.19 -5.13 -34.93
N ARG C 159 9.28 -5.06 -34.18
CA ARG C 159 9.84 -3.79 -33.74
C ARG C 159 10.10 -2.87 -34.96
N ASP C 160 10.65 -3.45 -36.05
CA ASP C 160 11.00 -2.74 -37.28
C ASP C 160 9.95 -2.76 -38.37
N VAL C 161 8.71 -3.16 -38.05
CA VAL C 161 7.63 -3.30 -39.04
C VAL C 161 7.40 -2.02 -39.90
N PHE C 162 7.44 -0.81 -39.28
CA PHE C 162 7.21 0.43 -40.03
C PHE C 162 8.39 0.76 -40.96
N GLN C 163 9.59 0.34 -40.58
CA GLN C 163 10.78 0.52 -41.39
C GLN C 163 10.77 -0.50 -42.55
N ILE C 164 10.39 -1.76 -42.25
CA ILE C 164 10.26 -2.82 -43.25
C ILE C 164 9.21 -2.41 -44.29
N ALA C 165 8.04 -1.91 -43.86
CA ALA C 165 6.95 -1.49 -44.75
C ALA C 165 7.35 -0.36 -45.72
N GLU C 166 8.43 0.36 -45.44
CA GLU C 166 8.90 1.43 -46.31
C GLU C 166 9.87 0.94 -47.38
N LEU C 167 10.32 -0.34 -47.27
CA LEU C 167 11.26 -0.91 -48.20
C LEU C 167 10.63 -1.12 -49.58
N PRO C 168 11.43 -1.03 -50.68
CA PRO C 168 10.85 -1.15 -52.02
C PRO C 168 10.40 -2.55 -52.40
N ASN C 169 9.41 -2.60 -53.30
CA ASN C 169 8.85 -3.81 -53.91
C ASN C 169 8.14 -4.75 -52.96
N ILE C 170 7.78 -4.32 -51.76
CA ILE C 170 6.99 -5.15 -50.84
C ILE C 170 5.53 -4.91 -51.20
N GLU C 171 4.79 -5.99 -51.40
CA GLU C 171 3.37 -5.87 -51.69
C GLU C 171 2.55 -6.57 -50.60
N VAL C 172 3.18 -7.45 -49.81
CA VAL C 172 2.52 -8.14 -48.71
C VAL C 172 3.40 -8.18 -47.45
N LEU C 173 2.77 -8.00 -46.27
CA LEU C 173 3.32 -8.26 -44.94
C LEU C 173 2.53 -9.43 -44.42
N ASP C 174 3.22 -10.55 -44.16
CA ASP C 174 2.58 -11.77 -43.68
C ASP C 174 2.73 -11.92 -42.21
N PHE C 175 1.66 -12.22 -41.50
CA PHE C 175 1.77 -12.45 -40.05
C PHE C 175 2.09 -13.93 -39.78
N GLY C 176 3.25 -14.18 -39.19
CA GLY C 176 3.70 -15.52 -38.84
C GLY C 176 3.46 -15.76 -37.37
N LEU C 177 2.24 -16.23 -37.02
CA LEU C 177 1.80 -16.46 -35.65
C LEU C 177 2.70 -17.48 -34.90
N MSE C 178 2.88 -18.66 -35.49
CA MSE C 178 3.63 -19.75 -34.86
C MSE C 178 5.07 -19.36 -34.49
O MSE C 178 5.45 -19.54 -33.33
CB MSE C 178 3.65 -20.99 -35.74
CG MSE C 178 4.05 -22.21 -34.95
SE MSE C 178 3.87 -23.82 -35.94
CE MSE C 178 2.86 -24.83 -34.51
N ASP C 179 5.86 -18.81 -35.43
CA ASP C 179 7.25 -18.43 -35.17
C ASP C 179 7.32 -17.24 -34.23
N PHE C 180 6.34 -16.36 -34.28
CA PHE C 180 6.25 -15.19 -33.42
C PHE C 180 6.05 -15.62 -31.98
N VAL C 181 5.11 -16.55 -31.74
CA VAL C 181 4.81 -17.09 -30.41
C VAL C 181 6.04 -17.87 -29.86
N SER C 182 6.72 -18.66 -30.70
CA SER C 182 7.89 -19.48 -30.29
C SER C 182 9.08 -18.61 -29.76
N GLY C 183 9.18 -17.37 -30.21
CA GLY C 183 10.21 -16.45 -29.72
C GLY C 183 9.90 -15.80 -28.39
N HIS C 184 8.75 -16.11 -27.77
CA HIS C 184 8.32 -15.47 -26.51
C HIS C 184 8.69 -16.25 -25.23
N HIS C 185 9.66 -17.20 -25.30
CA HIS C 185 10.18 -17.98 -24.16
C HIS C 185 9.03 -18.59 -23.31
N GLY C 186 8.01 -19.12 -24.00
CA GLY C 186 6.84 -19.71 -23.37
C GLY C 186 5.86 -18.76 -22.70
N ALA C 187 6.01 -17.41 -22.86
CA ALA C 187 5.12 -16.44 -22.21
C ALA C 187 3.75 -16.37 -22.85
N ILE C 188 3.67 -16.78 -24.14
CA ILE C 188 2.40 -16.86 -24.86
C ILE C 188 2.00 -18.34 -24.85
N PRO C 189 0.89 -18.71 -24.16
CA PRO C 189 0.50 -20.14 -24.09
C PRO C 189 0.03 -20.67 -25.45
N ALA C 190 0.03 -22.00 -25.60
CA ALA C 190 -0.35 -22.72 -26.82
C ALA C 190 -1.80 -22.43 -27.22
N ALA C 191 -2.70 -22.25 -26.23
CA ALA C 191 -4.13 -21.92 -26.44
C ALA C 191 -4.34 -20.61 -27.23
N ALA C 192 -3.35 -19.70 -27.17
CA ALA C 192 -3.37 -18.41 -27.86
C ALA C 192 -2.94 -18.58 -29.32
N MSE C 193 -2.40 -19.73 -29.70
CA MSE C 193 -2.00 -19.97 -31.07
C MSE C 193 -3.16 -20.44 -31.91
O MSE C 193 -3.01 -20.72 -33.10
CB MSE C 193 -0.86 -20.98 -31.11
CG MSE C 193 0.47 -20.31 -31.19
SE MSE C 193 1.67 -21.45 -32.06
CE MSE C 193 0.60 -21.78 -33.81
N ARG C 194 -4.34 -20.50 -31.30
CA ARG C 194 -5.58 -20.88 -31.98
C ARG C 194 -6.67 -19.89 -31.62
N SER C 195 -7.78 -19.96 -32.33
CA SER C 195 -8.93 -19.08 -32.09
C SER C 195 -9.69 -19.52 -30.84
N PRO C 196 -10.21 -18.58 -30.02
CA PRO C 196 -10.22 -17.10 -30.17
C PRO C 196 -8.98 -16.35 -29.62
N GLY C 197 -8.06 -17.07 -28.95
CA GLY C 197 -6.87 -16.49 -28.34
C GLY C 197 -5.94 -15.71 -29.26
N GLN C 198 -5.79 -16.16 -30.50
CA GLN C 198 -4.91 -15.51 -31.49
C GLN C 198 -5.46 -14.15 -31.93
N PHE C 199 -6.73 -13.86 -31.55
CA PHE C 199 -7.40 -12.60 -31.85
C PHE C 199 -7.64 -11.78 -30.59
N GLU C 200 -7.23 -12.30 -29.41
CA GLU C 200 -7.53 -11.70 -28.12
C GLU C 200 -6.35 -11.53 -27.16
N HIS C 201 -5.30 -12.38 -27.23
CA HIS C 201 -4.11 -12.24 -26.39
C HIS C 201 -3.48 -10.87 -26.69
N ALA C 202 -3.25 -10.07 -25.65
CA ALA C 202 -2.74 -8.71 -25.73
C ALA C 202 -1.50 -8.56 -26.63
N LEU C 203 -0.55 -9.53 -26.56
CA LEU C 203 0.65 -9.47 -27.37
C LEU C 203 0.36 -9.78 -28.84
N LEU C 204 -0.64 -10.64 -29.10
CA LEU C 204 -1.00 -11.04 -30.46
C LEU C 204 -1.85 -9.96 -31.11
N VAL C 205 -2.76 -9.33 -30.34
CA VAL C 205 -3.59 -8.22 -30.83
C VAL C 205 -2.66 -7.10 -31.23
N ARG C 206 -1.68 -6.78 -30.36
CA ARG C 206 -0.68 -5.74 -30.54
C ARG C 206 0.16 -6.00 -31.79
N ALA C 207 0.68 -7.21 -31.94
CA ALA C 207 1.50 -7.60 -33.06
C ALA C 207 0.71 -7.53 -34.39
N LYS C 208 -0.49 -8.16 -34.43
CA LYS C 208 -1.35 -8.15 -35.62
C LYS C 208 -1.76 -6.71 -36.01
N ALA C 209 -2.24 -5.92 -35.02
CA ALA C 209 -2.67 -4.55 -35.28
C ALA C 209 -1.49 -3.69 -35.78
N ASP C 210 -0.27 -3.86 -35.19
CA ASP C 210 0.91 -3.09 -35.63
C ASP C 210 1.28 -3.39 -37.07
N MSE C 211 1.27 -4.69 -37.43
CA MSE C 211 1.64 -5.09 -38.75
C MSE C 211 0.63 -4.58 -39.80
O MSE C 211 1.05 -4.10 -40.86
CB MSE C 211 1.81 -6.60 -38.81
CG MSE C 211 2.58 -7.06 -40.07
SE MSE C 211 2.04 -8.81 -40.72
CE MSE C 211 0.34 -8.40 -41.24
N VAL C 212 -0.69 -4.70 -39.50
CA VAL C 212 -1.74 -4.22 -40.42
C VAL C 212 -1.62 -2.70 -40.57
N ALA C 213 -1.43 -1.97 -39.46
CA ALA C 213 -1.25 -0.53 -39.46
C ALA C 213 -0.06 -0.12 -40.34
N ALA C 214 1.08 -0.85 -40.24
CA ALA C 214 2.31 -0.58 -41.00
C ALA C 214 2.11 -0.84 -42.49
N ALA C 215 1.43 -1.95 -42.81
CA ALA C 215 1.15 -2.38 -44.17
C ALA C 215 0.25 -1.39 -44.86
N LEU C 216 -0.92 -1.10 -44.25
CA LEU C 216 -1.90 -0.18 -44.81
C LEU C 216 -1.37 1.24 -44.90
N ALA C 217 -0.50 1.66 -43.98
CA ALA C 217 0.13 2.99 -44.02
C ALA C 217 1.03 3.14 -45.23
N ASN C 218 1.51 2.03 -45.80
CA ASN C 218 2.46 2.04 -46.91
C ASN C 218 1.94 1.37 -48.20
N GLY C 219 0.63 1.27 -48.34
CA GLY C 219 0.00 0.66 -49.52
C GLY C 219 0.41 -0.78 -49.73
N ILE C 220 0.53 -1.53 -48.63
CA ILE C 220 0.90 -2.94 -48.63
C ILE C 220 -0.29 -3.72 -48.12
N VAL C 221 -0.51 -4.90 -48.70
CA VAL C 221 -1.57 -5.79 -48.29
C VAL C 221 -1.14 -6.55 -47.00
N PRO C 222 -1.93 -6.46 -45.91
CA PRO C 222 -1.60 -7.28 -44.72
C PRO C 222 -2.23 -8.67 -44.86
N ALA C 223 -1.43 -9.76 -44.71
CA ALA C 223 -1.93 -11.12 -44.83
C ALA C 223 -1.90 -11.85 -43.50
N HIS C 224 -2.99 -12.60 -43.26
CA HIS C 224 -3.19 -13.33 -42.02
C HIS C 224 -2.64 -14.75 -42.11
N ASN C 225 -2.22 -15.31 -40.96
CA ASN C 225 -1.73 -16.69 -40.78
C ASN C 225 -2.87 -17.68 -41.06
N VAL C 226 -2.53 -18.95 -41.28
CA VAL C 226 -3.47 -20.03 -41.60
C VAL C 226 -4.46 -20.32 -40.46
N CYS C 227 -5.53 -21.02 -40.81
CA CYS C 227 -6.44 -21.59 -39.85
C CYS C 227 -5.92 -23.01 -39.62
N LEU C 228 -5.82 -23.45 -38.37
CA LEU C 228 -5.28 -24.80 -38.09
C LEU C 228 -6.34 -25.91 -38.38
N ASN C 229 -7.62 -25.51 -38.51
CA ASN C 229 -8.69 -26.40 -38.91
C ASN C 229 -8.63 -26.49 -40.43
N LEU C 230 -8.31 -27.68 -40.93
CA LEU C 230 -8.07 -27.89 -42.36
C LEU C 230 -9.30 -28.07 -43.21
N LYS C 231 -10.41 -28.64 -42.66
CA LYS C 231 -11.58 -28.96 -43.50
C LYS C 231 -12.92 -28.32 -43.07
N ASP C 232 -13.06 -27.85 -41.81
CA ASP C 232 -14.33 -27.26 -41.36
C ASP C 232 -14.45 -25.83 -41.89
N ALA C 233 -15.25 -25.66 -42.97
CA ALA C 233 -15.47 -24.38 -43.66
C ALA C 233 -15.94 -23.26 -42.73
N GLU C 234 -16.83 -23.55 -41.76
CA GLU C 234 -17.36 -22.57 -40.83
C GLU C 234 -16.28 -21.98 -39.91
N VAL C 235 -15.31 -22.83 -39.46
CA VAL C 235 -14.20 -22.43 -38.60
C VAL C 235 -13.19 -21.59 -39.40
N ILE C 236 -12.92 -22.01 -40.67
CA ILE C 236 -12.00 -21.31 -41.56
C ILE C 236 -12.59 -19.91 -41.87
N ALA C 237 -13.90 -19.86 -42.26
CA ALA C 237 -14.61 -18.63 -42.57
C ALA C 237 -14.59 -17.67 -41.37
N SER C 238 -14.79 -18.22 -40.15
CA SER C 238 -14.79 -17.45 -38.91
C SER C 238 -13.44 -16.75 -38.68
N ASP C 239 -12.32 -17.47 -38.86
CA ASP C 239 -10.97 -16.90 -38.73
C ASP C 239 -10.72 -15.81 -39.78
N ALA C 240 -11.10 -16.08 -41.06
CA ALA C 240 -10.97 -15.12 -42.15
C ALA C 240 -11.81 -13.87 -41.89
N CYS C 241 -13.03 -14.03 -41.36
CA CYS C 241 -13.91 -12.88 -41.03
C CYS C 241 -13.36 -12.06 -39.85
N ARG C 242 -12.81 -12.69 -38.79
CA ARG C 242 -12.25 -11.95 -37.64
C ARG C 242 -11.04 -11.16 -38.10
N ALA C 243 -10.16 -11.80 -38.91
CA ALA C 243 -8.96 -11.13 -39.41
C ALA C 243 -9.35 -9.98 -40.32
N ARG C 244 -10.35 -10.20 -41.18
CA ARG C 244 -10.83 -9.19 -42.11
C ARG C 244 -11.55 -8.02 -41.40
N ASN C 245 -12.54 -8.31 -40.55
CA ASN C 245 -13.38 -7.29 -39.95
C ASN C 245 -12.94 -6.71 -38.60
N GLU C 246 -12.06 -7.38 -37.84
CA GLU C 246 -11.62 -6.83 -36.56
C GLU C 246 -10.19 -6.29 -36.62
N PHE C 247 -9.37 -6.78 -37.57
CA PHE C 247 -7.98 -6.37 -37.65
C PHE C 247 -7.57 -5.67 -38.97
N GLY C 248 -8.33 -5.86 -40.05
CA GLY C 248 -8.02 -5.21 -41.32
C GLY C 248 -7.11 -5.98 -42.27
N PHE C 249 -7.06 -7.33 -42.10
CA PHE C 249 -6.31 -8.22 -43.00
C PHE C 249 -7.10 -8.33 -44.29
N LEU C 250 -6.40 -8.41 -45.44
CA LEU C 250 -7.03 -8.43 -46.76
C LEU C 250 -6.66 -9.67 -47.54
N ARG C 251 -5.91 -10.54 -46.88
CA ARG C 251 -5.42 -11.80 -47.44
C ARG C 251 -5.19 -12.77 -46.29
N MSE C 252 -5.17 -14.08 -46.62
CA MSE C 252 -4.92 -15.11 -45.64
C MSE C 252 -4.32 -16.30 -46.31
O MSE C 252 -4.78 -16.71 -47.39
CB MSE C 252 -6.21 -15.50 -44.92
CG MSE C 252 -5.98 -16.31 -43.68
SE MSE C 252 -7.61 -16.47 -42.71
CE MSE C 252 -7.29 -18.18 -41.85
N TRP C 253 -3.38 -16.95 -45.62
CA TRP C 253 -2.73 -18.16 -46.09
C TRP C 253 -3.66 -19.37 -45.99
N SER C 254 -3.42 -20.34 -46.87
CA SER C 254 -4.10 -21.62 -46.90
C SER C 254 -3.06 -22.74 -46.94
N ILE C 255 -3.29 -23.83 -46.21
CA ILE C 255 -2.39 -24.98 -46.21
C ILE C 255 -3.12 -26.23 -46.68
N TYR C 256 -4.44 -26.15 -46.88
CA TYR C 256 -5.25 -27.26 -47.35
C TYR C 256 -6.28 -26.72 -48.36
N PRO C 257 -6.50 -27.39 -49.51
CA PRO C 257 -7.40 -26.84 -50.53
C PRO C 257 -8.81 -26.48 -50.06
N ALA C 258 -9.33 -27.19 -49.05
CA ALA C 258 -10.67 -26.95 -48.51
C ALA C 258 -10.77 -25.56 -47.84
N GLN C 259 -9.63 -24.92 -47.54
CA GLN C 259 -9.59 -23.58 -46.89
C GLN C 259 -9.75 -22.42 -47.87
N ILE C 260 -9.47 -22.65 -49.19
CA ILE C 260 -9.46 -21.63 -50.24
C ILE C 260 -10.81 -20.91 -50.37
N GLN C 261 -11.88 -21.63 -50.77
CA GLN C 261 -13.18 -21.02 -50.96
C GLN C 261 -13.68 -20.30 -49.68
N PRO C 262 -13.62 -20.88 -48.44
CA PRO C 262 -14.06 -20.11 -47.25
C PRO C 262 -13.26 -18.81 -47.05
N ILE C 263 -11.94 -18.80 -47.35
CA ILE C 263 -11.12 -17.60 -47.21
C ILE C 263 -11.53 -16.57 -48.26
N VAL C 264 -11.63 -16.97 -49.55
CA VAL C 264 -12.01 -16.08 -50.66
C VAL C 264 -13.40 -15.43 -50.37
N ASN C 265 -14.40 -16.26 -50.01
CA ASN C 265 -15.76 -15.82 -49.76
C ASN C 265 -15.84 -14.89 -48.55
N ALA C 266 -15.07 -15.16 -47.49
CA ALA C 266 -15.06 -14.29 -46.29
C ALA C 266 -14.46 -12.90 -46.60
N MSE C 267 -13.51 -12.85 -47.55
CA MSE C 267 -12.79 -11.65 -47.96
C MSE C 267 -13.49 -10.87 -49.07
O MSE C 267 -13.08 -9.74 -49.33
CB MSE C 267 -11.42 -12.12 -48.43
CG MSE C 267 -10.29 -11.25 -48.03
SE MSE C 267 -9.89 -11.18 -46.20
CE MSE C 267 -8.98 -12.83 -45.89
N ARG C 268 -14.52 -11.45 -49.74
CA ARG C 268 -15.28 -10.83 -50.83
C ARG C 268 -16.04 -9.58 -50.46
N PRO C 269 -16.13 -8.56 -51.35
CA PRO C 269 -16.98 -7.39 -51.06
C PRO C 269 -18.45 -7.80 -51.23
N ASP C 270 -19.36 -7.09 -50.54
CA ASP C 270 -20.80 -7.33 -50.61
CA ASP C 270 -20.79 -7.36 -50.61
C ASP C 270 -21.28 -7.10 -52.05
N PHE C 271 -22.22 -7.93 -52.53
CA PHE C 271 -22.81 -7.85 -53.87
C PHE C 271 -23.35 -6.46 -54.20
N THR C 272 -24.07 -5.83 -53.26
CA THR C 272 -24.66 -4.49 -53.48
C THR C 272 -23.56 -3.42 -53.51
N GLU C 273 -22.49 -3.61 -52.72
CA GLU C 273 -21.35 -2.71 -52.65
C GLU C 273 -20.64 -2.62 -54.00
N VAL C 274 -20.45 -3.77 -54.69
CA VAL C 274 -19.79 -3.82 -56.00
C VAL C 274 -20.69 -3.24 -57.09
N GLU C 275 -22.01 -3.45 -56.96
CA GLU C 275 -23.00 -2.92 -57.89
C GLU C 275 -22.93 -1.40 -57.90
N ASP C 276 -22.87 -0.80 -56.70
CA ASP C 276 -22.77 0.65 -56.48
C ASP C 276 -21.42 1.18 -56.96
N ALA C 277 -20.32 0.46 -56.65
CA ALA C 277 -18.95 0.83 -57.01
C ALA C 277 -18.78 0.96 -58.54
N ALA C 278 -19.45 0.07 -59.32
CA ALA C 278 -19.41 0.08 -60.79
C ALA C 278 -20.17 1.28 -61.34
N GLY C 279 -21.29 1.62 -60.70
CA GLY C 279 -22.16 2.73 -61.07
C GLY C 279 -21.51 4.08 -60.87
N ILE C 280 -20.87 4.28 -59.69
CA ILE C 280 -20.16 5.51 -59.34
C ILE C 280 -19.02 5.73 -60.34
N LEU C 281 -18.22 4.69 -60.56
CA LEU C 281 -17.07 4.72 -61.45
C LEU C 281 -17.46 4.92 -62.93
N VAL C 282 -18.69 4.54 -63.38
CA VAL C 282 -19.06 4.76 -64.79
C VAL C 282 -19.46 6.24 -64.98
N ALA C 283 -20.15 6.84 -63.98
CA ALA C 283 -20.55 8.24 -63.96
C ALA C 283 -19.31 9.16 -63.99
N ALA C 284 -18.22 8.73 -63.32
CA ALA C 284 -16.92 9.39 -63.22
C ALA C 284 -16.21 9.46 -64.59
N THR C 303 -12.30 9.32 -53.13
CA THR C 303 -13.55 8.56 -53.13
C THR C 303 -13.60 7.55 -54.30
N TYR C 304 -13.27 7.98 -55.54
CA TYR C 304 -13.29 7.11 -56.74
C TYR C 304 -12.22 5.99 -56.63
N ARG C 305 -11.07 6.30 -55.98
CA ARG C 305 -9.97 5.36 -55.75
C ARG C 305 -10.44 4.22 -54.84
N TYR C 306 -11.41 4.50 -53.90
CA TYR C 306 -12.01 3.49 -53.01
C TYR C 306 -12.88 2.53 -53.80
N PHE C 307 -13.84 3.08 -54.56
CA PHE C 307 -14.79 2.30 -55.36
C PHE C 307 -14.04 1.51 -56.43
N TRP C 308 -12.88 2.02 -56.92
CA TRP C 308 -12.06 1.32 -57.91
C TRP C 308 -11.39 0.09 -57.27
N GLU C 309 -10.97 0.23 -55.99
CA GLU C 309 -10.36 -0.83 -55.19
C GLU C 309 -11.39 -1.94 -54.98
N VAL C 310 -12.66 -1.58 -54.67
CA VAL C 310 -13.79 -2.50 -54.45
C VAL C 310 -14.07 -3.32 -55.74
N LEU C 311 -14.13 -2.64 -56.90
CA LEU C 311 -14.41 -3.30 -58.18
C LEU C 311 -13.28 -4.27 -58.54
N GLN C 312 -12.02 -3.87 -58.24
CA GLN C 312 -10.86 -4.70 -58.52
C GLN C 312 -10.82 -5.91 -57.57
N LYS C 313 -11.23 -5.71 -56.29
CA LYS C 313 -11.34 -6.76 -55.26
C LYS C 313 -12.37 -7.80 -55.72
N ALA C 314 -13.52 -7.34 -56.27
CA ALA C 314 -14.59 -8.18 -56.81
C ALA C 314 -14.07 -9.11 -57.94
N LYS C 315 -13.27 -8.57 -58.89
CA LYS C 315 -12.70 -9.37 -59.96
C LYS C 315 -11.71 -10.40 -59.40
N VAL C 316 -10.75 -9.99 -58.53
CA VAL C 316 -9.72 -10.85 -57.94
C VAL C 316 -10.34 -11.95 -57.04
N THR C 317 -11.53 -11.72 -56.46
CA THR C 317 -12.20 -12.72 -55.61
C THR C 317 -13.27 -13.53 -56.40
N GLY C 318 -13.15 -13.49 -57.74
CA GLY C 318 -14.01 -14.25 -58.66
C GLY C 318 -15.48 -13.88 -58.74
N MSE C 319 -15.84 -12.65 -58.38
CA MSE C 319 -17.22 -12.17 -58.49
C MSE C 319 -17.46 -11.63 -59.88
O MSE C 319 -16.51 -11.25 -60.57
CB MSE C 319 -17.52 -11.08 -57.45
CG MSE C 319 -17.47 -11.56 -56.00
SE MSE C 319 -17.78 -10.09 -54.77
CE MSE C 319 -19.72 -9.91 -54.97
N ALA C 320 -18.74 -11.57 -60.29
CA ALA C 320 -19.15 -11.01 -61.58
C ALA C 320 -19.05 -9.48 -61.52
N VAL C 321 -18.28 -8.90 -62.45
CA VAL C 321 -18.13 -7.45 -62.52
C VAL C 321 -19.21 -6.91 -63.46
N PRO C 322 -20.00 -5.88 -63.07
CA PRO C 322 -21.05 -5.38 -63.97
C PRO C 322 -20.54 -4.74 -65.28
N PRO D 20 -5.28 24.51 30.95
CA PRO D 20 -4.45 25.63 30.50
C PRO D 20 -4.43 25.77 28.99
N VAL D 21 -4.59 27.01 28.51
CA VAL D 21 -4.55 27.27 27.08
C VAL D 21 -3.15 27.81 26.78
N LEU D 22 -2.31 26.92 26.27
CA LEU D 22 -0.92 27.26 26.01
C LEU D 22 -0.61 27.11 24.55
N ALA D 23 0.43 27.82 24.10
CA ALA D 23 0.94 27.74 22.74
C ALA D 23 1.29 26.28 22.41
N ALA D 24 1.04 25.89 21.16
CA ALA D 24 1.29 24.56 20.63
C ALA D 24 2.80 24.26 20.54
N CYS D 25 3.64 25.31 20.62
CA CYS D 25 5.06 25.16 20.43
C CYS D 25 5.86 25.86 21.53
N GLU D 26 6.97 25.24 21.90
CA GLU D 26 7.90 25.76 22.89
C GLU D 26 9.30 25.70 22.29
N HIS D 27 9.87 26.88 21.97
CA HIS D 27 11.19 27.00 21.34
C HIS D 27 12.29 27.23 22.38
N PHE D 28 13.39 26.50 22.22
CA PHE D 28 14.53 26.53 23.11
C PHE D 28 15.67 27.35 22.56
N ALA D 29 16.31 28.13 23.43
CA ALA D 29 17.47 28.97 23.14
C ALA D 29 18.35 29.07 24.40
N GLY D 30 19.64 28.76 24.24
CA GLY D 30 20.60 28.71 25.34
C GLY D 30 21.45 29.96 25.53
N SER D 31 21.76 30.66 24.44
CA SER D 31 22.61 31.86 24.47
C SER D 31 21.78 33.13 24.45
N GLU D 32 22.37 34.24 24.93
CA GLU D 32 21.71 35.56 24.93
C GLU D 32 21.27 35.96 23.51
N LYS D 33 22.15 35.74 22.50
CA LYS D 33 21.89 36.01 21.08
C LYS D 33 20.63 35.24 20.60
N LEU D 34 20.63 33.91 20.80
CA LEU D 34 19.52 33.07 20.36
C LEU D 34 18.22 33.32 21.15
N ILE D 35 18.32 33.70 22.46
CA ILE D 35 17.16 34.07 23.29
C ILE D 35 16.51 35.35 22.70
N GLY D 36 17.35 36.36 22.43
CA GLY D 36 16.93 37.62 21.84
C GLY D 36 16.24 37.45 20.49
N LYS D 37 16.84 36.60 19.61
CA LYS D 37 16.31 36.28 18.28
C LYS D 37 14.93 35.59 18.38
N ALA D 38 14.78 34.65 19.34
CA ALA D 38 13.53 33.91 19.60
C ALA D 38 12.42 34.85 20.07
N MSE D 39 12.76 35.78 20.98
CA MSE D 39 11.86 36.82 21.48
C MSE D 39 11.40 37.74 20.35
O MSE D 39 10.22 38.09 20.29
CB MSE D 39 12.57 37.62 22.57
CG MSE D 39 12.57 36.93 23.87
SE MSE D 39 13.70 37.81 25.13
CE MSE D 39 13.32 36.56 26.59
N ASP D 40 12.33 38.11 19.44
CA ASP D 40 12.03 38.90 18.26
C ASP D 40 11.12 38.15 17.29
N LEU D 41 11.28 36.80 17.20
CA LEU D 41 10.47 35.97 16.32
C LEU D 41 9.03 35.86 16.86
N GLN D 42 8.85 35.98 18.19
CA GLN D 42 7.52 36.02 18.82
C GLN D 42 6.80 37.30 18.42
N VAL D 43 7.57 38.38 18.21
CA VAL D 43 7.01 39.66 17.80
C VAL D 43 6.56 39.52 16.34
N GLU D 44 7.39 38.82 15.52
CA GLU D 44 7.16 38.58 14.11
C GLU D 44 5.95 37.66 13.85
N TYR D 45 5.92 36.51 14.53
CA TYR D 45 4.92 35.47 14.37
C TYR D 45 3.66 35.68 15.22
N GLY D 46 3.83 36.37 16.35
CA GLY D 46 2.80 36.49 17.37
C GLY D 46 3.14 35.45 18.41
N PRO D 47 2.60 35.52 19.65
CA PRO D 47 2.98 34.53 20.69
C PRO D 47 2.38 33.11 20.43
N VAL D 48 2.58 32.59 19.20
CA VAL D 48 2.14 31.26 18.76
C VAL D 48 3.08 30.19 19.35
N PHE D 49 4.22 30.64 19.89
CA PHE D 49 5.19 29.78 20.54
C PHE D 49 5.77 30.48 21.77
N ASP D 50 6.13 29.67 22.78
CA ASP D 50 6.79 30.13 24.00
C ASP D 50 8.29 29.99 23.80
N VAL D 51 9.08 30.75 24.58
CA VAL D 51 10.51 30.65 24.52
C VAL D 51 11.01 30.12 25.84
N THR D 52 11.80 29.04 25.80
CA THR D 52 12.45 28.54 27.01
C THR D 52 13.92 28.90 26.94
N CYS D 53 14.35 29.72 27.90
CA CYS D 53 15.75 30.10 28.09
C CYS D 53 16.42 28.95 28.80
N ASP D 54 17.31 28.26 28.11
CA ASP D 54 17.93 27.06 28.64
C ASP D 54 19.20 27.32 29.44
N CYS D 55 19.20 26.92 30.71
CA CYS D 55 20.39 27.01 31.56
C CYS D 55 21.11 25.69 31.51
N GLU D 56 20.36 24.57 31.71
CA GLU D 56 20.84 23.18 31.73
C GLU D 56 21.89 22.88 30.62
N ASP D 57 21.52 23.10 29.35
CA ASP D 57 22.44 22.87 28.22
C ASP D 57 23.23 24.17 27.89
N GLY D 58 22.59 25.33 28.06
CA GLY D 58 23.17 26.63 27.77
C GLY D 58 24.37 27.04 28.61
N ALA D 59 24.29 26.86 29.95
CA ALA D 59 25.34 27.25 30.91
C ALA D 59 26.63 26.44 30.74
N ALA D 60 27.77 27.14 30.79
CA ALA D 60 29.12 26.58 30.68
C ALA D 60 29.61 26.03 32.04
N ALA D 61 30.73 25.28 32.03
CA ALA D 61 31.44 24.60 33.12
C ALA D 61 31.20 25.21 34.53
N GLY D 62 31.52 26.48 34.71
CA GLY D 62 31.37 27.20 35.97
C GLY D 62 30.77 28.58 35.79
N GLN D 63 29.95 28.74 34.74
CA GLN D 63 29.28 29.98 34.37
C GLN D 63 27.79 29.98 34.73
N GLU D 64 27.34 29.01 35.58
CA GLU D 64 25.93 28.83 35.98
C GLU D 64 25.29 30.12 36.52
N ARG D 65 25.99 30.86 37.42
CA ARG D 65 25.48 32.11 37.99
C ARG D 65 25.32 33.19 36.88
N GLU D 66 26.38 33.47 36.10
CA GLU D 66 26.28 34.50 35.05
C GLU D 66 25.23 34.09 34.00
N HIS D 67 25.19 32.80 33.63
CA HIS D 67 24.21 32.33 32.65
C HIS D 67 22.77 32.53 33.13
N ALA D 68 22.49 32.27 34.41
CA ALA D 68 21.16 32.51 34.99
C ALA D 68 20.86 34.01 35.09
N GLU D 69 21.89 34.83 35.42
CA GLU D 69 21.77 36.29 35.52
C GLU D 69 21.42 36.89 34.18
N MSE D 70 21.98 36.32 33.10
CA MSE D 70 21.72 36.72 31.73
C MSE D 70 20.27 36.31 31.37
O MSE D 70 19.53 37.11 30.78
CB MSE D 70 22.78 36.10 30.77
CG MSE D 70 22.51 36.33 29.28
SE MSE D 70 21.07 35.23 28.56
CE MSE D 70 21.91 33.46 28.66
N VAL D 71 19.85 35.11 31.75
CA VAL D 71 18.48 34.61 31.47
C VAL D 71 17.44 35.52 32.17
N ALA D 72 17.63 35.77 33.48
CA ALA D 72 16.76 36.65 34.28
C ALA D 72 16.67 38.03 33.64
N ARG D 73 17.84 38.60 33.23
CA ARG D 73 17.93 39.90 32.59
C ARG D 73 17.14 39.91 31.26
N MSE D 74 17.30 38.86 30.43
CA MSE D 74 16.63 38.77 29.15
C MSE D 74 15.12 38.69 29.31
O MSE D 74 14.40 39.43 28.65
CB MSE D 74 17.16 37.56 28.35
CG MSE D 74 18.58 37.74 27.86
SE MSE D 74 18.76 39.32 26.72
CE MSE D 74 18.01 38.61 25.07
N ILE D 75 14.64 37.86 30.25
CA ILE D 75 13.22 37.68 30.54
C ILE D 75 12.60 39.00 31.10
N ALA D 76 13.34 39.74 31.97
CA ALA D 76 12.88 40.99 32.56
C ALA D 76 12.89 42.15 31.56
N SER D 77 13.75 42.08 30.52
CA SER D 77 13.96 43.16 29.53
C SER D 77 12.75 43.45 28.64
N ASP D 78 12.78 44.63 28.01
CA ASP D 78 11.80 45.14 27.05
C ASP D 78 11.77 44.28 25.78
N ARG D 79 12.90 43.57 25.51
CA ARG D 79 13.07 42.64 24.39
C ARG D 79 12.03 41.52 24.50
N ASN D 80 11.68 41.13 25.74
CA ASN D 80 10.65 40.13 26.02
C ASN D 80 9.30 40.88 25.98
N VAL D 81 8.75 40.99 24.77
CA VAL D 81 7.54 41.76 24.49
C VAL D 81 6.28 41.04 24.96
N HIS D 82 6.13 39.75 24.61
CA HIS D 82 4.90 39.02 24.89
C HIS D 82 4.80 38.38 26.29
N GLY D 83 5.90 38.32 27.03
CA GLY D 83 5.92 37.71 28.37
C GLY D 83 5.73 36.22 28.32
N ARG D 84 6.12 35.62 27.18
CA ARG D 84 6.02 34.19 26.91
C ARG D 84 7.41 33.58 26.84
N ALA D 85 8.19 33.87 27.90
CA ALA D 85 9.55 33.40 28.06
C ALA D 85 9.73 32.74 29.45
N GLY D 86 10.00 31.44 29.42
CA GLY D 86 10.26 30.66 30.62
C GLY D 86 11.72 30.27 30.66
N ALA D 87 12.10 29.48 31.68
CA ALA D 87 13.49 29.04 31.80
C ALA D 87 13.60 27.58 32.20
N ARG D 88 14.56 26.86 31.62
CA ARG D 88 14.87 25.49 32.03
C ARG D 88 16.08 25.57 32.97
N ILE D 89 15.89 25.18 34.21
CA ILE D 89 16.97 25.18 35.21
C ILE D 89 17.72 23.83 35.12
N HIS D 90 18.79 23.66 35.88
CA HIS D 90 19.55 22.41 35.97
C HIS D 90 18.69 21.33 36.69
N ASP D 91 18.99 20.05 36.44
CA ASP D 91 18.27 18.92 37.05
C ASP D 91 18.37 18.92 38.60
N PRO D 92 17.45 18.24 39.35
CA PRO D 92 17.47 18.28 40.83
C PRO D 92 18.72 17.71 41.51
N SER D 93 19.58 17.00 40.78
CA SER D 93 20.81 16.43 41.33
C SER D 93 22.00 17.36 41.09
N HIS D 94 21.82 18.39 40.23
CA HIS D 94 22.87 19.36 39.92
C HIS D 94 23.01 20.36 41.07
N PRO D 95 24.24 20.77 41.48
CA PRO D 95 24.36 21.71 42.62
C PRO D 95 23.89 23.15 42.34
N ALA D 96 23.61 23.52 41.07
CA ALA D 96 23.22 24.89 40.73
C ALA D 96 21.72 25.12 40.54
N TRP D 97 20.87 24.06 40.65
CA TRP D 97 19.44 24.22 40.39
C TRP D 97 18.77 25.27 41.31
N ARG D 98 19.05 25.28 42.62
CA ARG D 98 18.47 26.25 43.56
C ARG D 98 18.89 27.66 43.23
N GLN D 99 20.19 27.84 42.90
CA GLN D 99 20.79 29.10 42.49
C GLN D 99 20.11 29.61 41.20
N ASP D 100 19.83 28.72 40.24
CA ASP D 100 19.09 29.09 39.01
C ASP D 100 17.73 29.65 39.36
N VAL D 101 17.03 29.03 40.33
CA VAL D 101 15.68 29.41 40.77
C VAL D 101 15.80 30.72 41.53
N ASP D 102 16.81 30.86 42.41
CA ASP D 102 17.06 32.09 43.16
C ASP D 102 17.19 33.28 42.22
N ILE D 103 18.08 33.16 41.22
CA ILE D 103 18.44 34.22 40.30
C ILE D 103 17.30 34.56 39.34
N ILE D 104 16.70 33.54 38.71
CA ILE D 104 15.67 33.74 37.70
C ILE D 104 14.35 34.23 38.33
N VAL D 105 13.88 33.65 39.44
CA VAL D 105 12.62 34.11 40.05
C VAL D 105 12.76 35.53 40.59
N ASN D 106 13.83 35.82 41.34
CA ASN D 106 14.03 37.15 41.89
C ASN D 106 14.34 38.20 40.81
N GLY D 107 14.99 37.80 39.72
CA GLY D 107 15.38 38.72 38.66
C GLY D 107 14.46 38.93 37.48
N ALA D 108 13.52 37.97 37.19
CA ALA D 108 12.58 38.00 36.05
C ALA D 108 11.67 39.26 35.92
N GLY D 109 11.66 40.14 36.94
CA GLY D 109 10.79 41.31 36.97
C GLY D 109 9.31 40.95 36.90
N GLY D 110 8.98 39.73 37.37
CA GLY D 110 7.63 39.14 37.39
C GLY D 110 7.08 38.74 36.04
N ARG D 111 7.93 38.72 35.00
CA ARG D 111 7.57 38.38 33.62
C ARG D 111 7.77 36.88 33.32
N LEU D 112 8.41 36.12 34.25
CA LEU D 112 8.71 34.69 34.11
C LEU D 112 7.42 33.89 33.86
N ALA D 113 7.34 33.26 32.68
CA ALA D 113 6.17 32.53 32.25
C ALA D 113 6.04 31.17 32.93
N TYR D 114 7.20 30.49 33.16
CA TYR D 114 7.26 29.14 33.76
C TYR D 114 8.70 28.73 34.02
N ILE D 115 8.86 27.65 34.79
CA ILE D 115 10.14 27.00 35.04
C ILE D 115 10.02 25.55 34.56
N THR D 116 10.96 25.14 33.73
CA THR D 116 11.04 23.80 33.22
C THR D 116 12.06 23.03 34.08
N VAL D 117 11.60 21.96 34.70
CA VAL D 117 12.39 21.10 35.56
C VAL D 117 12.77 19.79 34.81
N PRO D 118 14.06 19.56 34.54
CA PRO D 118 14.46 18.34 33.81
C PRO D 118 15.06 17.23 34.69
N LYS D 119 15.13 16.01 34.13
CA LYS D 119 15.79 14.80 34.64
C LYS D 119 15.47 14.42 36.08
N ALA D 120 14.26 14.75 36.59
CA ALA D 120 13.91 14.29 37.94
C ALA D 120 13.78 12.78 37.90
N THR D 121 14.26 12.10 38.95
CA THR D 121 14.25 10.62 38.97
C THR D 121 13.12 10.07 39.82
N ASN D 122 12.35 10.97 40.46
CA ASN D 122 11.21 10.57 41.28
C ASN D 122 10.34 11.76 41.62
N SER D 123 9.16 11.46 42.16
CA SER D 123 8.16 12.43 42.59
C SER D 123 8.73 13.37 43.68
N GLY D 124 9.56 12.83 44.58
CA GLY D 124 10.20 13.59 45.65
C GLY D 124 11.06 14.73 45.18
N GLN D 125 11.87 14.48 44.14
CA GLN D 125 12.74 15.50 43.53
C GLN D 125 11.92 16.62 42.92
N VAL D 126 10.85 16.29 42.18
CA VAL D 126 9.93 17.26 41.56
C VAL D 126 9.25 18.09 42.63
N ALA D 127 8.74 17.42 43.67
CA ALA D 127 8.06 18.02 44.82
C ALA D 127 8.97 18.98 45.55
N GLU D 128 10.27 18.66 45.62
CA GLU D 128 11.28 19.48 46.28
C GLU D 128 11.54 20.75 45.50
N VAL D 129 11.67 20.62 44.18
CA VAL D 129 11.95 21.72 43.26
C VAL D 129 10.73 22.66 43.20
N ILE D 130 9.49 22.10 43.14
CA ILE D 130 8.27 22.90 43.08
C ILE D 130 8.10 23.68 44.33
N ARG D 131 8.35 23.02 45.49
CA ARG D 131 8.26 23.59 46.83
C ARG D 131 9.24 24.75 46.94
N TYR D 132 10.47 24.55 46.44
CA TYR D 132 11.53 25.57 46.48
C TYR D 132 11.17 26.78 45.61
N ILE D 133 10.65 26.55 44.38
CA ILE D 133 10.20 27.61 43.46
C ILE D 133 9.10 28.43 44.16
N GLY D 134 8.14 27.76 44.78
CA GLY D 134 7.04 28.37 45.51
C GLY D 134 7.51 29.24 46.65
N ASP D 135 8.52 28.77 47.42
CA ASP D 135 9.11 29.51 48.55
C ASP D 135 9.78 30.77 48.07
N VAL D 136 10.58 30.68 46.97
CA VAL D 136 11.32 31.80 46.38
C VAL D 136 10.32 32.79 45.77
N ALA D 137 9.28 32.29 45.06
CA ALA D 137 8.26 33.15 44.45
C ALA D 137 7.50 33.95 45.51
N LYS D 138 7.14 33.30 46.65
CA LYS D 138 6.46 33.96 47.77
C LYS D 138 7.36 35.07 48.38
N ARG D 139 8.64 34.74 48.67
CA ARG D 139 9.62 35.69 49.24
C ARG D 139 9.92 36.84 48.30
N ALA D 140 9.81 36.62 46.96
CA ALA D 140 10.04 37.64 45.94
C ALA D 140 8.81 38.55 45.74
N GLY D 141 7.73 38.24 46.47
CA GLY D 141 6.49 39.02 46.44
C GLY D 141 5.67 38.84 45.18
N LEU D 142 5.77 37.64 44.57
CA LEU D 142 5.02 37.30 43.36
C LEU D 142 3.58 37.00 43.73
N ASP D 143 2.63 37.62 43.01
CA ASP D 143 1.19 37.46 43.26
C ASP D 143 0.72 36.06 42.83
N LYS D 144 0.89 35.72 41.55
CA LYS D 144 0.50 34.41 41.03
C LYS D 144 1.67 33.42 41.18
N PRO D 145 1.44 32.11 41.43
CA PRO D 145 2.58 31.17 41.49
C PRO D 145 3.22 30.98 40.11
N VAL D 146 4.51 30.65 40.08
CA VAL D 146 5.24 30.39 38.85
C VAL D 146 4.79 29.03 38.30
N PRO D 147 4.17 28.95 37.11
CA PRO D 147 3.78 27.63 36.55
C PRO D 147 5.01 26.77 36.29
N VAL D 148 4.86 25.46 36.45
CA VAL D 148 5.98 24.53 36.31
C VAL D 148 5.70 23.55 35.18
N HIS D 149 6.76 23.26 34.42
CA HIS D 149 6.82 22.28 33.34
C HIS D 149 7.76 21.19 33.82
N VAL D 150 7.26 19.95 33.90
CA VAL D 150 8.09 18.85 34.43
C VAL D 150 8.44 17.86 33.35
N LEU D 151 9.75 17.60 33.21
CA LEU D 151 10.21 16.58 32.27
C LEU D 151 10.00 15.22 32.85
N ILE D 152 9.39 14.32 32.06
CA ILE D 152 9.24 12.90 32.36
C ILE D 152 10.22 12.23 31.40
N GLU D 153 11.42 11.90 31.88
CA GLU D 153 12.47 11.36 31.01
C GLU D 153 13.35 10.34 31.71
N THR D 154 12.88 9.81 32.84
CA THR D 154 13.60 8.81 33.61
C THR D 154 12.61 7.70 33.96
N HIS D 155 13.12 6.55 34.36
CA HIS D 155 12.33 5.43 34.79
C HIS D 155 11.48 5.82 36.01
N GLY D 156 12.13 6.47 36.99
CA GLY D 156 11.48 6.90 38.22
C GLY D 156 10.40 7.95 38.01
N ALA D 157 10.65 8.93 37.15
CA ALA D 157 9.64 9.95 36.86
C ALA D 157 8.44 9.34 36.09
N LEU D 158 8.70 8.32 35.22
CA LEU D 158 7.59 7.65 34.51
C LEU D 158 6.81 6.80 35.52
N ARG D 159 7.50 6.02 36.35
CA ARG D 159 6.86 5.21 37.38
C ARG D 159 5.96 6.11 38.26
N ASP D 160 6.46 7.31 38.62
CA ASP D 160 5.77 8.26 39.49
C ASP D 160 4.96 9.34 38.75
N VAL D 161 4.71 9.15 37.44
CA VAL D 161 4.02 10.16 36.62
C VAL D 161 2.64 10.59 37.19
N PHE D 162 1.82 9.66 37.68
CA PHE D 162 0.50 10.02 38.21
C PHE D 162 0.60 10.80 39.54
N GLN D 163 1.65 10.53 40.31
CA GLN D 163 1.94 11.23 41.57
C GLN D 163 2.51 12.63 41.23
N ILE D 164 3.43 12.72 40.24
CA ILE D 164 3.99 13.99 39.76
C ILE D 164 2.85 14.89 39.24
N ALA D 165 1.93 14.35 38.43
CA ALA D 165 0.82 15.10 37.85
C ALA D 165 -0.15 15.72 38.92
N GLU D 166 -0.09 15.21 40.13
CA GLU D 166 -0.92 15.71 41.23
C GLU D 166 -0.21 16.83 42.05
N LEU D 167 1.07 17.09 41.77
CA LEU D 167 1.85 18.13 42.45
C LEU D 167 1.38 19.55 42.01
N PRO D 168 1.53 20.57 42.90
CA PRO D 168 0.95 21.88 42.59
C PRO D 168 1.68 22.68 41.53
N ASN D 169 0.93 23.54 40.82
CA ASN D 169 1.38 24.51 39.81
C ASN D 169 2.01 23.89 38.56
N ILE D 170 1.77 22.61 38.29
CA ILE D 170 2.27 22.01 37.07
C ILE D 170 1.24 22.30 35.97
N GLU D 171 1.70 22.86 34.84
CA GLU D 171 0.80 23.14 33.71
C GLU D 171 1.25 22.34 32.51
N VAL D 172 2.49 21.81 32.51
CA VAL D 172 2.99 20.98 31.40
C VAL D 172 3.78 19.78 31.93
N LEU D 173 3.61 18.62 31.29
CA LEU D 173 4.43 17.42 31.44
C LEU D 173 5.13 17.26 30.12
N ASP D 174 6.46 17.32 30.12
CA ASP D 174 7.26 17.22 28.91
C ASP D 174 7.83 15.85 28.77
N PHE D 175 7.71 15.26 27.58
CA PHE D 175 8.30 13.96 27.34
C PHE D 175 9.75 14.10 26.84
N GLY D 176 10.69 13.59 27.59
CA GLY D 176 12.11 13.63 27.23
C GLY D 176 12.54 12.29 26.67
N LEU D 177 12.37 12.10 25.36
CA LEU D 177 12.67 10.85 24.65
C LEU D 177 14.14 10.40 24.78
N MSE D 178 15.09 11.27 24.43
CA MSE D 178 16.52 10.96 24.44
C MSE D 178 17.01 10.45 25.80
O MSE D 178 17.61 9.38 25.83
CB MSE D 178 17.35 12.16 23.98
CG MSE D 178 18.82 11.82 23.67
SE MSE D 178 20.04 13.39 23.61
CE MSE D 178 19.40 14.15 21.78
N ASP D 179 16.74 11.19 26.90
CA ASP D 179 17.20 10.78 28.24
C ASP D 179 16.48 9.54 28.73
N PHE D 180 15.21 9.39 28.33
CA PHE D 180 14.41 8.23 28.67
C PHE D 180 15.01 6.97 28.03
N VAL D 181 15.38 7.04 26.75
CA VAL D 181 15.97 5.91 26.04
C VAL D 181 17.34 5.55 26.64
N SER D 182 18.17 6.57 26.91
CA SER D 182 19.54 6.39 27.42
C SER D 182 19.57 5.55 28.69
N GLY D 183 18.51 5.63 29.50
CA GLY D 183 18.43 4.86 30.74
C GLY D 183 18.02 3.41 30.59
N HIS D 184 17.79 2.92 29.35
CA HIS D 184 17.30 1.55 29.14
C HIS D 184 18.38 0.51 28.85
N HIS D 185 19.65 0.77 29.23
CA HIS D 185 20.80 -0.14 29.08
C HIS D 185 20.88 -0.79 27.64
N GLY D 186 20.54 0.00 26.61
CA GLY D 186 20.53 -0.46 25.22
C GLY D 186 19.34 -1.33 24.82
N ALA D 187 18.37 -1.58 25.74
CA ALA D 187 17.24 -2.45 25.41
C ALA D 187 16.32 -1.81 24.35
N ILE D 188 16.39 -0.45 24.24
CA ILE D 188 15.67 0.29 23.23
C ILE D 188 16.68 0.55 22.08
N PRO D 189 16.41 0.04 20.86
CA PRO D 189 17.33 0.29 19.73
C PRO D 189 17.33 1.75 19.32
N ALA D 190 18.43 2.18 18.66
CA ALA D 190 18.66 3.54 18.20
C ALA D 190 17.57 4.01 17.23
N ALA D 191 17.09 3.10 16.38
CA ALA D 191 16.04 3.38 15.38
C ALA D 191 14.74 3.86 16.02
N ALA D 192 14.47 3.49 17.31
CA ALA D 192 13.28 3.88 18.05
C ALA D 192 13.44 5.31 18.65
N MSE D 193 14.64 5.87 18.67
CA MSE D 193 14.87 7.25 19.12
CA MSE D 193 14.92 7.23 19.14
C MSE D 193 14.48 8.27 18.04
O MSE D 193 14.57 9.48 18.26
CB MSE D 193 16.33 7.44 19.52
CB MSE D 193 16.41 7.34 19.52
CG MSE D 193 16.72 6.66 20.73
CG MSE D 193 17.02 8.75 19.60
SE MSE D 193 18.59 6.40 20.71
SE MSE D 193 17.13 9.57 21.36
CE MSE D 193 18.98 7.97 21.74
CE MSE D 193 16.57 11.34 20.74
N ARG D 194 14.02 7.80 16.89
CA ARG D 194 13.59 8.63 15.78
C ARG D 194 12.25 8.08 15.26
N SER D 195 11.62 8.81 14.34
CA SER D 195 10.36 8.40 13.76
C SER D 195 10.59 7.34 12.68
N PRO D 196 9.70 6.32 12.52
CA PRO D 196 8.41 6.10 13.19
C PRO D 196 8.49 5.29 14.50
N GLY D 197 9.67 4.79 14.85
CA GLY D 197 9.90 3.99 16.05
C GLY D 197 9.48 4.66 17.35
N GLN D 198 9.77 5.98 17.48
CA GLN D 198 9.44 6.73 18.68
C GLN D 198 7.92 6.77 18.97
N PHE D 199 7.11 6.36 18.00
CA PHE D 199 5.64 6.32 18.08
C PHE D 199 5.12 4.91 18.00
N GLU D 200 6.01 3.91 17.87
CA GLU D 200 5.56 2.54 17.64
C GLU D 200 6.17 1.51 18.58
N HIS D 201 7.42 1.71 19.07
CA HIS D 201 8.06 0.79 20.01
C HIS D 201 7.25 0.73 21.27
N ALA D 202 6.89 -0.50 21.68
CA ALA D 202 6.04 -0.79 22.84
C ALA D 202 6.44 -0.02 24.10
N LEU D 203 7.73 0.14 24.39
CA LEU D 203 8.17 0.86 25.62
C LEU D 203 7.96 2.35 25.52
N LEU D 204 8.14 2.91 24.31
CA LEU D 204 7.97 4.33 24.05
C LEU D 204 6.49 4.70 23.97
N VAL D 205 5.63 3.82 23.33
CA VAL D 205 4.18 4.00 23.25
C VAL D 205 3.64 4.03 24.68
N ARG D 206 4.08 3.06 25.49
CA ARG D 206 3.70 2.91 26.88
C ARG D 206 4.04 4.16 27.69
N ALA D 207 5.31 4.64 27.56
CA ALA D 207 5.79 5.80 28.26
C ALA D 207 5.01 7.06 27.85
N LYS D 208 4.89 7.31 26.54
CA LYS D 208 4.19 8.48 26.01
C LYS D 208 2.71 8.46 26.43
N ALA D 209 2.02 7.31 26.23
CA ALA D 209 0.62 7.21 26.56
C ALA D 209 0.41 7.38 28.08
N ASP D 210 1.31 6.85 28.93
CA ASP D 210 1.19 7.02 30.39
C ASP D 210 1.31 8.46 30.80
N MSE D 211 2.28 9.20 30.18
CA MSE D 211 2.48 10.61 30.52
C MSE D 211 1.32 11.47 30.08
O MSE D 211 0.88 12.33 30.86
CB MSE D 211 3.78 11.13 29.91
CG MSE D 211 4.21 12.42 30.55
SE MSE D 211 5.29 13.49 29.44
CE MSE D 211 3.91 14.25 28.24
N VAL D 212 0.79 11.24 28.84
CA VAL D 212 -0.36 11.98 28.31
C VAL D 212 -1.59 11.68 29.17
N ALA D 213 -1.81 10.39 29.54
CA ALA D 213 -2.93 9.96 30.39
C ALA D 213 -2.88 10.65 31.75
N ALA D 214 -1.67 10.74 32.36
CA ALA D 214 -1.45 11.37 33.67
C ALA D 214 -1.69 12.87 33.60
N ALA D 215 -1.21 13.51 32.50
CA ALA D 215 -1.33 14.95 32.28
C ALA D 215 -2.79 15.34 32.09
N LEU D 216 -3.47 14.71 31.13
CA LEU D 216 -4.87 15.00 30.83
C LEU D 216 -5.79 14.65 31.99
N ALA D 217 -5.47 13.61 32.77
CA ALA D 217 -6.26 13.25 33.97
C ALA D 217 -6.19 14.35 35.05
N ASN D 218 -5.15 15.19 35.01
CA ASN D 218 -4.92 16.22 36.02
C ASN D 218 -4.94 17.65 35.46
N GLY D 219 -5.59 17.87 34.32
CA GLY D 219 -5.69 19.18 33.70
C GLY D 219 -4.35 19.80 33.36
N ILE D 220 -3.42 18.98 32.90
CA ILE D 220 -2.07 19.40 32.53
C ILE D 220 -1.87 19.16 31.06
N VAL D 221 -1.18 20.06 30.39
CA VAL D 221 -0.88 19.97 28.96
C VAL D 221 0.25 18.94 28.75
N PRO D 222 0.06 17.90 27.92
CA PRO D 222 1.17 17.00 27.63
C PRO D 222 1.97 17.55 26.43
N ALA D 223 3.30 17.69 26.59
CA ALA D 223 4.16 18.22 25.53
C ALA D 223 5.12 17.14 25.05
N HIS D 224 5.37 17.17 23.74
CA HIS D 224 6.15 16.19 23.03
C HIS D 224 7.57 16.67 22.85
N ASN D 225 8.48 15.71 22.73
CA ASN D 225 9.91 15.91 22.47
C ASN D 225 10.10 16.50 21.07
N VAL D 226 11.26 17.08 20.84
CA VAL D 226 11.64 17.71 19.58
C VAL D 226 11.69 16.72 18.41
N CYS D 227 11.65 17.25 17.21
CA CYS D 227 11.93 16.49 16.02
C CYS D 227 13.42 16.72 15.79
N LEU D 228 14.19 15.65 15.51
CA LEU D 228 15.64 15.81 15.33
C LEU D 228 15.98 16.36 13.93
N ASN D 229 14.98 16.39 13.02
CA ASN D 229 15.09 17.00 11.70
C ASN D 229 14.83 18.50 11.92
N LEU D 230 15.86 19.30 11.72
CA LEU D 230 15.81 20.72 12.02
C LEU D 230 15.14 21.60 10.96
N LYS D 231 15.22 21.22 9.67
CA LYS D 231 14.74 22.10 8.61
C LYS D 231 13.64 21.52 7.69
N ASP D 232 13.45 20.19 7.63
CA ASP D 232 12.45 19.61 6.72
C ASP D 232 11.06 19.75 7.36
N ALA D 233 10.27 20.75 6.86
CA ALA D 233 8.93 21.09 7.36
C ALA D 233 7.98 19.90 7.35
N GLU D 234 8.02 19.06 6.29
CA GLU D 234 7.16 17.89 6.15
C GLU D 234 7.43 16.84 7.24
N VAL D 235 8.71 16.67 7.64
CA VAL D 235 9.13 15.73 8.68
C VAL D 235 8.67 16.23 10.03
N ILE D 236 8.90 17.51 10.30
CA ILE D 236 8.54 18.16 11.57
C ILE D 236 7.01 18.08 11.72
N ALA D 237 6.25 18.46 10.67
CA ALA D 237 4.78 18.40 10.67
C ALA D 237 4.29 16.97 10.94
N SER D 238 4.96 15.95 10.32
CA SER D 238 4.62 14.54 10.49
C SER D 238 4.71 14.13 11.98
N ASP D 239 5.81 14.51 12.67
CA ASP D 239 6.03 14.22 14.09
C ASP D 239 4.98 14.90 14.95
N ALA D 240 4.69 16.19 14.67
CA ALA D 240 3.63 16.94 15.36
C ALA D 240 2.24 16.32 15.12
N CYS D 241 1.96 15.85 13.88
CA CYS D 241 0.67 15.18 13.62
C CYS D 241 0.48 13.88 14.41
N ARG D 242 1.47 12.95 14.36
CA ARG D 242 1.44 11.66 15.07
C ARG D 242 1.22 11.88 16.56
N ALA D 243 2.04 12.79 17.17
CA ALA D 243 1.98 13.13 18.58
C ALA D 243 0.63 13.72 18.96
N ARG D 244 0.10 14.63 18.11
CA ARG D 244 -1.20 15.28 18.35
C ARG D 244 -2.38 14.30 18.16
N ASN D 245 -2.42 13.57 17.05
CA ASN D 245 -3.57 12.73 16.70
C ASN D 245 -3.52 11.28 17.16
N GLU D 246 -2.34 10.73 17.48
CA GLU D 246 -2.26 9.33 17.91
C GLU D 246 -2.00 9.18 19.40
N PHE D 247 -1.42 10.21 20.05
CA PHE D 247 -1.10 10.14 21.50
C PHE D 247 -1.82 11.17 22.35
N GLY D 248 -2.26 12.29 21.80
CA GLY D 248 -2.95 13.31 22.57
C GLY D 248 -2.04 14.39 23.14
N PHE D 249 -0.86 14.61 22.50
CA PHE D 249 0.03 15.70 22.85
C PHE D 249 -0.60 17.00 22.32
N LEU D 250 -0.45 18.10 23.06
CA LEU D 250 -1.10 19.37 22.73
C LEU D 250 -0.07 20.47 22.56
N ARG D 251 1.20 20.09 22.64
CA ARG D 251 2.35 20.95 22.60
C ARG D 251 3.55 20.15 22.17
N MSE D 252 4.54 20.82 21.59
CA MSE D 252 5.77 20.18 21.16
C MSE D 252 6.92 21.18 21.24
O MSE D 252 6.76 22.37 20.95
CB MSE D 252 5.62 19.60 19.74
CG MSE D 252 6.82 18.75 19.30
SE MSE D 252 6.39 17.74 17.73
CE MSE D 252 8.09 17.60 16.99
N TRP D 253 8.08 20.68 21.62
CA TRP D 253 9.31 21.46 21.70
C TRP D 253 9.90 21.72 20.33
N SER D 254 10.66 22.84 20.22
CA SER D 254 11.37 23.26 19.03
C SER D 254 12.82 23.62 19.41
N ILE D 255 13.78 23.22 18.57
CA ILE D 255 15.19 23.54 18.81
C ILE D 255 15.75 24.36 17.66
N TYR D 256 14.98 24.53 16.59
CA TYR D 256 15.38 25.32 15.43
C TYR D 256 14.17 26.12 14.93
N PRO D 257 14.33 27.43 14.61
CA PRO D 257 13.18 28.27 14.21
C PRO D 257 12.28 27.71 13.11
N ALA D 258 12.88 26.94 12.16
CA ALA D 258 12.16 26.35 11.04
C ALA D 258 11.10 25.33 11.51
N GLN D 259 11.20 24.84 12.75
CA GLN D 259 10.27 23.85 13.31
C GLN D 259 8.98 24.47 13.86
N ILE D 260 8.97 25.79 14.18
CA ILE D 260 7.86 26.47 14.84
C ILE D 260 6.56 26.41 14.03
N GLN D 261 6.51 27.01 12.83
CA GLN D 261 5.28 27.03 12.02
C GLN D 261 4.77 25.60 11.71
N PRO D 262 5.61 24.60 11.31
CA PRO D 262 5.05 23.23 11.13
C PRO D 262 4.41 22.67 12.39
N ILE D 263 5.00 22.93 13.59
CA ILE D 263 4.42 22.44 14.85
C ILE D 263 3.09 23.15 15.14
N VAL D 264 3.06 24.51 15.05
CA VAL D 264 1.86 25.30 15.32
C VAL D 264 0.72 24.85 14.37
N ASN D 265 1.00 24.77 13.06
CA ASN D 265 0.01 24.39 12.06
C ASN D 265 -0.50 22.96 12.26
N ALA D 266 0.37 22.01 12.66
CA ALA D 266 -0.07 20.64 12.88
C ALA D 266 -0.99 20.53 14.10
N MSE D 267 -0.82 21.44 15.10
CA MSE D 267 -1.60 21.50 16.34
C MSE D 267 -2.84 22.39 16.26
O MSE D 267 -3.57 22.49 17.24
CB MSE D 267 -0.72 22.03 17.47
CG MSE D 267 0.51 21.20 17.72
SE MSE D 267 0.13 19.82 18.91
CE MSE D 267 1.88 18.84 18.79
N ARG D 268 -3.05 23.08 15.13
CA ARG D 268 -4.19 23.96 14.92
C ARG D 268 -5.52 23.23 14.74
N PRO D 269 -6.63 23.79 15.29
CA PRO D 269 -7.96 23.22 15.00
C PRO D 269 -8.34 23.53 13.56
N ASP D 270 -9.19 22.69 12.95
CA ASP D 270 -9.51 22.96 11.56
C ASP D 270 -10.37 24.18 11.38
N PHE D 271 -10.16 24.89 10.26
CA PHE D 271 -10.84 26.15 9.95
C PHE D 271 -12.37 26.05 10.08
N THR D 272 -12.95 24.94 9.55
CA THR D 272 -14.39 24.64 9.59
C THR D 272 -14.87 24.52 11.05
N GLU D 273 -14.07 23.83 11.89
CA GLU D 273 -14.31 23.53 13.31
C GLU D 273 -14.36 24.80 14.17
N VAL D 274 -13.46 25.78 13.91
CA VAL D 274 -13.41 27.05 14.66
C VAL D 274 -14.58 27.95 14.24
N GLU D 275 -14.99 27.88 12.95
CA GLU D 275 -16.13 28.66 12.43
C GLU D 275 -17.41 28.24 13.14
N ASP D 276 -17.57 26.92 13.39
CA ASP D 276 -18.71 26.32 14.09
C ASP D 276 -18.64 26.63 15.58
N ALA D 277 -17.43 26.53 16.18
CA ALA D 277 -17.19 26.78 17.61
C ALA D 277 -17.57 28.20 18.02
N ALA D 278 -17.32 29.20 17.14
CA ALA D 278 -17.65 30.61 17.37
C ALA D 278 -19.16 30.85 17.27
N GLY D 279 -19.82 30.14 16.34
CA GLY D 279 -21.26 30.20 16.13
C GLY D 279 -22.04 29.66 17.31
N ILE D 280 -21.63 28.50 17.85
CA ILE D 280 -22.26 27.85 19.00
C ILE D 280 -22.05 28.72 20.25
N THR D 303 -20.53 20.45 26.62
CA THR D 303 -20.50 20.66 25.18
C THR D 303 -19.92 22.04 24.82
N TYR D 304 -20.41 23.12 25.49
CA TYR D 304 -19.95 24.50 25.28
C TYR D 304 -18.50 24.68 25.73
N ARG D 305 -18.08 23.93 26.78
CA ARG D 305 -16.72 23.93 27.32
C ARG D 305 -15.73 23.39 26.26
N TYR D 306 -16.20 22.46 25.37
CA TYR D 306 -15.39 21.90 24.28
C TYR D 306 -15.14 22.96 23.21
N PHE D 307 -16.24 23.56 22.69
CA PHE D 307 -16.19 24.60 21.67
C PHE D 307 -15.41 25.82 22.17
N TRP D 308 -15.42 26.09 23.50
CA TRP D 308 -14.67 27.19 24.11
C TRP D 308 -13.18 26.89 24.07
N GLU D 309 -12.81 25.60 24.28
CA GLU D 309 -11.43 25.11 24.24
C GLU D 309 -10.88 25.26 22.81
N VAL D 310 -11.71 24.92 21.79
CA VAL D 310 -11.40 25.03 20.35
C VAL D 310 -11.12 26.50 19.99
N LEU D 311 -12.00 27.45 20.42
CA LEU D 311 -11.85 28.87 20.13
C LEU D 311 -10.60 29.44 20.81
N GLN D 312 -10.28 28.95 22.01
CA GLN D 312 -9.09 29.38 22.76
C GLN D 312 -7.82 28.84 22.10
N LYS D 313 -7.89 27.59 21.58
CA LYS D 313 -6.79 26.94 20.85
C LYS D 313 -6.50 27.73 19.55
N ALA D 314 -7.56 28.16 18.85
CA ALA D 314 -7.49 28.96 17.63
C ALA D 314 -6.76 30.28 17.86
N LYS D 315 -7.06 30.98 18.98
CA LYS D 315 -6.39 32.24 19.33
C LYS D 315 -4.91 32.01 19.63
N VAL D 316 -4.59 31.01 20.49
CA VAL D 316 -3.21 30.66 20.91
C VAL D 316 -2.36 30.18 19.71
N THR D 317 -2.97 29.57 18.67
CA THR D 317 -2.25 29.07 17.50
C THR D 317 -2.28 30.07 16.33
N GLY D 318 -2.59 31.32 16.65
CA GLY D 318 -2.59 32.47 15.75
C GLY D 318 -3.53 32.47 14.57
N MSE D 319 -4.59 31.67 14.59
CA MSE D 319 -5.50 31.72 13.45
C MSE D 319 -6.60 32.76 13.75
O MSE D 319 -6.72 33.24 14.88
CB MSE D 319 -6.04 30.35 13.03
CG MSE D 319 -6.53 29.50 14.16
SE MSE D 319 -6.72 27.61 13.73
CE MSE D 319 -7.84 27.75 12.10
N ALA D 320 -7.33 33.17 12.69
CA ALA D 320 -8.37 34.20 12.78
C ALA D 320 -9.58 33.70 13.56
N VAL D 321 -9.94 34.40 14.65
CA VAL D 321 -11.12 34.06 15.44
C VAL D 321 -12.28 34.92 14.90
N PRO D 322 -13.44 34.34 14.55
CA PRO D 322 -14.54 35.16 13.98
C PRO D 322 -15.12 36.18 14.96
N HIS E 7 -20.72 -36.37 39.60
CA HIS E 7 -20.50 -35.03 40.15
C HIS E 7 -20.67 -33.90 39.07
N PRO E 8 -21.50 -32.84 39.33
CA PRO E 8 -21.65 -31.77 38.30
C PRO E 8 -20.39 -30.92 38.13
N ASN E 9 -20.16 -30.45 36.89
CA ASN E 9 -19.00 -29.65 36.49
C ASN E 9 -18.84 -28.39 37.36
N ASP E 10 -19.96 -27.81 37.83
CA ASP E 10 -19.97 -26.62 38.70
C ASP E 10 -19.58 -26.96 40.14
N ALA E 11 -20.10 -28.05 40.70
CA ALA E 11 -19.80 -28.46 42.07
C ALA E 11 -18.38 -29.06 42.21
N LEU E 12 -17.80 -29.57 41.10
CA LEU E 12 -16.48 -30.19 41.10
C LEU E 12 -15.32 -29.17 41.04
N PHE E 13 -15.54 -27.90 40.60
CA PHE E 13 -14.46 -26.89 40.56
C PHE E 13 -14.83 -25.61 41.33
N ALA E 14 -14.53 -25.62 42.64
CA ALA E 14 -14.82 -24.50 43.54
C ALA E 14 -13.75 -24.29 44.64
N GLY E 15 -12.61 -23.76 44.22
CA GLY E 15 -11.52 -23.30 45.05
C GLY E 15 -11.40 -21.81 44.76
N GLU E 16 -11.88 -21.45 43.54
CA GLU E 16 -11.94 -20.13 42.93
C GLU E 16 -13.39 -19.76 42.59
N LYS E 17 -13.64 -18.48 42.24
CA LYS E 17 -14.95 -18.00 41.84
C LYS E 17 -15.22 -18.41 40.39
N SER E 18 -16.44 -18.85 40.08
CA SER E 18 -16.81 -19.23 38.73
C SER E 18 -16.96 -17.97 37.84
N PHE E 19 -16.39 -18.01 36.63
CA PHE E 19 -16.46 -16.86 35.70
C PHE E 19 -17.93 -16.67 35.25
N PRO E 20 -18.46 -15.43 35.16
CA PRO E 20 -19.88 -15.30 34.79
C PRO E 20 -20.11 -15.68 33.34
N VAL E 21 -21.18 -16.44 33.10
CA VAL E 21 -21.54 -16.84 31.75
C VAL E 21 -22.61 -15.87 31.28
N LEU E 22 -22.17 -14.88 30.53
CA LEU E 22 -23.06 -13.87 30.04
C LEU E 22 -23.05 -13.84 28.54
N ALA E 23 -24.20 -13.40 27.99
CA ALA E 23 -24.44 -13.23 26.58
C ALA E 23 -23.36 -12.29 26.00
N ALA E 24 -22.95 -12.58 24.78
CA ALA E 24 -21.97 -11.83 24.03
C ALA E 24 -22.45 -10.41 23.68
N CYS E 25 -23.76 -10.18 23.77
CA CYS E 25 -24.34 -8.92 23.36
C CYS E 25 -25.29 -8.35 24.40
N GLU E 26 -25.27 -7.03 24.50
CA GLU E 26 -26.13 -6.28 25.40
C GLU E 26 -26.81 -5.17 24.60
N HIS E 27 -28.10 -5.32 24.38
CA HIS E 27 -28.87 -4.39 23.58
C HIS E 27 -29.53 -3.34 24.46
N PHE E 28 -29.39 -2.08 24.02
CA PHE E 28 -29.95 -0.92 24.69
C PHE E 28 -31.28 -0.46 24.10
N ALA E 29 -32.25 -0.12 24.97
CA ALA E 29 -33.58 0.38 24.57
C ALA E 29 -34.03 1.37 25.65
N GLY E 30 -34.39 2.56 25.17
CA GLY E 30 -34.77 3.66 26.03
C GLY E 30 -36.25 3.82 26.26
N SER E 31 -37.09 3.47 25.29
CA SER E 31 -38.53 3.66 25.37
C SER E 31 -39.26 2.36 25.70
N GLU E 32 -40.49 2.46 26.22
CA GLU E 32 -41.33 1.30 26.53
C GLU E 32 -41.50 0.40 25.29
N LYS E 33 -41.81 1.00 24.14
CA LYS E 33 -41.99 0.34 22.85
C LYS E 33 -40.75 -0.45 22.48
N LEU E 34 -39.58 0.20 22.47
CA LEU E 34 -38.32 -0.45 22.10
C LEU E 34 -37.88 -1.50 23.11
N ILE E 35 -38.17 -1.30 24.43
CA ILE E 35 -37.86 -2.28 25.48
C ILE E 35 -38.71 -3.57 25.21
N GLY E 36 -40.01 -3.42 24.94
CA GLY E 36 -40.93 -4.52 24.62
C GLY E 36 -40.54 -5.27 23.36
N LYS E 37 -40.16 -4.55 22.32
CA LYS E 37 -39.68 -5.13 21.07
C LYS E 37 -38.40 -5.95 21.30
N ALA E 38 -37.46 -5.43 22.14
CA ALA E 38 -36.18 -6.09 22.49
C ALA E 38 -36.45 -7.35 23.29
N MSE E 39 -37.41 -7.30 24.20
CA MSE E 39 -37.81 -8.49 25.00
C MSE E 39 -38.42 -9.53 24.10
O MSE E 39 -38.12 -10.71 24.27
CB MSE E 39 -38.80 -8.13 26.10
CG MSE E 39 -38.12 -7.42 27.28
SE MSE E 39 -39.48 -6.69 28.48
CE MSE E 39 -38.27 -5.94 29.91
N ASP E 40 -39.24 -9.11 23.12
CA ASP E 40 -39.84 -10.02 22.13
C ASP E 40 -38.78 -10.62 21.20
N LEU E 41 -37.71 -9.84 20.94
CA LEU E 41 -36.62 -10.28 20.07
C LEU E 41 -35.79 -11.36 20.80
N GLN E 42 -35.73 -11.31 22.16
CA GLN E 42 -35.07 -12.33 22.99
C GLN E 42 -35.84 -13.64 22.88
N VAL E 43 -37.18 -13.56 22.69
CA VAL E 43 -38.03 -14.72 22.56
C VAL E 43 -37.77 -15.34 21.22
N GLU E 44 -37.63 -14.48 20.18
CA GLU E 44 -37.38 -14.87 18.80
C GLU E 44 -35.99 -15.48 18.61
N TYR E 45 -34.96 -14.80 19.12
CA TYR E 45 -33.55 -15.16 18.96
C TYR E 45 -33.03 -16.14 20.00
N GLY E 46 -33.65 -16.11 21.18
CA GLY E 46 -33.19 -16.85 22.34
C GLY E 46 -32.40 -15.84 23.16
N PRO E 47 -32.14 -16.08 24.49
CA PRO E 47 -31.42 -15.08 25.28
C PRO E 47 -29.92 -14.99 24.93
N VAL E 48 -29.62 -14.84 23.62
CA VAL E 48 -28.26 -14.67 23.05
C VAL E 48 -27.79 -13.24 23.32
N PHE E 49 -28.71 -12.37 23.76
CA PHE E 49 -28.42 -10.99 24.11
C PHE E 49 -29.23 -10.60 25.34
N ASP E 50 -28.66 -9.67 26.14
CA ASP E 50 -29.35 -9.09 27.29
C ASP E 50 -29.96 -7.78 26.85
N VAL E 51 -30.95 -7.30 27.59
CA VAL E 51 -31.58 -6.02 27.28
C VAL E 51 -31.31 -5.05 28.43
N THR E 52 -30.73 -3.89 28.13
CA THR E 52 -30.56 -2.85 29.13
C THR E 52 -31.61 -1.77 28.88
N CYS E 53 -32.48 -1.59 29.86
CA CYS E 53 -33.48 -0.55 29.87
C CYS E 53 -32.76 0.70 30.30
N ASP E 54 -32.63 1.62 29.41
CA ASP E 54 -31.86 2.79 29.67
C ASP E 54 -32.66 3.83 30.43
N CYS E 55 -32.12 4.36 31.52
CA CYS E 55 -32.72 5.44 32.28
C CYS E 55 -31.93 6.64 31.99
N GLU E 56 -30.58 6.48 32.09
CA GLU E 56 -29.57 7.52 31.87
C GLU E 56 -29.73 8.34 30.58
N ASP E 57 -29.99 7.67 29.44
CA ASP E 57 -30.20 8.38 28.19
C ASP E 57 -31.68 8.52 27.89
N GLY E 58 -32.44 7.44 28.12
CA GLY E 58 -33.87 7.35 27.91
C GLY E 58 -34.75 8.35 28.64
N ALA E 59 -34.56 8.51 29.98
CA ALA E 59 -35.39 9.43 30.80
C ALA E 59 -35.24 10.90 30.36
N ALA E 60 -36.39 11.59 30.23
CA ALA E 60 -36.49 13.00 29.82
C ALA E 60 -36.17 13.95 30.99
N ALA E 61 -35.96 15.25 30.68
CA ALA E 61 -35.64 16.40 31.54
C ALA E 61 -36.01 16.23 33.03
N GLY E 62 -37.30 16.02 33.31
CA GLY E 62 -37.80 15.83 34.67
C GLY E 62 -38.79 14.68 34.79
N GLN E 63 -38.61 13.66 33.93
CA GLN E 63 -39.46 12.48 33.84
C GLN E 63 -38.77 11.25 34.45
N GLU E 64 -37.69 11.44 35.26
CA GLU E 64 -36.86 10.37 35.83
C GLU E 64 -37.67 9.35 36.63
N ARG E 65 -38.60 9.80 37.52
CA ARG E 65 -39.45 8.89 38.29
C ARG E 65 -40.36 8.09 37.36
N GLU E 66 -41.07 8.80 36.46
CA GLU E 66 -42.00 8.22 35.46
C GLU E 66 -41.28 7.18 34.60
N HIS E 67 -40.04 7.49 34.18
CA HIS E 67 -39.25 6.62 33.34
C HIS E 67 -38.80 5.36 34.10
N ALA E 68 -38.22 5.51 35.31
CA ALA E 68 -37.80 4.34 36.12
C ALA E 68 -39.05 3.43 36.43
N GLU E 69 -40.22 4.05 36.67
CA GLU E 69 -41.46 3.31 36.94
C GLU E 69 -41.85 2.47 35.74
N MSE E 70 -41.66 3.02 34.52
CA MSE E 70 -41.97 2.30 33.29
C MSE E 70 -40.99 1.12 33.18
O MSE E 70 -41.43 0.01 32.99
CB MSE E 70 -41.92 3.25 32.06
CG MSE E 70 -42.16 2.56 30.72
SE MSE E 70 -40.47 1.70 30.10
CE MSE E 70 -39.48 3.29 29.51
N VAL E 71 -39.70 1.37 33.43
CA VAL E 71 -38.62 0.36 33.34
C VAL E 71 -38.93 -0.79 34.31
N ALA E 72 -39.17 -0.48 35.59
CA ALA E 72 -39.51 -1.46 36.64
C ALA E 72 -40.71 -2.32 36.21
N ARG E 73 -41.78 -1.67 35.72
CA ARG E 73 -42.97 -2.33 35.24
C ARG E 73 -42.68 -3.29 34.07
N MSE E 74 -41.85 -2.85 33.12
CA MSE E 74 -41.53 -3.64 31.95
C MSE E 74 -40.69 -4.85 32.36
O MSE E 74 -40.99 -5.94 31.90
CB MSE E 74 -40.81 -2.79 30.87
CG MSE E 74 -41.73 -1.76 30.17
SE MSE E 74 -43.21 -2.62 29.25
CE MSE E 74 -42.27 -3.20 27.66
N ILE E 75 -39.70 -4.66 33.26
CA ILE E 75 -38.82 -5.74 33.74
C ILE E 75 -39.65 -6.79 34.55
N ALA E 76 -40.61 -6.32 35.35
CA ALA E 76 -41.45 -7.18 36.17
C ALA E 76 -42.50 -7.93 35.35
N SER E 77 -42.89 -7.39 34.19
CA SER E 77 -43.97 -7.89 33.35
C SER E 77 -43.68 -9.28 32.74
N ASP E 78 -44.76 -9.96 32.35
CA ASP E 78 -44.80 -11.26 31.69
C ASP E 78 -44.15 -11.18 30.31
N ARG E 79 -44.10 -9.96 29.72
CA ARG E 79 -43.42 -9.64 28.47
C ARG E 79 -41.91 -9.99 28.59
N ASN E 80 -41.34 -9.81 29.79
CA ASN E 80 -39.94 -10.13 30.07
C ASN E 80 -39.89 -11.62 30.34
N VAL E 81 -39.79 -12.41 29.27
CA VAL E 81 -39.82 -13.87 29.33
C VAL E 81 -38.53 -14.49 29.85
N HIS E 82 -37.38 -14.05 29.36
CA HIS E 82 -36.11 -14.70 29.73
C HIS E 82 -35.46 -14.16 31.01
N GLY E 83 -35.96 -13.05 31.56
CA GLY E 83 -35.40 -12.47 32.78
C GLY E 83 -33.99 -11.95 32.58
N ARG E 84 -33.68 -11.53 31.36
CA ARG E 84 -32.38 -11.01 30.95
C ARG E 84 -32.49 -9.56 30.53
N ALA E 85 -33.17 -8.80 31.38
CA ALA E 85 -33.39 -7.38 31.25
C ALA E 85 -32.86 -6.65 32.49
N GLY E 86 -31.87 -5.81 32.26
CA GLY E 86 -31.24 -5.00 33.28
C GLY E 86 -31.60 -3.56 33.05
N ALA E 87 -31.05 -2.66 33.88
CA ALA E 87 -31.33 -1.25 33.72
C ALA E 87 -30.08 -0.40 33.92
N ARG E 88 -29.93 0.65 33.10
CA ARG E 88 -28.85 1.61 33.29
C ARG E 88 -29.44 2.73 34.10
N ILE E 89 -28.88 3.04 35.27
CA ILE E 89 -29.39 4.13 36.11
C ILE E 89 -28.65 5.42 35.74
N HIS E 90 -29.02 6.55 36.33
CA HIS E 90 -28.29 7.82 36.17
C HIS E 90 -26.90 7.73 36.86
N ASP E 91 -25.94 8.60 36.52
CA ASP E 91 -24.58 8.53 37.09
C ASP E 91 -24.52 8.93 38.59
N PRO E 92 -23.43 8.58 39.35
CA PRO E 92 -23.40 8.89 40.79
C PRO E 92 -23.51 10.37 41.19
N SER E 93 -23.33 11.28 40.25
CA SER E 93 -23.43 12.71 40.53
C SER E 93 -24.83 13.25 40.18
N HIS E 94 -25.64 12.44 39.49
CA HIS E 94 -26.98 12.81 39.09
C HIS E 94 -27.94 12.70 40.28
N PRO E 95 -28.87 13.67 40.48
CA PRO E 95 -29.75 13.60 41.68
C PRO E 95 -30.78 12.48 41.68
N ALA E 96 -30.97 11.77 40.58
CA ALA E 96 -31.99 10.73 40.48
C ALA E 96 -31.47 9.29 40.62
N TRP E 97 -30.13 9.08 40.75
CA TRP E 97 -29.61 7.71 40.73
C TRP E 97 -30.19 6.82 41.86
N ARG E 98 -30.34 7.34 43.09
CA ARG E 98 -30.88 6.57 44.21
C ARG E 98 -32.35 6.23 43.97
N GLN E 99 -33.10 7.21 43.45
CA GLN E 99 -34.50 7.08 43.12
C GLN E 99 -34.68 5.99 42.02
N ASP E 100 -33.78 5.97 41.02
CA ASP E 100 -33.79 4.93 39.98
C ASP E 100 -33.65 3.56 40.60
N VAL E 101 -32.72 3.43 41.56
CA VAL E 101 -32.44 2.18 42.29
C VAL E 101 -33.71 1.75 43.08
N ASP E 102 -34.28 2.67 43.86
CA ASP E 102 -35.47 2.45 44.68
C ASP E 102 -36.61 1.94 43.85
N ILE E 103 -36.88 2.64 42.76
CA ILE E 103 -38.01 2.30 41.92
C ILE E 103 -37.78 0.97 41.20
N ILE E 104 -36.63 0.80 40.55
CA ILE E 104 -36.38 -0.40 39.76
C ILE E 104 -36.16 -1.65 40.66
N VAL E 105 -35.40 -1.55 41.72
CA VAL E 105 -35.18 -2.72 42.55
C VAL E 105 -36.47 -3.15 43.25
N ASN E 106 -37.22 -2.21 43.84
CA ASN E 106 -38.48 -2.53 44.51
C ASN E 106 -39.57 -2.96 43.54
N GLY E 107 -39.54 -2.46 42.32
CA GLY E 107 -40.56 -2.75 41.33
C GLY E 107 -40.31 -3.92 40.37
N ALA E 108 -39.04 -4.32 40.09
CA ALA E 108 -38.71 -5.35 39.09
C ALA E 108 -39.18 -6.80 39.41
N GLY E 109 -39.97 -6.97 40.47
CA GLY E 109 -40.53 -8.27 40.85
C GLY E 109 -39.53 -9.41 40.93
N GLY E 110 -38.28 -9.08 41.30
CA GLY E 110 -37.19 -10.04 41.43
C GLY E 110 -36.59 -10.55 40.13
N ARG E 111 -36.99 -9.95 39.00
CA ARG E 111 -36.55 -10.36 37.67
C ARG E 111 -35.37 -9.54 37.17
N LEU E 112 -34.97 -8.46 37.89
CA LEU E 112 -33.87 -7.55 37.48
C LEU E 112 -32.58 -8.32 37.32
N ALA E 113 -32.03 -8.34 36.11
CA ALA E 113 -30.84 -9.10 35.77
C ALA E 113 -29.56 -8.43 36.29
N TYR E 114 -29.49 -7.09 36.21
CA TYR E 114 -28.33 -6.28 36.61
C TYR E 114 -28.66 -4.80 36.60
N ILE E 115 -27.78 -4.01 37.20
CA ILE E 115 -27.82 -2.55 37.17
C ILE E 115 -26.52 -2.07 36.55
N THR E 116 -26.65 -1.23 35.54
CA THR E 116 -25.51 -0.63 34.85
C THR E 116 -25.32 0.76 35.47
N VAL E 117 -24.12 1.00 35.99
CA VAL E 117 -23.72 2.25 36.65
C VAL E 117 -22.81 3.04 35.71
N PRO E 118 -23.28 4.22 35.21
CA PRO E 118 -22.43 5.02 34.29
C PRO E 118 -21.63 6.11 35.02
N LYS E 119 -20.63 6.69 34.31
CA LYS E 119 -19.84 7.89 34.59
C LYS E 119 -19.29 8.05 36.03
N ALA E 120 -18.96 6.96 36.71
CA ALA E 120 -18.32 7.08 38.02
C ALA E 120 -16.94 7.63 37.81
N THR E 121 -16.49 8.49 38.73
CA THR E 121 -15.21 9.18 38.60
C THR E 121 -14.13 8.62 39.54
N ASN E 122 -14.45 7.66 40.41
CA ASN E 122 -13.50 6.97 41.32
C ASN E 122 -14.14 5.73 41.90
N SER E 123 -13.32 4.81 42.45
CA SER E 123 -13.68 3.52 43.01
C SER E 123 -14.66 3.61 44.22
N GLY E 124 -14.40 4.57 45.11
CA GLY E 124 -15.22 4.79 46.30
C GLY E 124 -16.68 5.07 45.99
N GLN E 125 -16.90 5.83 44.93
CA GLN E 125 -18.20 6.20 44.39
C GLN E 125 -18.97 4.99 43.84
N VAL E 126 -18.23 4.02 43.23
CA VAL E 126 -18.82 2.80 42.68
C VAL E 126 -19.27 1.92 43.86
N ALA E 127 -18.39 1.81 44.83
CA ALA E 127 -18.55 1.07 46.04
C ALA E 127 -19.81 1.55 46.81
N GLU E 128 -20.10 2.88 46.72
CA GLU E 128 -21.24 3.55 47.35
C GLU E 128 -22.55 3.20 46.67
N VAL E 129 -22.56 3.27 45.34
CA VAL E 129 -23.71 2.94 44.51
C VAL E 129 -24.02 1.46 44.73
N ILE E 130 -22.97 0.60 44.78
CA ILE E 130 -23.09 -0.85 45.01
C ILE E 130 -23.72 -1.09 46.34
N ARG E 131 -23.23 -0.42 47.39
CA ARG E 131 -23.73 -0.54 48.73
CA ARG E 131 -23.72 -0.46 48.76
C ARG E 131 -25.19 -0.12 48.85
N TYR E 132 -25.58 0.95 48.12
CA TYR E 132 -26.93 1.46 48.12
C TYR E 132 -27.84 0.45 47.45
N ILE E 133 -27.43 -0.12 46.30
CA ILE E 133 -28.16 -1.16 45.57
C ILE E 133 -28.39 -2.37 46.51
N GLY E 134 -27.35 -2.79 47.24
CA GLY E 134 -27.40 -3.89 48.19
C GLY E 134 -28.40 -3.66 49.32
N ASP E 135 -28.43 -2.44 49.87
CA ASP E 135 -29.37 -2.05 50.93
C ASP E 135 -30.82 -2.14 50.43
N VAL E 136 -31.09 -1.62 49.22
CA VAL E 136 -32.40 -1.61 48.60
C VAL E 136 -32.82 -3.06 48.24
N ALA E 137 -31.87 -3.85 47.67
CA ALA E 137 -32.13 -5.24 47.33
C ALA E 137 -32.49 -6.07 48.57
N LYS E 138 -31.81 -5.84 49.69
CA LYS E 138 -32.08 -6.54 50.95
C LYS E 138 -33.47 -6.18 51.47
N ARG E 139 -33.81 -4.85 51.51
CA ARG E 139 -35.12 -4.37 52.00
C ARG E 139 -36.27 -4.84 51.12
N ALA E 140 -35.99 -5.11 49.83
CA ALA E 140 -36.97 -5.61 48.86
C ALA E 140 -37.17 -7.13 48.97
N GLY E 141 -36.41 -7.78 49.85
CA GLY E 141 -36.49 -9.21 50.09
C GLY E 141 -35.86 -10.08 49.02
N LEU E 142 -34.88 -9.54 48.29
CA LEU E 142 -34.12 -10.25 47.27
C LEU E 142 -33.13 -11.19 47.96
N ASP E 143 -33.10 -12.46 47.51
CA ASP E 143 -32.23 -13.47 48.10
C ASP E 143 -30.77 -13.24 47.66
N LYS E 144 -30.53 -13.23 46.35
CA LYS E 144 -29.19 -13.03 45.81
C LYS E 144 -28.97 -11.53 45.54
N PRO E 145 -27.71 -11.03 45.61
CA PRO E 145 -27.47 -9.62 45.27
C PRO E 145 -27.69 -9.32 43.78
N VAL E 146 -28.04 -8.05 43.47
CA VAL E 146 -28.25 -7.57 42.12
C VAL E 146 -26.85 -7.41 41.47
N PRO E 147 -26.53 -8.17 40.38
CA PRO E 147 -25.21 -8.00 39.72
C PRO E 147 -25.07 -6.59 39.16
N VAL E 148 -23.86 -6.06 39.14
CA VAL E 148 -23.59 -4.71 38.70
C VAL E 148 -22.66 -4.72 37.49
N HIS E 149 -22.94 -3.82 36.55
CA HIS E 149 -22.16 -3.52 35.36
C HIS E 149 -21.63 -2.11 35.53
N VAL E 150 -20.31 -1.95 35.53
CA VAL E 150 -19.72 -0.61 35.75
C VAL E 150 -19.07 -0.08 34.48
N LEU E 151 -19.50 1.10 34.06
CA LEU E 151 -18.87 1.85 32.95
C LEU E 151 -17.54 2.45 33.40
N ILE E 152 -16.50 2.21 32.62
CA ILE E 152 -15.17 2.79 32.78
C ILE E 152 -15.12 3.77 31.66
N GLU E 153 -15.41 5.05 31.96
CA GLU E 153 -15.51 6.08 30.93
C GLU E 153 -15.03 7.45 31.38
N THR E 154 -14.24 7.48 32.46
CA THR E 154 -13.68 8.71 33.01
C THR E 154 -12.23 8.46 33.33
N HIS E 155 -11.49 9.56 33.57
CA HIS E 155 -10.09 9.53 33.96
C HIS E 155 -9.95 8.82 35.28
N GLY E 156 -10.77 9.16 36.27
CA GLY E 156 -10.74 8.54 37.59
C GLY E 156 -11.12 7.07 37.64
N ALA E 157 -12.15 6.68 36.89
CA ALA E 157 -12.56 5.28 36.84
C ALA E 157 -11.49 4.43 36.15
N LEU E 158 -10.78 4.98 35.14
CA LEU E 158 -9.70 4.23 34.48
C LEU E 158 -8.51 4.12 35.44
N ARG E 159 -8.13 5.22 36.07
CA ARG E 159 -7.05 5.21 37.05
C ARG E 159 -7.34 4.15 38.15
N ASP E 160 -8.61 4.08 38.62
CA ASP E 160 -9.06 3.18 39.69
C ASP E 160 -9.66 1.87 39.20
N VAL E 161 -9.44 1.50 37.94
CA VAL E 161 -10.06 0.32 37.36
C VAL E 161 -9.75 -0.99 38.14
N PHE E 162 -8.54 -1.18 38.65
CA PHE E 162 -8.17 -2.40 39.41
C PHE E 162 -8.81 -2.42 40.81
N GLN E 163 -9.08 -1.25 41.36
CA GLN E 163 -9.76 -1.10 42.63
C GLN E 163 -11.27 -1.34 42.41
N ILE E 164 -11.84 -0.76 41.35
CA ILE E 164 -13.24 -0.96 40.98
C ILE E 164 -13.50 -2.46 40.73
N ALA E 165 -12.60 -3.14 39.97
CA ALA E 165 -12.75 -4.56 39.63
C ALA E 165 -12.75 -5.48 40.86
N GLU E 166 -12.26 -5.00 42.00
CA GLU E 166 -12.25 -5.78 43.23
C GLU E 166 -13.52 -5.64 44.03
N LEU E 167 -14.40 -4.70 43.67
CA LEU E 167 -15.64 -4.45 44.40
C LEU E 167 -16.64 -5.58 44.23
N PRO E 168 -17.48 -5.85 45.25
CA PRO E 168 -18.41 -6.99 45.13
C PRO E 168 -19.57 -6.79 44.17
N ASN E 169 -20.05 -7.92 43.63
CA ASN E 169 -21.19 -8.05 42.76
C ASN E 169 -21.01 -7.42 41.39
N ILE E 170 -19.78 -7.12 40.97
CA ILE E 170 -19.55 -6.63 39.61
C ILE E 170 -19.35 -7.87 38.74
N GLU E 171 -20.08 -7.93 37.66
CA GLU E 171 -19.95 -9.04 36.73
C GLU E 171 -19.51 -8.52 35.36
N VAL E 172 -19.68 -7.21 35.09
CA VAL E 172 -19.24 -6.59 33.84
C VAL E 172 -18.54 -5.24 34.10
N LEU E 173 -17.47 -4.99 33.33
CA LEU E 173 -16.80 -3.69 33.18
C LEU E 173 -17.09 -3.26 31.75
N ASP E 174 -17.75 -2.09 31.60
CA ASP E 174 -18.14 -1.56 30.30
C ASP E 174 -17.21 -0.48 29.85
N PHE E 175 -16.71 -0.59 28.61
CA PHE E 175 -15.86 0.49 28.13
C PHE E 175 -16.75 1.60 27.49
N GLY E 176 -16.73 2.79 28.06
CA GLY E 176 -17.49 3.91 27.57
C GLY E 176 -16.59 4.81 26.78
N LEU E 177 -16.45 4.53 25.48
CA LEU E 177 -15.57 5.22 24.55
C LEU E 177 -15.90 6.72 24.44
N MSE E 178 -17.16 7.04 24.11
CA MSE E 178 -17.60 8.40 23.89
C MSE E 178 -17.34 9.33 25.09
O MSE E 178 -16.75 10.38 24.90
CB MSE E 178 -19.06 8.46 23.49
CG MSE E 178 -19.36 9.72 22.71
SE MSE E 178 -21.22 10.17 22.61
CE MSE E 178 -21.55 10.72 24.57
N ASP E 179 -17.78 8.95 26.30
CA ASP E 179 -17.59 9.80 27.48
C ASP E 179 -16.13 9.88 27.87
N PHE E 180 -15.36 8.82 27.64
CA PHE E 180 -13.95 8.75 27.93
C PHE E 180 -13.20 9.74 27.05
N VAL E 181 -13.50 9.75 25.74
CA VAL E 181 -12.88 10.67 24.78
C VAL E 181 -13.24 12.12 25.12
N SER E 182 -14.52 12.40 25.47
CA SER E 182 -15.02 13.75 25.78
C SER E 182 -14.27 14.41 26.96
N GLY E 183 -13.78 13.61 27.91
CA GLY E 183 -13.02 14.12 29.05
C GLY E 183 -11.56 14.46 28.78
N HIS E 184 -11.11 14.28 27.52
CA HIS E 184 -9.71 14.51 27.13
C HIS E 184 -9.39 15.91 26.57
N HIS E 185 -10.24 16.92 26.86
CA HIS E 185 -10.05 18.34 26.49
C HIS E 185 -9.72 18.49 24.97
N GLY E 186 -10.37 17.66 24.14
CA GLY E 186 -10.16 17.63 22.69
C GLY E 186 -8.85 17.04 22.22
N ALA E 187 -8.06 16.38 23.11
CA ALA E 187 -6.75 15.80 22.73
C ALA E 187 -6.91 14.53 21.91
N ILE E 188 -8.07 13.85 22.03
CA ILE E 188 -8.40 12.66 21.24
C ILE E 188 -9.33 13.14 20.11
N PRO E 189 -8.88 13.07 18.83
CA PRO E 189 -9.74 13.54 17.73
C PRO E 189 -10.96 12.64 17.50
N ALA E 190 -11.97 13.17 16.79
CA ALA E 190 -13.23 12.48 16.45
C ALA E 190 -13.00 11.21 15.64
N ALA E 191 -12.00 11.22 14.75
CA ALA E 191 -11.62 10.08 13.91
C ALA E 191 -11.24 8.83 14.74
N ALA E 192 -10.77 9.05 15.98
CA ALA E 192 -10.37 7.97 16.91
C ALA E 192 -11.61 7.35 17.62
N MSE E 193 -12.77 8.01 17.55
CA MSE E 193 -14.00 7.50 18.15
CA MSE E 193 -14.01 7.53 18.15
C MSE E 193 -14.61 6.44 17.26
O MSE E 193 -15.63 5.83 17.62
CB MSE E 193 -14.99 8.64 18.36
CB MSE E 193 -15.00 8.68 18.37
CG MSE E 193 -14.64 9.55 19.49
CG MSE E 193 -14.77 9.47 19.63
SE MSE E 193 -16.12 9.46 20.69
SE MSE E 193 -15.38 11.32 19.39
CE MSE E 193 -17.41 10.61 19.76
CE MSE E 193 -16.54 11.37 20.97
N ARG E 194 -14.00 6.18 16.10
CA ARG E 194 -14.48 5.17 15.18
C ARG E 194 -13.33 4.26 14.75
N SER E 195 -13.68 3.17 14.08
CA SER E 195 -12.74 2.20 13.57
C SER E 195 -12.04 2.76 12.34
N PRO E 196 -10.72 2.55 12.19
CA PRO E 196 -9.84 1.71 13.04
C PRO E 196 -9.15 2.45 14.22
N GLY E 197 -9.45 3.74 14.42
CA GLY E 197 -8.81 4.58 15.44
C GLY E 197 -9.07 4.22 16.90
N GLN E 198 -10.24 3.67 17.21
CA GLN E 198 -10.60 3.25 18.56
C GLN E 198 -9.82 1.99 18.99
N PHE E 199 -9.12 1.33 18.05
CA PHE E 199 -8.33 0.14 18.31
C PHE E 199 -6.85 0.44 18.14
N GLU E 200 -6.50 1.72 17.85
CA GLU E 200 -5.11 2.07 17.53
C GLU E 200 -4.60 3.32 18.20
N HIS E 201 -5.49 4.26 18.55
CA HIS E 201 -5.07 5.45 19.29
C HIS E 201 -4.44 4.99 20.61
N ALA E 202 -3.21 5.43 20.89
CA ALA E 202 -2.43 5.03 22.05
C ALA E 202 -3.21 5.13 23.38
N LEU E 203 -4.01 6.18 23.56
CA LEU E 203 -4.78 6.38 24.80
C LEU E 203 -5.94 5.42 24.88
N LEU E 204 -6.52 5.07 23.73
CA LEU E 204 -7.65 4.16 23.68
C LEU E 204 -7.19 2.70 23.81
N VAL E 205 -6.05 2.36 23.19
CA VAL E 205 -5.45 1.02 23.32
C VAL E 205 -5.15 0.79 24.80
N ARG E 206 -4.49 1.77 25.44
CA ARG E 206 -4.10 1.76 26.83
C ARG E 206 -5.33 1.62 27.75
N ALA E 207 -6.37 2.43 27.54
CA ALA E 207 -7.58 2.41 28.33
C ALA E 207 -8.30 1.07 28.19
N LYS E 208 -8.52 0.61 26.94
CA LYS E 208 -9.20 -0.66 26.67
C LYS E 208 -8.42 -1.84 27.26
N ALA E 209 -7.07 -1.89 27.04
CA ALA E 209 -6.27 -2.98 27.55
C ALA E 209 -6.24 -2.98 29.10
N ASP E 210 -6.19 -1.82 29.74
CA ASP E 210 -6.22 -1.74 31.21
C ASP E 210 -7.53 -2.25 31.76
N MSE E 211 -8.64 -1.85 31.14
CA MSE E 211 -9.95 -2.26 31.61
C MSE E 211 -10.13 -3.80 31.45
O MSE E 211 -10.59 -4.45 32.39
CB MSE E 211 -11.06 -1.49 30.90
CG MSE E 211 -12.38 -1.56 31.67
SE MSE E 211 -13.93 -1.47 30.54
CE MSE E 211 -13.73 -3.11 29.62
N VAL E 212 -9.76 -4.36 30.29
CA VAL E 212 -9.87 -5.81 30.03
C VAL E 212 -8.95 -6.57 31.04
N ALA E 213 -7.73 -6.09 31.25
CA ALA E 213 -6.79 -6.68 32.20
C ALA E 213 -7.37 -6.70 33.62
N ALA E 214 -8.03 -5.60 34.05
CA ALA E 214 -8.64 -5.46 35.37
C ALA E 214 -9.84 -6.39 35.55
N ALA E 215 -10.65 -6.50 34.51
CA ALA E 215 -11.85 -7.33 34.50
C ALA E 215 -11.49 -8.79 34.57
N LEU E 216 -10.66 -9.25 33.63
CA LEU E 216 -10.23 -10.65 33.57
C LEU E 216 -9.42 -11.05 34.81
N ALA E 217 -8.66 -10.14 35.40
CA ALA E 217 -7.91 -10.42 36.64
C ALA E 217 -8.83 -10.72 37.81
N ASN E 218 -10.08 -10.25 37.75
CA ASN E 218 -11.03 -10.39 38.85
C ASN E 218 -12.30 -11.20 38.48
N GLY E 219 -12.21 -12.04 37.46
CA GLY E 219 -13.33 -12.87 37.00
C GLY E 219 -14.54 -12.07 36.59
N ILE E 220 -14.30 -10.92 35.93
CA ILE E 220 -15.34 -10.03 35.46
C ILE E 220 -15.30 -10.05 33.94
N VAL E 221 -16.47 -10.00 33.30
CA VAL E 221 -16.56 -9.95 31.85
C VAL E 221 -16.24 -8.52 31.36
N PRO E 222 -15.27 -8.35 30.44
CA PRO E 222 -15.03 -7.00 29.86
C PRO E 222 -15.93 -6.80 28.65
N ALA E 223 -16.72 -5.70 28.61
CA ALA E 223 -17.63 -5.40 27.52
C ALA E 223 -17.21 -4.17 26.73
N HIS E 224 -17.39 -4.26 25.43
CA HIS E 224 -16.94 -3.25 24.49
C HIS E 224 -18.06 -2.29 24.14
N ASN E 225 -17.68 -1.08 23.76
CA ASN E 225 -18.57 -0.01 23.30
C ASN E 225 -19.22 -0.38 21.95
N VAL E 226 -20.31 0.30 21.63
CA VAL E 226 -21.11 0.03 20.42
C VAL E 226 -20.33 0.27 19.14
N CYS E 227 -20.87 -0.27 18.04
CA CYS E 227 -20.41 0.03 16.71
C CYS E 227 -21.31 1.16 16.26
N LEU E 228 -20.74 2.25 15.71
CA LEU E 228 -21.55 3.39 15.29
C LEU E 228 -22.30 3.12 13.95
N ASN E 229 -21.86 2.08 13.21
CA ASN E 229 -22.54 1.60 12.03
C ASN E 229 -23.69 0.72 12.49
N LEU E 230 -24.91 1.17 12.29
CA LEU E 230 -26.08 0.52 12.82
C LEU E 230 -26.58 -0.68 12.04
N LYS E 231 -26.38 -0.72 10.70
CA LYS E 231 -26.98 -1.77 9.88
C LYS E 231 -25.98 -2.62 9.04
N ASP E 232 -24.74 -2.17 8.80
CA ASP E 232 -23.79 -2.95 8.00
C ASP E 232 -23.19 -4.06 8.86
N ALA E 233 -23.67 -5.31 8.65
CA ALA E 233 -23.25 -6.50 9.42
C ALA E 233 -21.73 -6.75 9.38
N GLU E 234 -21.10 -6.52 8.25
CA GLU E 234 -19.66 -6.74 8.07
C GLU E 234 -18.81 -5.80 8.93
N VAL E 235 -19.26 -4.52 9.09
CA VAL E 235 -18.58 -3.48 9.88
C VAL E 235 -18.78 -3.76 11.37
N ILE E 236 -20.01 -4.21 11.76
CA ILE E 236 -20.33 -4.56 13.14
C ILE E 236 -19.49 -5.77 13.54
N ALA E 237 -19.47 -6.82 12.70
CA ALA E 237 -18.69 -8.05 12.92
C ALA E 237 -17.20 -7.75 13.05
N SER E 238 -16.68 -6.83 12.22
CA SER E 238 -15.28 -6.42 12.22
C SER E 238 -14.90 -5.79 13.57
N ASP E 239 -15.71 -4.88 14.10
CA ASP E 239 -15.50 -4.25 15.41
C ASP E 239 -15.55 -5.29 16.52
N ALA E 240 -16.56 -6.19 16.48
CA ALA E 240 -16.73 -7.26 17.48
C ALA E 240 -15.55 -8.22 17.47
N CYS E 241 -15.01 -8.55 16.27
CA CYS E 241 -13.85 -9.44 16.11
C CYS E 241 -12.57 -8.79 16.64
N ARG E 242 -12.36 -7.49 16.36
CA ARG E 242 -11.12 -6.84 16.86
C ARG E 242 -11.13 -6.73 18.36
N ALA E 243 -12.28 -6.36 18.91
CA ALA E 243 -12.45 -6.23 20.32
C ALA E 243 -12.18 -7.57 20.96
N ARG E 244 -12.79 -8.64 20.39
CA ARG E 244 -12.67 -10.01 20.88
CA ARG E 244 -12.67 -10.01 20.88
C ARG E 244 -11.25 -10.58 20.78
N ASN E 245 -10.66 -10.57 19.58
CA ASN E 245 -9.37 -11.21 19.29
C ASN E 245 -8.10 -10.40 19.48
N GLU E 246 -8.18 -9.06 19.53
CA GLU E 246 -6.98 -8.24 19.77
C GLU E 246 -6.92 -7.68 21.20
N PHE E 247 -8.09 -7.47 21.82
CA PHE E 247 -8.17 -6.86 23.12
C PHE E 247 -8.67 -7.80 24.18
N GLY E 248 -9.44 -8.81 23.80
CA GLY E 248 -9.96 -9.76 24.80
C GLY E 248 -11.28 -9.41 25.46
N PHE E 249 -12.15 -8.62 24.76
CA PHE E 249 -13.51 -8.31 25.17
C PHE E 249 -14.35 -9.56 24.92
N LEU E 250 -15.35 -9.82 25.78
CA LEU E 250 -16.17 -11.03 25.72
C LEU E 250 -17.65 -10.69 25.56
N ARG E 251 -17.92 -9.40 25.41
CA ARG E 251 -19.26 -8.83 25.30
C ARG E 251 -19.16 -7.51 24.58
N MSE E 252 -20.28 -7.10 23.94
CA MSE E 252 -20.33 -5.82 23.23
C MSE E 252 -21.73 -5.29 23.24
O MSE E 252 -22.70 -6.05 23.13
CB MSE E 252 -19.77 -5.95 21.79
CG MSE E 252 -19.65 -4.65 21.06
SE MSE E 252 -18.66 -4.88 19.44
CE MSE E 252 -19.37 -3.46 18.40
N TRP E 253 -21.86 -3.99 23.41
CA TRP E 253 -23.14 -3.29 23.42
C TRP E 253 -23.71 -3.22 22.01
N SER E 254 -25.05 -3.14 21.94
CA SER E 254 -25.82 -2.96 20.71
C SER E 254 -26.81 -1.81 20.93
N ILE E 255 -26.99 -0.95 19.92
CA ILE E 255 -27.95 0.14 20.01
C ILE E 255 -28.99 0.00 18.90
N TYR E 256 -28.78 -0.98 17.99
CA TYR E 256 -29.73 -1.23 16.91
C TYR E 256 -29.89 -2.75 16.72
N PRO E 257 -31.12 -3.28 16.56
CA PRO E 257 -31.31 -4.75 16.49
C PRO E 257 -30.46 -5.48 15.45
N ALA E 258 -30.12 -4.81 14.35
CA ALA E 258 -29.32 -5.38 13.27
C ALA E 258 -27.89 -5.71 13.75
N GLN E 259 -27.51 -5.17 14.89
CA GLN E 259 -26.18 -5.37 15.44
C GLN E 259 -26.01 -6.66 16.24
N ILE E 260 -27.11 -7.20 16.78
CA ILE E 260 -27.12 -8.35 17.69
C ILE E 260 -26.48 -9.61 17.07
N GLN E 261 -27.05 -10.16 15.98
CA GLN E 261 -26.52 -11.37 15.35
C GLN E 261 -25.04 -11.20 14.95
N PRO E 262 -24.58 -10.12 14.28
CA PRO E 262 -23.11 -10.00 14.00
C PRO E 262 -22.24 -10.00 15.25
N ILE E 263 -22.71 -9.38 16.37
CA ILE E 263 -21.93 -9.36 17.63
C ILE E 263 -21.87 -10.79 18.22
N VAL E 264 -23.04 -11.48 18.33
CA VAL E 264 -23.12 -12.83 18.90
C VAL E 264 -22.23 -13.79 18.09
N ASN E 265 -22.37 -13.80 16.77
CA ASN E 265 -21.61 -14.67 15.87
C ASN E 265 -20.10 -14.39 15.93
N ALA E 266 -19.69 -13.12 16.02
CA ALA E 266 -18.25 -12.78 16.14
C ALA E 266 -17.63 -13.26 17.47
N MSE E 267 -18.46 -13.30 18.54
CA MSE E 267 -18.06 -13.73 19.88
C MSE E 267 -18.16 -15.24 20.12
O MSE E 267 -17.68 -15.71 21.15
CB MSE E 267 -18.94 -13.03 20.89
CG MSE E 267 -18.71 -11.55 20.94
SE MSE E 267 -17.17 -11.12 21.91
CE MSE E 267 -17.24 -9.21 21.58
N ARG E 268 -18.79 -15.99 19.22
CA ARG E 268 -18.99 -17.43 19.33
C ARG E 268 -17.71 -18.24 19.31
N PRO E 269 -17.62 -19.35 20.11
CA PRO E 269 -16.44 -20.22 19.98
C PRO E 269 -16.52 -21.01 18.67
N ASP E 270 -15.36 -21.44 18.14
CA ASP E 270 -15.29 -22.23 16.90
CA ASP E 270 -15.31 -22.22 16.90
C ASP E 270 -16.02 -23.57 17.12
N PHE E 271 -16.74 -24.06 16.10
CA PHE E 271 -17.48 -25.31 16.13
C PHE E 271 -16.63 -26.52 16.61
N THR E 272 -15.38 -26.65 16.11
CA THR E 272 -14.48 -27.75 16.48
C THR E 272 -14.00 -27.60 17.93
N GLU E 273 -13.83 -26.36 18.38
CA GLU E 273 -13.39 -26.02 19.74
C GLU E 273 -14.42 -26.49 20.78
N VAL E 274 -15.74 -26.29 20.50
CA VAL E 274 -16.87 -26.70 21.37
C VAL E 274 -16.98 -28.23 21.36
N GLU E 275 -16.77 -28.85 20.19
CA GLU E 275 -16.82 -30.31 20.02
C GLU E 275 -15.79 -30.96 20.94
N ASP E 276 -14.55 -30.41 20.96
CA ASP E 276 -13.46 -30.87 21.80
C ASP E 276 -13.74 -30.62 23.28
N ALA E 277 -14.28 -29.43 23.62
CA ALA E 277 -14.61 -29.03 24.99
C ALA E 277 -15.63 -30.00 25.65
N ALA E 278 -16.62 -30.48 24.87
CA ALA E 278 -17.65 -31.42 25.33
C ALA E 278 -17.05 -32.83 25.54
N GLY E 279 -16.11 -33.22 24.66
CA GLY E 279 -15.42 -34.50 24.72
C GLY E 279 -14.52 -34.64 25.92
N ILE E 280 -13.74 -33.59 26.21
CA ILE E 280 -12.81 -33.54 27.35
C ILE E 280 -13.59 -33.65 28.63
N LEU E 281 -14.64 -32.85 28.73
CA LEU E 281 -15.52 -32.80 29.90
C LEU E 281 -16.33 -34.08 30.11
N VAL E 282 -16.65 -34.89 29.06
CA VAL E 282 -17.37 -36.14 29.33
C VAL E 282 -16.37 -37.17 30.00
N ALA E 283 -15.13 -37.19 29.51
CA ALA E 283 -14.04 -38.03 30.04
C ALA E 283 -13.48 -37.45 31.37
N THR E 303 -7.64 -26.63 33.86
CA THR E 303 -7.81 -27.00 32.45
C THR E 303 -9.30 -27.28 32.13
N TYR E 304 -9.98 -28.10 32.96
CA TYR E 304 -11.40 -28.44 32.77
C TYR E 304 -12.29 -27.20 32.97
N ARG E 305 -11.89 -26.27 33.87
CA ARG E 305 -12.60 -25.02 34.13
C ARG E 305 -12.63 -24.18 32.85
N TYR E 306 -11.58 -24.31 31.98
CA TYR E 306 -11.44 -23.65 30.68
C TYR E 306 -12.50 -24.17 29.71
N PHE E 307 -12.48 -25.49 29.47
CA PHE E 307 -13.36 -26.17 28.56
C PHE E 307 -14.83 -26.04 29.00
N TRP E 308 -15.06 -25.89 30.34
CA TRP E 308 -16.40 -25.70 30.90
C TRP E 308 -16.94 -24.32 30.54
N GLU E 309 -16.02 -23.32 30.53
CA GLU E 309 -16.29 -21.93 30.16
C GLU E 309 -16.66 -21.86 28.68
N VAL E 310 -15.88 -22.60 27.82
CA VAL E 310 -16.11 -22.68 26.37
C VAL E 310 -17.51 -23.25 26.09
N LEU E 311 -17.81 -24.41 26.64
CA LEU E 311 -19.08 -25.09 26.49
C LEU E 311 -20.23 -24.20 27.00
N GLN E 312 -20.01 -23.47 28.11
CA GLN E 312 -21.03 -22.55 28.65
C GLN E 312 -21.22 -21.34 27.71
N LYS E 313 -20.11 -20.84 27.06
CA LYS E 313 -20.10 -19.77 26.04
C LYS E 313 -20.91 -20.20 24.82
N ALA E 314 -20.74 -21.47 24.38
CA ALA E 314 -21.47 -22.09 23.26
C ALA E 314 -23.00 -22.07 23.50
N LYS E 315 -23.44 -22.44 24.73
CA LYS E 315 -24.86 -22.40 25.07
C LYS E 315 -25.38 -20.96 25.06
N VAL E 316 -24.68 -20.02 25.77
CA VAL E 316 -25.08 -18.60 25.90
C VAL E 316 -25.12 -17.88 24.52
N THR E 317 -24.29 -18.32 23.56
CA THR E 317 -24.24 -17.69 22.22
C THR E 317 -25.13 -18.45 21.20
N GLY E 318 -26.02 -19.30 21.69
CA GLY E 318 -27.01 -20.03 20.88
C GLY E 318 -26.52 -21.19 20.06
N MSE E 319 -25.29 -21.63 20.29
CA MSE E 319 -24.80 -22.79 19.55
C MSE E 319 -25.39 -24.07 20.09
O MSE E 319 -25.89 -24.11 21.22
CB MSE E 319 -23.28 -22.86 19.58
CG MSE E 319 -22.63 -21.77 18.79
SE MSE E 319 -20.75 -21.74 19.17
CE MSE E 319 -20.22 -23.23 18.03
N ALA E 320 -25.38 -25.10 19.25
CA ALA E 320 -25.83 -26.43 19.61
C ALA E 320 -24.74 -27.09 20.45
N VAL E 321 -25.10 -27.52 21.66
CA VAL E 321 -24.20 -28.19 22.58
C VAL E 321 -24.27 -29.67 22.26
N PRO E 322 -23.11 -30.38 22.10
CA PRO E 322 -23.16 -31.81 21.73
C PRO E 322 -23.99 -32.65 22.73
N ALA E 323 -24.77 -33.62 22.18
CA ALA E 323 -25.74 -34.53 22.83
C ALA E 323 -25.57 -34.72 24.36
N GLU E 324 -24.33 -34.67 24.90
CA GLU E 324 -24.02 -34.70 26.33
C GLU E 324 -23.49 -33.30 26.84
N SER F 18 24.61 -1.16 39.88
CA SER F 18 25.25 -1.77 38.71
C SER F 18 24.31 -2.75 38.03
N PHE F 19 24.15 -2.66 36.69
CA PHE F 19 23.23 -3.54 35.96
C PHE F 19 23.82 -4.94 35.86
N PRO F 20 23.02 -6.02 36.07
CA PRO F 20 23.61 -7.36 36.04
C PRO F 20 24.00 -7.79 34.63
N VAL F 21 25.19 -8.38 34.50
CA VAL F 21 25.63 -8.87 33.21
C VAL F 21 25.36 -10.37 33.19
N LEU F 22 24.27 -10.73 32.52
CA LEU F 22 23.85 -12.12 32.47
C LEU F 22 23.79 -12.63 31.06
N ALA F 23 23.96 -13.94 30.90
CA ALA F 23 23.84 -14.66 29.64
C ALA F 23 22.48 -14.37 29.00
N ALA F 24 22.48 -14.28 27.69
CA ALA F 24 21.31 -14.00 26.87
C ALA F 24 20.30 -15.16 26.89
N CYS F 25 20.78 -16.35 27.32
CA CYS F 25 19.96 -17.54 27.31
C CYS F 25 19.98 -18.28 28.64
N GLU F 26 18.81 -18.83 29.01
CA GLU F 26 18.62 -19.64 30.19
C GLU F 26 17.97 -20.96 29.80
N HIS F 27 18.73 -22.06 29.88
CA HIS F 27 18.28 -23.39 29.47
C HIS F 27 17.76 -24.17 30.65
N PHE F 28 16.59 -24.78 30.44
CA PHE F 28 15.89 -25.56 31.46
C PHE F 28 16.07 -27.04 31.28
N ALA F 29 16.27 -27.72 32.42
CA ALA F 29 16.42 -29.17 32.50
C ALA F 29 15.86 -29.65 33.85
N GLY F 30 14.95 -30.62 33.80
CA GLY F 30 14.28 -31.15 34.96
C GLY F 30 14.92 -32.39 35.55
N SER F 31 15.37 -33.32 34.68
CA SER F 31 15.94 -34.59 35.12
C SER F 31 17.45 -34.51 35.31
N GLU F 32 18.02 -35.46 36.10
CA GLU F 32 19.45 -35.55 36.35
C GLU F 32 20.22 -35.70 35.01
N LYS F 33 19.72 -36.56 34.10
CA LYS F 33 20.27 -36.80 32.76
C LYS F 33 20.35 -35.49 31.96
N LEU F 34 19.22 -34.76 31.84
CA LEU F 34 19.16 -33.53 31.08
C LEU F 34 19.96 -32.38 31.74
N ILE F 35 20.05 -32.37 33.10
CA ILE F 35 20.84 -31.37 33.84
C ILE F 35 22.32 -31.58 33.50
N GLY F 36 22.77 -32.84 33.58
CA GLY F 36 24.15 -33.22 33.26
C GLY F 36 24.57 -32.80 31.88
N LYS F 37 23.76 -33.18 30.87
CA LYS F 37 23.98 -32.89 29.45
C LYS F 37 24.01 -31.38 29.20
N ALA F 38 23.15 -30.60 29.92
CA ALA F 38 23.11 -29.14 29.83
C ALA F 38 24.41 -28.51 30.37
N MSE F 39 24.95 -29.02 31.51
CA MSE F 39 26.20 -28.53 32.13
C MSE F 39 27.41 -28.79 31.23
O MSE F 39 28.30 -27.94 31.17
CB MSE F 39 26.43 -29.15 33.50
CG MSE F 39 25.41 -28.66 34.50
SE MSE F 39 25.70 -29.28 36.30
CE MSE F 39 25.38 -31.11 36.06
N ASP F 40 27.42 -29.95 30.53
CA ASP F 40 28.48 -30.32 29.59
C ASP F 40 28.42 -29.46 28.33
N LEU F 41 27.20 -29.04 27.95
CA LEU F 41 26.97 -28.15 26.82
C LEU F 41 27.53 -26.74 27.11
N GLN F 42 27.63 -26.38 28.41
CA GLN F 42 28.21 -25.11 28.86
C GLN F 42 29.72 -25.13 28.71
N VAL F 43 30.35 -26.29 28.83
CA VAL F 43 31.80 -26.41 28.64
C VAL F 43 32.12 -26.19 27.16
N GLU F 44 31.34 -26.87 26.30
CA GLU F 44 31.39 -26.88 24.84
C GLU F 44 31.28 -25.44 24.25
N TYR F 45 30.13 -24.77 24.51
CA TYR F 45 29.79 -23.44 24.01
C TYR F 45 30.42 -22.27 24.79
N GLY F 46 30.82 -22.51 26.03
CA GLY F 46 31.25 -21.45 26.92
C GLY F 46 30.03 -21.05 27.73
N PRO F 47 30.14 -20.33 28.88
CA PRO F 47 28.93 -20.01 29.67
C PRO F 47 28.04 -18.93 28.99
N VAL F 48 27.71 -19.17 27.70
CA VAL F 48 26.86 -18.30 26.87
C VAL F 48 25.40 -18.45 27.29
N PHE F 49 25.11 -19.49 28.10
CA PHE F 49 23.78 -19.77 28.63
C PHE F 49 23.89 -20.28 30.03
N ASP F 50 22.88 -20.00 30.85
CA ASP F 50 22.74 -20.47 32.23
C ASP F 50 21.89 -21.73 32.21
N VAL F 51 22.01 -22.55 33.25
CA VAL F 51 21.22 -23.75 33.36
C VAL F 51 20.31 -23.64 34.56
N THR F 52 19.00 -23.81 34.36
CA THR F 52 18.07 -23.83 35.47
C THR F 52 17.63 -25.26 35.69
N CYS F 53 17.97 -25.79 36.88
CA CYS F 53 17.57 -27.11 37.32
C CYS F 53 16.16 -26.97 37.83
N ASP F 54 15.23 -27.57 37.09
CA ASP F 54 13.81 -27.45 37.36
C ASP F 54 13.33 -28.38 38.43
N CYS F 55 12.75 -27.82 39.50
CA CYS F 55 12.12 -28.57 40.59
C CYS F 55 10.63 -28.54 40.38
N GLU F 56 10.07 -27.37 39.99
CA GLU F 56 8.64 -27.16 39.76
C GLU F 56 8.05 -28.23 38.80
N ASP F 57 8.56 -28.31 37.55
CA ASP F 57 8.07 -29.26 36.55
C ASP F 57 8.73 -30.64 36.68
N GLY F 58 10.04 -30.65 36.94
CA GLY F 58 10.86 -31.85 37.08
C GLY F 58 10.43 -32.85 38.14
N ALA F 59 10.23 -32.37 39.42
CA ALA F 59 9.88 -33.21 40.59
C ALA F 59 8.53 -33.90 40.43
N ALA F 60 8.50 -35.21 40.76
CA ALA F 60 7.32 -36.08 40.70
C ALA F 60 6.44 -35.90 41.95
N ALA F 61 5.21 -36.48 41.91
CA ALA F 61 4.12 -36.50 42.91
C ALA F 61 4.58 -36.27 44.37
N GLY F 62 5.46 -37.14 44.86
CA GLY F 62 5.99 -37.07 46.22
C GLY F 62 7.50 -37.26 46.29
N GLN F 63 8.20 -36.90 45.21
CA GLN F 63 9.64 -37.03 45.06
C GLN F 63 10.36 -35.67 45.22
N GLU F 64 9.67 -34.62 45.74
CA GLU F 64 10.20 -33.25 45.92
C GLU F 64 11.50 -33.20 46.70
N ARG F 65 11.58 -33.93 47.83
CA ARG F 65 12.74 -34.03 48.71
C ARG F 65 13.94 -34.64 47.94
N GLU F 66 13.69 -35.77 47.28
CA GLU F 66 14.64 -36.55 46.51
C GLU F 66 15.16 -35.77 45.28
N HIS F 67 14.25 -35.08 44.57
CA HIS F 67 14.56 -34.29 43.37
C HIS F 67 15.42 -33.07 43.71
N ALA F 68 15.09 -32.36 44.80
CA ALA F 68 15.83 -31.19 45.31
C ALA F 68 17.24 -31.59 45.77
N GLU F 69 17.38 -32.81 46.32
CA GLU F 69 18.66 -33.38 46.77
C GLU F 69 19.54 -33.67 45.57
N MSE F 70 18.92 -34.16 44.47
CA MSE F 70 19.57 -34.47 43.19
C MSE F 70 20.05 -33.18 42.56
O MSE F 70 21.20 -33.13 42.10
CB MSE F 70 18.57 -35.23 42.29
CG MSE F 70 19.09 -35.59 40.90
SE MSE F 70 18.97 -34.10 39.64
CE MSE F 70 17.05 -33.80 39.66
N VAL F 71 19.19 -32.09 42.58
CA VAL F 71 19.49 -30.75 42.03
C VAL F 71 20.68 -30.12 42.79
N ALA F 72 20.62 -30.08 44.15
CA ALA F 72 21.69 -29.57 45.00
C ALA F 72 23.01 -30.30 44.71
N ARG F 73 22.96 -31.65 44.60
CA ARG F 73 24.12 -32.48 44.31
C ARG F 73 24.71 -32.14 42.93
N MSE F 74 23.84 -31.99 41.90
CA MSE F 74 24.29 -31.65 40.52
C MSE F 74 24.99 -30.28 40.51
O MSE F 74 26.09 -30.15 39.94
CB MSE F 74 23.09 -31.65 39.53
CG MSE F 74 22.60 -33.05 39.13
SE MSE F 74 24.03 -34.28 38.55
CE MSE F 74 23.81 -34.17 36.68
N ILE F 75 24.38 -29.26 41.17
CA ILE F 75 24.90 -27.90 41.23
C ILE F 75 26.26 -27.86 42.00
N ALA F 76 26.39 -28.65 43.08
CA ALA F 76 27.59 -28.72 43.89
C ALA F 76 28.73 -29.49 43.20
N SER F 77 28.38 -30.43 42.31
CA SER F 77 29.32 -31.33 41.62
C SER F 77 30.32 -30.62 40.70
N ASP F 78 31.41 -31.35 40.39
CA ASP F 78 32.50 -30.95 39.50
C ASP F 78 31.99 -30.78 38.08
N ARG F 79 30.87 -31.48 37.74
CA ARG F 79 30.17 -31.44 36.46
C ARG F 79 29.72 -30.02 36.16
N ASN F 80 29.35 -29.25 37.21
CA ASN F 80 28.97 -27.84 37.12
C ASN F 80 30.28 -27.05 37.11
N VAL F 81 30.85 -26.89 35.92
CA VAL F 81 32.16 -26.27 35.71
C VAL F 81 32.10 -24.75 35.82
N HIS F 82 31.14 -24.12 35.14
CA HIS F 82 31.08 -22.66 35.08
C HIS F 82 30.33 -21.98 36.25
N GLY F 83 29.67 -22.76 37.11
CA GLY F 83 28.94 -22.21 38.25
C GLY F 83 27.79 -21.32 37.84
N ARG F 84 27.25 -21.61 36.64
CA ARG F 84 26.14 -20.92 36.01
C ARG F 84 24.93 -21.89 35.93
N ALA F 85 24.61 -22.45 37.10
CA ALA F 85 23.48 -23.37 37.31
C ALA F 85 22.65 -22.89 38.49
N GLY F 86 21.41 -22.52 38.18
CA GLY F 86 20.44 -22.10 39.18
C GLY F 86 19.37 -23.15 39.31
N ALA F 87 18.36 -22.85 40.12
CA ALA F 87 17.27 -23.79 40.32
C ALA F 87 15.91 -23.09 40.37
N ARG F 88 14.89 -23.66 39.70
CA ARG F 88 13.51 -23.20 39.83
C ARG F 88 12.88 -24.00 40.93
N ILE F 89 12.46 -23.35 42.00
CA ILE F 89 11.81 -24.02 43.13
C ILE F 89 10.29 -24.10 42.84
N HIS F 90 9.52 -24.74 43.73
CA HIS F 90 8.07 -24.80 43.59
C HIS F 90 7.47 -23.41 43.91
N ASP F 91 6.22 -23.15 43.47
CA ASP F 91 5.58 -21.85 43.64
C ASP F 91 5.27 -21.57 45.15
N PRO F 92 5.06 -20.28 45.52
CA PRO F 92 4.85 -19.94 46.94
C PRO F 92 3.64 -20.59 47.63
N SER F 93 2.73 -21.19 46.84
CA SER F 93 1.54 -21.83 47.40
C SER F 93 1.76 -23.34 47.54
N HIS F 94 2.85 -23.86 46.96
CA HIS F 94 3.19 -25.28 47.05
C HIS F 94 3.82 -25.58 48.43
N PRO F 95 3.47 -26.70 49.10
CA PRO F 95 4.07 -26.97 50.43
C PRO F 95 5.56 -27.32 50.42
N ALA F 96 6.18 -27.56 49.24
CA ALA F 96 7.59 -27.95 49.19
C ALA F 96 8.57 -26.79 48.84
N TRP F 97 8.09 -25.56 48.60
CA TRP F 97 9.00 -24.47 48.20
C TRP F 97 10.07 -24.18 49.26
N ARG F 98 9.68 -24.17 50.55
CA ARG F 98 10.59 -23.92 51.66
C ARG F 98 11.66 -24.99 51.71
N GLN F 99 11.25 -26.27 51.60
CA GLN F 99 12.09 -27.47 51.58
C GLN F 99 13.08 -27.42 50.41
N ASP F 100 12.62 -26.98 49.22
CA ASP F 100 13.48 -26.80 48.04
C ASP F 100 14.59 -25.83 48.35
N VAL F 101 14.26 -24.71 49.00
CA VAL F 101 15.21 -23.66 49.37
C VAL F 101 16.19 -24.22 50.38
N ASP F 102 15.68 -24.87 51.45
CA ASP F 102 16.53 -25.51 52.47
C ASP F 102 17.56 -26.44 51.84
N ILE F 103 17.11 -27.41 51.04
CA ILE F 103 17.96 -28.43 50.44
C ILE F 103 18.96 -27.84 49.45
N ILE F 104 18.48 -26.99 48.52
CA ILE F 104 19.33 -26.44 47.46
C ILE F 104 20.32 -25.40 48.03
N VAL F 105 19.89 -24.45 48.88
CA VAL F 105 20.83 -23.45 49.42
C VAL F 105 21.89 -24.13 50.31
N ASN F 106 21.47 -25.00 51.24
CA ASN F 106 22.41 -25.65 52.14
C ASN F 106 23.33 -26.67 51.42
N GLY F 107 22.81 -27.36 50.41
CA GLY F 107 23.56 -28.39 49.69
C GLY F 107 24.15 -28.06 48.33
N ALA F 108 24.15 -26.78 47.90
CA ALA F 108 24.69 -26.39 46.59
C ALA F 108 26.22 -26.27 46.58
N GLY F 109 26.82 -26.25 47.76
CA GLY F 109 28.26 -26.06 47.94
C GLY F 109 28.72 -24.64 47.63
N GLY F 110 27.79 -23.68 47.72
CA GLY F 110 27.99 -22.25 47.45
C GLY F 110 28.15 -21.91 45.99
N ARG F 111 27.84 -22.85 45.09
CA ARG F 111 27.94 -22.68 43.63
C ARG F 111 26.60 -22.22 43.01
N LEU F 112 25.49 -22.21 43.79
CA LEU F 112 24.15 -21.82 43.33
C LEU F 112 24.16 -20.41 42.73
N ALA F 113 23.84 -20.32 41.43
CA ALA F 113 23.88 -19.07 40.68
C ALA F 113 22.67 -18.18 40.98
N TYR F 114 21.47 -18.79 41.17
CA TYR F 114 20.22 -18.09 41.42
C TYR F 114 19.10 -19.05 41.76
N ILE F 115 17.98 -18.50 42.23
CA ILE F 115 16.75 -19.24 42.51
C ILE F 115 15.65 -18.59 41.70
N THR F 116 14.94 -19.41 40.92
CA THR F 116 13.83 -18.95 40.10
C THR F 116 12.57 -19.27 40.89
N VAL F 117 11.77 -18.22 41.16
CA VAL F 117 10.52 -18.30 41.91
C VAL F 117 9.35 -18.20 40.93
N PRO F 118 8.56 -19.27 40.78
CA PRO F 118 7.47 -19.24 39.81
C PRO F 118 6.08 -18.96 40.40
N LYS F 119 5.11 -18.63 39.53
CA LYS F 119 3.68 -18.50 39.81
C LYS F 119 3.30 -17.69 41.07
N ALA F 120 4.10 -16.68 41.47
CA ALA F 120 3.67 -15.85 42.60
C ALA F 120 2.46 -15.03 42.15
N THR F 121 1.48 -14.87 43.02
CA THR F 121 0.22 -14.18 42.67
C THR F 121 0.19 -12.77 43.23
N ASN F 122 1.22 -12.40 43.99
CA ASN F 122 1.31 -11.04 44.53
C ASN F 122 2.71 -10.77 45.07
N SER F 123 2.93 -9.49 45.33
CA SER F 123 4.17 -8.93 45.83
C SER F 123 4.55 -9.59 47.19
N GLY F 124 3.56 -9.84 48.03
CA GLY F 124 3.75 -10.41 49.36
C GLY F 124 4.39 -11.78 49.38
N GLN F 125 3.91 -12.65 48.47
CA GLN F 125 4.42 -14.01 48.28
C GLN F 125 5.91 -13.94 47.90
N VAL F 126 6.27 -13.08 46.94
CA VAL F 126 7.64 -12.92 46.42
C VAL F 126 8.54 -12.44 47.55
N ALA F 127 8.11 -11.42 48.28
CA ALA F 127 8.83 -10.87 49.43
C ALA F 127 9.12 -11.92 50.46
N GLU F 128 8.13 -12.79 50.75
CA GLU F 128 8.21 -13.87 51.74
C GLU F 128 9.27 -14.92 51.32
N VAL F 129 9.28 -15.27 50.04
CA VAL F 129 10.20 -16.24 49.44
C VAL F 129 11.62 -15.66 49.45
N ILE F 130 11.80 -14.37 49.10
CA ILE F 130 13.13 -13.73 49.09
C ILE F 130 13.68 -13.66 50.52
N ARG F 131 12.81 -13.28 51.45
CA ARG F 131 13.16 -13.17 52.87
C ARG F 131 13.61 -14.52 53.40
N TYR F 132 12.89 -15.59 52.98
CA TYR F 132 13.21 -16.95 53.42
C TYR F 132 14.55 -17.42 52.83
N ILE F 133 14.80 -17.16 51.53
CA ILE F 133 16.04 -17.51 50.84
C ILE F 133 17.20 -16.82 51.57
N GLY F 134 17.03 -15.54 51.90
CA GLY F 134 18.02 -14.75 52.62
C GLY F 134 18.35 -15.32 53.99
N ASP F 135 17.31 -15.76 54.75
CA ASP F 135 17.47 -16.36 56.08
C ASP F 135 18.26 -17.66 56.00
N VAL F 136 17.93 -18.53 55.02
CA VAL F 136 18.58 -19.83 54.80
C VAL F 136 20.03 -19.59 54.32
N ALA F 137 20.25 -18.63 53.40
CA ALA F 137 21.57 -18.30 52.89
C ALA F 137 22.48 -17.79 54.03
N LYS F 138 21.93 -16.93 54.94
CA LYS F 138 22.67 -16.41 56.08
C LYS F 138 23.05 -17.55 57.05
N ARG F 139 22.10 -18.44 57.40
CA ARG F 139 22.34 -19.59 58.29
C ARG F 139 23.31 -20.60 57.70
N ALA F 140 23.40 -20.66 56.35
CA ALA F 140 24.31 -21.56 55.63
C ALA F 140 25.74 -20.95 55.55
N GLY F 141 25.89 -19.72 56.04
CA GLY F 141 27.16 -19.00 56.06
C GLY F 141 27.60 -18.45 54.72
N LEU F 142 26.62 -18.15 53.84
CA LEU F 142 26.87 -17.57 52.52
C LEU F 142 27.20 -16.09 52.67
N ASP F 143 28.29 -15.64 52.02
CA ASP F 143 28.76 -14.26 52.05
C ASP F 143 27.84 -13.35 51.20
N LYS F 144 27.69 -13.66 49.92
CA LYS F 144 26.85 -12.88 49.00
C LYS F 144 25.42 -13.44 49.02
N PRO F 145 24.37 -12.58 48.84
CA PRO F 145 23.00 -13.12 48.80
C PRO F 145 22.75 -13.92 47.52
N VAL F 146 21.81 -14.87 47.58
CA VAL F 146 21.47 -15.69 46.42
C VAL F 146 20.60 -14.83 45.48
N PRO F 147 21.06 -14.56 44.22
CA PRO F 147 20.22 -13.76 43.31
C PRO F 147 18.91 -14.46 43.00
N VAL F 148 17.84 -13.72 42.82
CA VAL F 148 16.52 -14.27 42.59
C VAL F 148 16.00 -13.85 41.20
N HIS F 149 15.33 -14.79 40.53
CA HIS F 149 14.63 -14.65 39.26
C HIS F 149 13.17 -14.83 39.58
N VAL F 150 12.35 -13.81 39.28
CA VAL F 150 10.93 -13.88 39.61
C VAL F 150 10.09 -13.99 38.35
N LEU F 151 9.21 -14.98 38.32
CA LEU F 151 8.29 -15.14 37.20
C LEU F 151 7.15 -14.18 37.35
N ILE F 152 6.83 -13.51 36.25
CA ILE F 152 5.66 -12.64 36.17
C ILE F 152 4.72 -13.38 35.20
N GLU F 153 3.76 -14.15 35.74
CA GLU F 153 2.90 -15.02 34.92
C GLU F 153 1.50 -15.14 35.46
N THR F 154 1.11 -14.21 36.34
CA THR F 154 -0.22 -14.19 36.95
C THR F 154 -0.74 -12.78 36.88
N HIS F 155 -2.04 -12.62 37.07
CA HIS F 155 -2.69 -11.31 37.10
C HIS F 155 -2.12 -10.47 38.22
N GLY F 156 -2.03 -11.07 39.41
CA GLY F 156 -1.51 -10.40 40.60
C GLY F 156 -0.06 -10.00 40.49
N ALA F 157 0.79 -10.88 39.95
CA ALA F 157 2.21 -10.55 39.80
C ALA F 157 2.40 -9.45 38.74
N LEU F 158 1.56 -9.41 37.69
CA LEU F 158 1.65 -8.34 36.70
C LEU F 158 1.15 -7.05 37.31
N ARG F 159 0.01 -7.08 37.99
CA ARG F 159 -0.53 -5.90 38.68
C ARG F 159 0.52 -5.33 39.65
N ASP F 160 1.23 -6.21 40.39
CA ASP F 160 2.27 -5.83 41.38
C ASP F 160 3.69 -5.82 40.84
N VAL F 161 3.88 -5.83 39.51
CA VAL F 161 5.22 -5.95 38.91
C VAL F 161 6.21 -4.85 39.40
N PHE F 162 5.75 -3.59 39.57
CA PHE F 162 6.65 -2.50 40.01
C PHE F 162 7.02 -2.66 41.47
N GLN F 163 6.12 -3.24 42.28
CA GLN F 163 6.37 -3.50 43.69
C GLN F 163 7.33 -4.70 43.82
N ILE F 164 7.11 -5.75 43.00
CA ILE F 164 7.97 -6.93 42.96
C ILE F 164 9.40 -6.49 42.54
N ALA F 165 9.53 -5.65 41.50
CA ALA F 165 10.82 -5.21 40.97
C ALA F 165 11.64 -4.41 42.00
N GLU F 166 11.00 -3.91 43.07
CA GLU F 166 11.68 -3.14 44.11
C GLU F 166 12.18 -4.02 45.25
N LEU F 167 11.81 -5.32 45.24
CA LEU F 167 12.23 -6.29 46.27
C LEU F 167 13.72 -6.62 46.16
N PRO F 168 14.39 -6.96 47.28
CA PRO F 168 15.85 -7.18 47.21
C PRO F 168 16.30 -8.45 46.51
N ASN F 169 17.50 -8.39 45.92
CA ASN F 169 18.25 -9.48 45.30
C ASN F 169 17.60 -10.05 44.05
N ILE F 170 16.69 -9.31 43.42
CA ILE F 170 16.12 -9.76 42.16
C ILE F 170 17.08 -9.28 41.06
N GLU F 171 17.48 -10.19 40.17
CA GLU F 171 18.35 -9.83 39.05
C GLU F 171 17.63 -10.12 37.73
N VAL F 172 16.56 -10.95 37.75
CA VAL F 172 15.77 -11.25 36.55
C VAL F 172 14.25 -11.24 36.86
N LEU F 173 13.47 -10.71 35.93
CA LEU F 173 12.02 -10.82 35.87
C LEU F 173 11.75 -11.66 34.64
N ASP F 174 11.10 -12.82 34.83
CA ASP F 174 10.83 -13.75 33.74
C ASP F 174 9.41 -13.64 33.30
N PHE F 175 9.17 -13.49 32.00
CA PHE F 175 7.80 -13.45 31.49
C PHE F 175 7.28 -14.89 31.23
N GLY F 176 6.23 -15.28 31.95
CA GLY F 176 5.61 -16.59 31.80
C GLY F 176 4.35 -16.46 30.99
N LEU F 177 4.49 -16.55 29.65
CA LEU F 177 3.40 -16.39 28.69
C LEU F 177 2.27 -17.40 28.89
N MSE F 178 2.59 -18.69 28.89
CA MSE F 178 1.63 -19.77 29.00
C MSE F 178 0.74 -19.66 30.25
O MSE F 178 -0.48 -19.71 30.09
CB MSE F 178 2.33 -21.12 28.97
CG MSE F 178 1.39 -22.23 28.55
SE MSE F 178 2.09 -24.02 28.99
CE MSE F 178 1.82 -23.99 31.00
N ASP F 179 1.31 -19.52 31.45
CA ASP F 179 0.53 -19.43 32.68
C ASP F 179 -0.26 -18.13 32.75
N PHE F 180 0.30 -17.06 32.18
CA PHE F 180 -0.34 -15.77 32.13
C PHE F 180 -1.61 -15.85 31.26
N VAL F 181 -1.52 -16.46 30.06
CA VAL F 181 -2.65 -16.61 29.14
C VAL F 181 -3.72 -17.52 29.74
N SER F 182 -3.32 -18.60 30.44
CA SER F 182 -4.23 -19.60 31.01
C SER F 182 -5.23 -18.96 32.01
N GLY F 183 -4.83 -17.91 32.68
CA GLY F 183 -5.72 -17.21 33.61
C GLY F 183 -6.66 -16.22 32.96
N HIS F 184 -6.79 -16.21 31.62
CA HIS F 184 -7.64 -15.19 30.97
C HIS F 184 -9.03 -15.69 30.52
N HIS F 185 -9.53 -16.78 31.13
CA HIS F 185 -10.88 -17.32 30.91
C HIS F 185 -11.27 -17.38 29.42
N GLY F 186 -10.29 -17.81 28.61
CA GLY F 186 -10.43 -17.93 27.17
C GLY F 186 -10.48 -16.64 26.38
N ALA F 187 -10.15 -15.47 27.03
CA ALA F 187 -10.20 -14.19 26.31
C ALA F 187 -9.02 -14.02 25.41
N ILE F 188 -7.90 -14.67 25.73
CA ILE F 188 -6.68 -14.65 24.91
C ILE F 188 -6.68 -15.96 24.15
N PRO F 189 -6.84 -15.93 22.80
CA PRO F 189 -6.89 -17.21 22.05
C PRO F 189 -5.54 -17.92 22.05
N ALA F 190 -5.55 -19.24 21.76
CA ALA F 190 -4.35 -20.10 21.74
C ALA F 190 -3.33 -19.61 20.70
N ALA F 191 -3.81 -19.07 19.56
CA ALA F 191 -2.99 -18.52 18.48
C ALA F 191 -2.07 -17.38 18.97
N ALA F 192 -2.44 -16.72 20.10
CA ALA F 192 -1.71 -15.60 20.69
C ALA F 192 -0.63 -16.11 21.68
N MSE F 193 -0.59 -17.42 21.90
CA MSE F 193 0.43 -18.01 22.72
C MSE F 193 1.66 -18.38 21.91
O MSE F 193 2.65 -18.89 22.44
CB MSE F 193 -0.12 -19.21 23.43
CG MSE F 193 -0.48 -18.87 24.81
SE MSE F 193 -0.41 -20.45 25.84
CE MSE F 193 -2.16 -21.23 25.12
N ARG F 194 1.61 -18.09 20.63
CA ARG F 194 2.71 -18.30 19.71
C ARG F 194 2.88 -16.99 18.92
N SER F 195 3.95 -16.92 18.14
CA SER F 195 4.22 -15.76 17.30
C SER F 195 3.35 -15.81 16.03
N PRO F 196 2.83 -14.67 15.53
CA PRO F 196 3.10 -13.29 15.94
C PRO F 196 2.18 -12.72 17.03
N GLY F 197 1.13 -13.44 17.40
CA GLY F 197 0.16 -13.03 18.43
C GLY F 197 0.77 -12.64 19.77
N GLN F 198 1.83 -13.36 20.18
CA GLN F 198 2.50 -13.13 21.45
C GLN F 198 3.23 -11.76 21.48
N PHE F 199 3.34 -11.07 20.34
CA PHE F 199 3.97 -9.76 20.28
C PHE F 199 2.99 -8.69 19.82
N GLU F 200 1.72 -9.09 19.58
CA GLU F 200 0.72 -8.21 18.99
C GLU F 200 -0.59 -8.08 19.76
N HIS F 201 -1.00 -9.12 20.49
CA HIS F 201 -2.23 -9.05 21.29
C HIS F 201 -2.06 -7.94 22.36
N ALA F 202 -3.03 -7.01 22.41
CA ALA F 202 -3.03 -5.85 23.31
C ALA F 202 -2.72 -6.21 24.77
N LEU F 203 -3.23 -7.33 25.27
CA LEU F 203 -2.98 -7.77 26.66
C LEU F 203 -1.57 -8.28 26.83
N LEU F 204 -1.01 -8.89 25.80
CA LEU F 204 0.35 -9.46 25.86
C LEU F 204 1.40 -8.37 25.65
N VAL F 205 1.11 -7.40 24.78
CA VAL F 205 1.98 -6.23 24.54
C VAL F 205 2.07 -5.47 25.86
N ARG F 206 0.91 -5.22 26.48
CA ARG F 206 0.76 -4.52 27.76
C ARG F 206 1.53 -5.24 28.87
N ALA F 207 1.33 -6.56 29.02
CA ALA F 207 1.99 -7.37 30.05
C ALA F 207 3.51 -7.37 29.86
N LYS F 208 3.98 -7.67 28.63
CA LYS F 208 5.42 -7.70 28.32
C LYS F 208 6.07 -6.33 28.53
N ALA F 209 5.47 -5.25 28.01
CA ALA F 209 5.98 -3.89 28.14
C ALA F 209 6.00 -3.47 29.61
N ASP F 210 4.95 -3.79 30.41
CA ASP F 210 4.96 -3.46 31.85
C ASP F 210 6.09 -4.15 32.59
N MSE F 211 6.27 -5.45 32.35
CA MSE F 211 7.31 -6.20 33.03
C MSE F 211 8.69 -5.68 32.68
O MSE F 211 9.48 -5.50 33.59
CB MSE F 211 7.23 -7.69 32.72
CG MSE F 211 7.95 -8.50 33.77
SE MSE F 211 8.62 -10.13 33.06
CE MSE F 211 10.09 -9.49 32.04
N VAL F 212 8.98 -5.42 31.38
CA VAL F 212 10.27 -4.90 30.92
C VAL F 212 10.52 -3.51 31.53
N ALA F 213 9.49 -2.64 31.53
CA ALA F 213 9.57 -1.31 32.12
C ALA F 213 9.91 -1.37 33.61
N ALA F 214 9.28 -2.30 34.36
CA ALA F 214 9.51 -2.50 35.80
C ALA F 214 10.90 -3.03 36.07
N ALA F 215 11.37 -3.99 35.24
CA ALA F 215 12.68 -4.60 35.38
C ALA F 215 13.79 -3.58 35.12
N LEU F 216 13.74 -2.90 33.94
CA LEU F 216 14.73 -1.90 33.57
C LEU F 216 14.72 -0.69 34.50
N ALA F 217 13.55 -0.33 35.06
CA ALA F 217 13.46 0.78 36.03
C ALA F 217 14.18 0.47 37.33
N ASN F 218 14.42 -0.83 37.60
CA ASN F 218 15.02 -1.26 38.85
C ASN F 218 16.34 -2.04 38.67
N GLY F 219 17.02 -1.83 37.54
CA GLY F 219 18.29 -2.49 37.25
C GLY F 219 18.19 -4.01 37.22
N ILE F 220 17.06 -4.52 36.71
CA ILE F 220 16.80 -5.95 36.62
C ILE F 220 16.73 -6.34 35.13
N VAL F 221 17.27 -7.50 34.80
CA VAL F 221 17.25 -8.03 33.43
C VAL F 221 15.82 -8.59 33.12
N PRO F 222 15.15 -8.11 32.05
CA PRO F 222 13.87 -8.71 31.68
C PRO F 222 14.11 -9.92 30.76
N ALA F 223 13.55 -11.09 31.12
CA ALA F 223 13.72 -12.32 30.35
C ALA F 223 12.43 -12.76 29.72
N HIS F 224 12.55 -13.28 28.48
CA HIS F 224 11.43 -13.67 27.64
C HIS F 224 11.16 -15.17 27.75
N ASN F 225 9.91 -15.52 27.52
CA ASN F 225 9.41 -16.89 27.48
C ASN F 225 10.03 -17.66 26.28
N VAL F 226 9.97 -18.98 26.36
CA VAL F 226 10.50 -19.90 25.37
C VAL F 226 9.83 -19.75 24.01
N CYS F 227 10.48 -20.27 22.99
CA CYS F 227 9.89 -20.43 21.69
C CYS F 227 9.35 -21.85 21.69
N LEU F 228 8.11 -22.05 21.25
CA LEU F 228 7.53 -23.39 21.24
C LEU F 228 8.06 -24.26 20.06
N ASN F 229 8.73 -23.63 19.08
CA ASN F 229 9.41 -24.32 18.00
C ASN F 229 10.77 -24.74 18.55
N LEU F 230 10.99 -26.04 18.67
CA LEU F 230 12.18 -26.59 19.32
C LEU F 230 13.44 -26.67 18.45
N LYS F 231 13.29 -26.84 17.12
CA LYS F 231 14.48 -27.05 16.28
C LYS F 231 14.66 -26.06 15.10
N ASP F 232 13.61 -25.32 14.65
CA ASP F 232 13.76 -24.37 13.53
C ASP F 232 14.46 -23.09 14.02
N ALA F 233 15.77 -22.97 13.71
CA ALA F 233 16.64 -21.87 14.15
C ALA F 233 16.11 -20.48 13.76
N GLU F 234 15.61 -20.31 12.50
CA GLU F 234 15.11 -19.01 12.01
C GLU F 234 13.84 -18.58 12.77
N VAL F 235 13.03 -19.54 13.28
CA VAL F 235 11.79 -19.29 14.05
C VAL F 235 12.14 -18.85 15.48
N ILE F 236 13.15 -19.54 16.10
CA ILE F 236 13.66 -19.26 17.45
C ILE F 236 14.32 -17.86 17.44
N ALA F 237 15.21 -17.60 16.47
CA ALA F 237 15.92 -16.34 16.27
C ALA F 237 14.93 -15.18 16.12
N SER F 238 13.86 -15.39 15.34
CA SER F 238 12.82 -14.40 15.08
C SER F 238 12.13 -13.98 16.37
N ASP F 239 11.80 -14.94 17.25
CA ASP F 239 11.17 -14.66 18.55
C ASP F 239 12.12 -13.85 19.43
N ALA F 240 13.41 -14.27 19.50
CA ALA F 240 14.45 -13.60 20.28
C ALA F 240 14.68 -12.18 19.76
N CYS F 241 14.66 -11.96 18.43
CA CYS F 241 14.84 -10.63 17.83
C CYS F 241 13.65 -9.71 18.13
N ARG F 242 12.40 -10.20 17.95
CA ARG F 242 11.20 -9.41 18.25
C ARG F 242 11.18 -9.02 19.73
N ALA F 243 11.46 -10.00 20.62
CA ALA F 243 11.52 -9.74 22.06
C ALA F 243 12.61 -8.69 22.37
N ARG F 244 13.81 -8.84 21.76
CA ARG F 244 14.95 -7.93 21.95
C ARG F 244 14.68 -6.49 21.42
N ASN F 245 14.29 -6.39 20.13
CA ASN F 245 14.15 -5.12 19.45
C ASN F 245 12.80 -4.42 19.53
N GLU F 246 11.72 -5.14 19.87
CA GLU F 246 10.41 -4.47 19.95
C GLU F 246 9.98 -4.25 21.41
N PHE F 247 10.50 -5.06 22.35
CA PHE F 247 10.06 -5.02 23.74
C PHE F 247 11.15 -4.74 24.78
N GLY F 248 12.41 -4.93 24.45
CA GLY F 248 13.47 -4.63 25.41
C GLY F 248 13.92 -5.79 26.28
N PHE F 249 13.64 -7.03 25.87
CA PHE F 249 14.10 -8.22 26.59
C PHE F 249 15.58 -8.42 26.31
N LEU F 250 16.32 -8.85 27.33
CA LEU F 250 17.78 -8.99 27.25
C LEU F 250 18.22 -10.45 27.49
N ARG F 251 17.23 -11.32 27.67
CA ARG F 251 17.41 -12.73 27.98
C ARG F 251 16.19 -13.47 27.51
N MSE F 252 16.36 -14.77 27.27
CA MSE F 252 15.26 -15.63 26.83
C MSE F 252 15.54 -17.07 27.24
O MSE F 252 16.69 -17.52 27.23
CB MSE F 252 15.06 -15.49 25.30
CG MSE F 252 13.94 -16.36 24.74
SE MSE F 252 13.55 -15.82 22.96
CE MSE F 252 12.94 -17.56 22.28
N TRP F 253 14.48 -17.76 27.68
CA TRP F 253 14.50 -19.14 28.11
C TRP F 253 14.65 -20.09 26.94
N SER F 254 15.23 -21.28 27.22
CA SER F 254 15.41 -22.36 26.27
C SER F 254 14.92 -23.66 26.90
N ILE F 255 14.24 -24.51 26.10
CA ILE F 255 13.76 -25.81 26.58
C ILE F 255 14.35 -26.94 25.76
N TYR F 256 15.06 -26.60 24.69
CA TYR F 256 15.70 -27.59 23.81
C TYR F 256 17.08 -27.05 23.40
N PRO F 257 18.15 -27.85 23.46
CA PRO F 257 19.51 -27.33 23.16
C PRO F 257 19.67 -26.59 21.83
N ALA F 258 18.88 -26.97 20.80
CA ALA F 258 18.94 -26.34 19.47
C ALA F 258 18.52 -24.85 19.52
N GLN F 259 17.84 -24.40 20.61
CA GLN F 259 17.37 -23.03 20.78
C GLN F 259 18.44 -22.08 21.31
N ILE F 260 19.49 -22.61 21.98
CA ILE F 260 20.54 -21.83 22.65
C ILE F 260 21.28 -20.87 21.70
N GLN F 261 22.01 -21.41 20.70
CA GLN F 261 22.77 -20.59 19.76
C GLN F 261 21.87 -19.54 19.04
N PRO F 262 20.66 -19.87 18.49
CA PRO F 262 19.82 -18.81 17.90
C PRO F 262 19.47 -17.70 18.89
N ILE F 263 19.22 -18.03 20.17
CA ILE F 263 18.87 -17.02 21.21
C ILE F 263 20.10 -16.15 21.49
N VAL F 264 21.27 -16.77 21.75
CA VAL F 264 22.52 -16.05 22.05
C VAL F 264 22.87 -15.10 20.89
N ASN F 265 22.89 -15.61 19.64
CA ASN F 265 23.23 -14.83 18.44
C ASN F 265 22.24 -13.66 18.19
N ALA F 266 20.93 -13.88 18.45
CA ALA F 266 19.93 -12.83 18.28
C ALA F 266 20.12 -11.69 19.30
N MSE F 267 20.64 -12.03 20.50
CA MSE F 267 20.86 -11.11 21.62
C MSE F 267 22.24 -10.45 21.61
O MSE F 267 22.49 -9.55 22.41
CB MSE F 267 20.68 -11.85 22.93
CG MSE F 267 19.27 -12.31 23.18
SE MSE F 267 18.13 -10.84 23.67
CE MSE F 267 16.36 -11.82 23.64
N ARG F 268 23.14 -10.92 20.76
CA ARG F 268 24.51 -10.40 20.67
C ARG F 268 24.59 -8.95 20.22
N PRO F 269 25.52 -8.14 20.80
CA PRO F 269 25.71 -6.77 20.26
C PRO F 269 26.39 -6.84 18.89
N ASP F 270 26.15 -5.83 18.04
CA ASP F 270 26.73 -5.74 16.70
C ASP F 270 28.28 -5.76 16.79
N PHE F 271 28.97 -6.45 15.86
CA PHE F 271 30.43 -6.55 15.84
C PHE F 271 31.12 -5.17 15.83
N THR F 272 30.59 -4.20 15.05
CA THR F 272 31.15 -2.85 14.95
C THR F 272 30.89 -2.07 16.25
N GLU F 273 29.75 -2.33 16.89
CA GLU F 273 29.34 -1.71 18.16
C GLU F 273 30.33 -2.06 19.29
N VAL F 274 30.77 -3.34 19.36
CA VAL F 274 31.72 -3.81 20.39
C VAL F 274 33.13 -3.28 20.08
N GLU F 275 33.49 -3.15 18.77
CA GLU F 275 34.77 -2.60 18.33
C GLU F 275 34.91 -1.16 18.83
N ASP F 276 33.82 -0.37 18.69
CA ASP F 276 33.74 1.03 19.14
C ASP F 276 33.74 1.12 20.66
N ALA F 277 32.97 0.24 21.34
CA ALA F 277 32.86 0.18 22.81
C ALA F 277 34.22 -0.03 23.48
N ALA F 278 35.10 -0.87 22.87
CA ALA F 278 36.45 -1.17 23.37
C ALA F 278 37.38 0.04 23.18
N GLY F 279 37.22 0.74 22.07
CA GLY F 279 37.99 1.94 21.74
C GLY F 279 37.72 3.08 22.69
N ILE F 280 36.43 3.36 22.95
CA ILE F 280 35.97 4.42 23.85
C ILE F 280 36.47 4.13 25.29
N THR F 303 27.52 7.57 29.89
CA THR F 303 27.92 7.18 28.54
C THR F 303 28.92 6.01 28.57
N TYR F 304 29.98 6.09 29.40
CA TYR F 304 31.00 5.03 29.54
C TYR F 304 30.40 3.75 30.16
N ARG F 305 29.40 3.91 31.05
CA ARG F 305 28.68 2.81 31.70
C ARG F 305 27.90 1.99 30.64
N TYR F 306 27.43 2.65 29.53
CA TYR F 306 26.74 2.00 28.42
C TYR F 306 27.73 1.14 27.64
N PHE F 307 28.84 1.72 27.18
CA PHE F 307 29.87 1.03 26.40
C PHE F 307 30.50 -0.10 27.22
N TRP F 308 30.55 0.04 28.56
CA TRP F 308 31.07 -1.00 29.45
C TRP F 308 30.11 -2.18 29.49
N GLU F 309 28.78 -1.89 29.46
CA GLU F 309 27.70 -2.89 29.43
C GLU F 309 27.78 -3.67 28.13
N VAL F 310 28.07 -2.98 26.98
CA VAL F 310 28.20 -3.56 25.64
C VAL F 310 29.40 -4.54 25.61
N LEU F 311 30.55 -4.14 26.17
CA LEU F 311 31.76 -4.97 26.21
C LEU F 311 31.52 -6.20 27.09
N GLN F 312 30.79 -6.03 28.21
CA GLN F 312 30.46 -7.11 29.13
C GLN F 312 29.43 -8.07 28.49
N LYS F 313 28.47 -7.52 27.71
CA LYS F 313 27.46 -8.29 26.95
C LYS F 313 28.16 -9.16 25.90
N ALA F 314 29.17 -8.58 25.20
CA ALA F 314 29.99 -9.27 24.19
C ALA F 314 30.71 -10.48 24.80
N LYS F 315 31.32 -10.34 25.99
CA LYS F 315 31.99 -11.44 26.69
C LYS F 315 30.96 -12.54 27.08
N VAL F 316 29.83 -12.15 27.73
CA VAL F 316 28.77 -13.06 28.18
C VAL F 316 28.09 -13.78 27.00
N THR F 317 28.07 -13.21 25.79
CA THR F 317 27.46 -13.84 24.60
C THR F 317 28.51 -14.55 23.72
N GLY F 318 29.68 -14.82 24.31
CA GLY F 318 30.77 -15.56 23.68
C GLY F 318 31.47 -14.92 22.50
N MSE F 319 31.30 -13.60 22.33
CA MSE F 319 31.95 -12.82 21.25
C MSE F 319 33.40 -12.53 21.64
O MSE F 319 33.79 -12.70 22.79
CB MSE F 319 31.19 -11.51 20.98
CG MSE F 319 29.85 -11.69 20.33
SE MSE F 319 28.90 -10.01 20.09
CE MSE F 319 29.93 -9.24 18.57
N ALA F 320 34.20 -12.10 20.65
CA ALA F 320 35.61 -11.77 20.86
C ALA F 320 35.73 -10.32 21.30
N VAL F 321 36.32 -10.10 22.50
CA VAL F 321 36.54 -8.76 23.05
C VAL F 321 37.92 -8.29 22.58
N PRO F 322 38.04 -7.08 21.98
CA PRO F 322 39.36 -6.61 21.51
C PRO F 322 40.37 -6.35 22.64
CL CL G . 1.14 -0.55 -8.47
CL CL H . 8.42 7.26 -35.98
CL CL I . -21.82 20.92 -8.80
CL CL J . 14.09 -30.25 -61.52
CL CL K . 1.75 -19.29 -38.58
CL CL L . 14.37 14.63 23.59
CL CL M . -23.96 -24.56 16.25
CL CL N . -19.60 4.82 23.86
CL CL O . 5.63 -19.65 28.85
#